data_4DPL
#
_entry.id   4DPL
#
_cell.length_a   94.580
_cell.length_b   128.800
_cell.length_c   140.370
_cell.angle_alpha   90.00
_cell.angle_beta   90.00
_cell.angle_gamma   90.00
#
_symmetry.space_group_name_H-M   'P 21 21 21'
#
loop_
_entity.id
_entity.type
_entity.pdbx_description
1 polymer 'Malonyl-CoA/succinyl-CoA reductase'
2 non-polymer 'NADP NICOTINAMIDE-ADENINE-DINUCLEOTIDE PHOSPHATE'
3 non-polymer 'UNKNOWN LIGAND'
4 water water
#
_entity_poly.entity_id   1
_entity_poly.type   'polypeptide(L)'
_entity_poly.pdbx_seq_one_letter_code
;MILMRRTLKAAILGATGLVGIEYVRMLSNHPYIKPAYLAGKGSVGKPYGEVVRWQTVGQVPKEIADMEIKPTDPKLMDDV
DIIFSPLPQGAAGPVEEQFAKEGFPVISNSPDHRFDPDVPLLVPELNPHTISLIDEQRKRREWKGFIVTTPLCTAQGAAI
PLGAIFKDYKMDGAFITTIQSLSGAGYPGIPSLDVVDNILPLGDGYDAKTIKEIFRILSEVKRNVDEPKLEDVSLAATTH
RIATIHGHYEVLYVSFKEETAAEKVKETLENFRGEPQDLKLPTAPSKPIIVMNEDTRPQVYFDRWAGDIPGMSVVVGRLK
QVNKRMIRLVSLIHNTVRGAAGGGILAAELLVEKGYIEK
;
_entity_poly.pdbx_strand_id   A,B,C,D
#
loop_
_chem_comp.id
_chem_comp.type
_chem_comp.name
_chem_comp.formula
NAP non-polymer 'NADP NICOTINAMIDE-ADENINE-DINUCLEOTIDE PHOSPHATE' 'C21 H28 N7 O17 P3'
UNL non-polymer 'UNKNOWN LIGAND' ?
#
# COMPACT_ATOMS: atom_id res chain seq x y z
N ARG A 6 38.15 0.61 28.32
CA ARG A 6 36.72 0.37 28.60
C ARG A 6 35.79 0.56 27.36
N THR A 7 35.44 1.81 27.03
CA THR A 7 34.45 2.11 25.97
C THR A 7 35.06 2.90 24.79
N LEU A 8 34.74 2.47 23.59
CA LEU A 8 35.14 3.15 22.38
C LEU A 8 34.06 4.16 22.01
N LYS A 9 34.49 5.35 21.58
CA LYS A 9 33.60 6.44 21.21
C LYS A 9 33.49 6.41 19.70
N ALA A 10 32.28 6.15 19.20
CA ALA A 10 32.04 6.12 17.78
C ALA A 10 31.38 7.39 17.26
N ALA A 11 31.76 7.77 16.05
CA ALA A 11 30.95 8.70 15.25
C ALA A 11 30.13 7.92 14.26
N ILE A 12 28.84 8.27 14.16
CA ILE A 12 27.95 7.77 13.11
C ILE A 12 27.78 8.89 12.06
N LEU A 13 28.37 8.69 10.88
CA LEU A 13 28.14 9.62 9.75
C LEU A 13 26.75 9.36 9.22
N GLY A 14 26.13 10.33 8.59
CA GLY A 14 24.78 10.14 8.07
C GLY A 14 23.83 9.66 9.15
N ALA A 15 23.98 10.20 10.37
CA ALA A 15 23.32 9.64 11.58
C ALA A 15 21.77 9.64 11.43
N THR A 16 21.22 10.61 10.73
CA THR A 16 19.75 10.65 10.57
C THR A 16 19.18 9.78 9.46
N GLY A 17 20.04 9.14 8.66
CA GLY A 17 19.57 8.34 7.51
C GLY A 17 19.04 6.96 7.92
N LEU A 18 18.53 6.20 7.00
CA LEU A 18 17.89 4.89 7.32
C LEU A 18 18.87 3.87 7.87
N VAL A 19 20.14 4.03 7.53
CA VAL A 19 21.18 3.18 8.11
C VAL A 19 21.63 3.79 9.45
N GLY A 20 21.88 5.10 9.45
CA GLY A 20 22.25 5.84 10.70
C GLY A 20 21.36 5.53 11.90
N ILE A 21 20.05 5.47 11.68
CA ILE A 21 19.17 5.28 12.82
C ILE A 21 19.38 3.89 13.45
N GLU A 22 19.80 2.89 12.61
CA GLU A 22 20.12 1.58 13.17
C GLU A 22 21.42 1.60 13.98
N TYR A 23 22.45 2.32 13.50
CA TYR A 23 23.61 2.51 14.35
C TYR A 23 23.23 3.15 15.68
N VAL A 24 22.35 4.17 15.61
CA VAL A 24 22.01 4.88 16.82
C VAL A 24 21.30 3.88 17.74
N ARG A 25 20.34 3.14 17.17
CA ARG A 25 19.51 2.27 17.96
C ARG A 25 20.38 1.20 18.62
N MET A 26 21.21 0.55 17.81
CA MET A 26 21.99 -0.60 18.31
C MET A 26 23.11 -0.20 19.20
N LEU A 27 23.78 0.91 18.89
CA LEU A 27 24.90 1.32 19.73
C LEU A 27 24.47 1.82 21.08
N SER A 28 23.21 2.29 21.18
CA SER A 28 22.72 2.77 22.49
C SER A 28 22.72 1.68 23.53
N ASN A 29 22.56 0.43 23.07
CA ASN A 29 22.51 -0.73 23.94
C ASN A 29 23.81 -1.54 23.90
N HIS A 30 24.86 -1.03 23.25
CA HIS A 30 26.05 -1.87 23.02
C HIS A 30 26.92 -1.90 24.28
N PRO A 31 27.57 -3.03 24.59
CA PRO A 31 28.34 -3.12 25.85
C PRO A 31 29.56 -2.21 25.93
N TYR A 32 30.16 -1.81 24.80
CA TYR A 32 31.39 -1.02 24.90
C TYR A 32 31.67 -0.01 23.79
N ILE A 33 30.83 0.03 22.75
CA ILE A 33 30.94 1.04 21.73
C ILE A 33 29.78 2.02 21.91
N LYS A 34 30.13 3.25 22.16
CA LYS A 34 29.21 4.36 22.45
C LYS A 34 28.91 5.23 21.22
N PRO A 35 27.63 5.53 20.96
CA PRO A 35 27.30 6.50 19.92
C PRO A 35 27.59 7.93 20.42
N ALA A 36 28.85 8.35 20.31
CA ALA A 36 29.31 9.57 20.93
C ALA A 36 29.23 10.81 20.05
N TYR A 37 29.03 10.64 18.76
CA TYR A 37 29.16 11.78 17.85
C TYR A 37 28.28 11.54 16.65
N LEU A 38 27.21 12.34 16.54
CA LEU A 38 26.26 12.21 15.48
C LEU A 38 26.51 13.23 14.36
N ALA A 39 26.97 12.75 13.21
CA ALA A 39 27.36 13.69 12.15
C ALA A 39 26.30 13.81 11.08
N GLY A 40 26.28 14.98 10.44
CA GLY A 40 25.40 15.22 9.31
C GLY A 40 25.94 16.33 8.46
N LYS A 41 25.10 16.78 7.53
CA LYS A 41 25.40 17.86 6.62
C LYS A 41 24.26 18.88 6.64
N GLY A 42 23.13 18.51 6.03
CA GLY A 42 21.96 19.39 5.92
C GLY A 42 21.36 19.82 7.24
N SER A 43 21.59 19.05 8.31
CA SER A 43 20.92 19.31 9.59
C SER A 43 21.90 19.55 10.75
N VAL A 44 23.12 19.98 10.43
CA VAL A 44 24.11 20.28 11.46
C VAL A 44 23.59 21.38 12.39
N GLY A 45 23.71 21.17 13.71
CA GLY A 45 23.27 22.17 14.70
C GLY A 45 21.97 21.84 15.43
N LYS A 46 21.14 20.99 14.82
CA LYS A 46 19.82 20.63 15.34
C LYS A 46 19.84 19.44 16.32
N PRO A 47 18.85 19.40 17.23
CA PRO A 47 18.73 18.24 18.11
C PRO A 47 18.26 17.04 17.28
N TYR A 48 18.90 15.90 17.51
CA TYR A 48 18.72 14.73 16.65
C TYR A 48 17.26 14.30 16.70
N GLY A 49 16.70 14.21 17.92
CA GLY A 49 15.30 13.79 18.17
C GLY A 49 14.27 14.56 17.40
N GLU A 50 14.61 15.81 17.11
CA GLU A 50 13.72 16.75 16.45
C GLU A 50 13.66 16.57 14.98
N VAL A 51 14.82 16.31 14.33
CA VAL A 51 14.82 16.23 12.85
C VAL A 51 14.81 14.83 12.28
N VAL A 52 15.18 13.82 13.06
CA VAL A 52 15.23 12.43 12.50
C VAL A 52 13.86 11.87 12.13
N ARG A 53 13.76 11.13 11.01
CA ARG A 53 12.61 10.26 10.72
C ARG A 53 12.97 8.92 11.34
N TRP A 54 12.45 8.66 12.54
CA TRP A 54 12.75 7.40 13.25
C TRP A 54 11.94 6.26 12.62
N GLN A 55 12.36 5.83 11.42
CA GLN A 55 11.61 4.81 10.66
C GLN A 55 12.16 3.44 11.04
N THR A 56 12.09 3.11 12.33
CA THR A 56 12.52 1.79 12.80
C THR A 56 11.81 1.51 14.11
N VAL A 57 12.14 0.39 14.78
CA VAL A 57 11.41 -0.03 15.98
C VAL A 57 11.61 0.94 17.17
N GLY A 58 10.57 1.08 18.02
CA GLY A 58 10.72 1.82 19.27
C GLY A 58 10.79 3.30 18.98
N GLN A 59 11.58 3.99 19.78
CA GLN A 59 11.62 5.44 19.76
C GLN A 59 13.08 5.79 19.83
N VAL A 60 13.44 6.96 19.32
CA VAL A 60 14.80 7.53 19.51
C VAL A 60 15.28 7.34 20.98
N PRO A 61 16.48 6.81 21.22
CA PRO A 61 16.92 6.65 22.61
C PRO A 61 16.89 7.96 23.41
N LYS A 62 16.42 7.87 24.64
CA LYS A 62 16.28 9.05 25.51
C LYS A 62 17.56 9.90 25.54
N GLU A 63 18.71 9.22 25.71
CA GLU A 63 20.00 9.90 25.89
C GLU A 63 20.55 10.45 24.57
N ILE A 64 19.87 10.20 23.46
CA ILE A 64 20.33 10.59 22.15
C ILE A 64 19.47 11.71 21.58
N ALA A 65 18.20 11.75 21.96
CA ALA A 65 17.21 12.71 21.42
C ALA A 65 17.70 14.14 21.49
N ASP A 66 18.31 14.52 22.60
CA ASP A 66 18.79 15.90 22.72
C ASP A 66 20.20 16.12 22.24
N MET A 67 20.84 15.10 21.70
CA MET A 67 22.23 15.29 21.27
C MET A 67 22.19 16.10 19.99
N GLU A 68 23.14 17.01 19.88
CA GLU A 68 23.24 17.88 18.73
C GLU A 68 23.88 17.14 17.53
N ILE A 69 23.35 17.35 16.32
CA ILE A 69 24.00 16.88 15.09
C ILE A 69 25.20 17.77 14.79
N LYS A 70 26.38 17.14 14.71
CA LYS A 70 27.64 17.89 14.47
C LYS A 70 28.22 17.75 13.04
N PRO A 71 29.21 18.57 12.69
CA PRO A 71 29.69 18.58 11.29
C PRO A 71 30.42 17.28 10.98
N THR A 72 30.43 16.90 9.72
CA THR A 72 31.24 15.77 9.27
C THR A 72 32.64 16.30 8.93
N ASP A 73 33.48 16.41 9.94
CA ASP A 73 34.80 17.04 9.81
C ASP A 73 35.79 16.28 10.66
N PRO A 74 36.73 15.57 10.03
CA PRO A 74 37.77 14.88 10.82
C PRO A 74 38.42 15.72 11.94
N LYS A 75 38.66 17.00 11.70
CA LYS A 75 39.41 17.81 12.68
C LYS A 75 38.65 18.09 13.99
N LEU A 76 37.32 17.97 13.94
CA LEU A 76 36.46 18.18 15.11
C LEU A 76 36.29 16.88 15.93
N MET A 77 37.04 15.85 15.56
CA MET A 77 36.78 14.52 16.06
C MET A 77 38.00 13.85 16.73
N ASP A 78 38.88 14.63 17.37
CA ASP A 78 40.03 14.06 18.10
C ASP A 78 39.54 13.08 19.13
N ASP A 79 38.34 13.30 19.66
CA ASP A 79 37.79 12.45 20.73
C ASP A 79 37.05 11.16 20.28
N VAL A 80 37.03 10.89 18.99
CA VAL A 80 36.28 9.76 18.43
C VAL A 80 37.29 8.62 18.13
N ASP A 81 36.89 7.37 18.38
CA ASP A 81 37.81 6.25 18.17
C ASP A 81 37.51 5.51 16.88
N ILE A 82 36.24 5.50 16.48
CA ILE A 82 35.79 4.67 15.36
C ILE A 82 34.82 5.49 14.49
N ILE A 83 34.85 5.29 13.16
CA ILE A 83 33.95 6.01 12.29
C ILE A 83 33.07 5.00 11.57
N PHE A 84 31.75 5.16 11.69
CA PHE A 84 30.84 4.37 10.89
C PHE A 84 30.27 5.20 9.76
N SER A 85 30.33 4.73 8.52
CA SER A 85 30.07 5.65 7.41
C SER A 85 29.06 5.08 6.42
N PRO A 86 27.79 5.52 6.54
CA PRO A 86 26.77 5.08 5.60
C PRO A 86 26.40 6.30 4.81
N LEU A 87 27.30 6.70 3.92
CA LEU A 87 27.13 7.94 3.16
C LEU A 87 26.67 7.59 1.75
N PRO A 88 25.95 8.50 1.06
CA PRO A 88 25.53 8.20 -0.32
C PRO A 88 26.75 8.02 -1.25
N GLN A 89 26.60 7.14 -2.24
CA GLN A 89 27.59 6.90 -3.29
C GLN A 89 28.10 8.19 -3.94
N GLY A 90 29.40 8.24 -4.25
CA GLY A 90 30.01 9.47 -4.78
C GLY A 90 30.53 10.38 -3.70
N ALA A 91 29.71 10.65 -2.68
CA ALA A 91 30.16 11.51 -1.58
C ALA A 91 31.00 10.73 -0.55
N ALA A 92 30.64 9.45 -0.31
CA ALA A 92 31.33 8.57 0.67
C ALA A 92 32.82 8.39 0.42
N GLY A 93 33.17 8.06 -0.82
CA GLY A 93 34.53 7.74 -1.21
C GLY A 93 35.61 8.68 -0.70
N PRO A 94 35.54 9.96 -1.08
CA PRO A 94 36.54 10.92 -0.64
C PRO A 94 36.48 11.21 0.86
N VAL A 95 35.29 11.22 1.45
CA VAL A 95 35.18 11.43 2.89
C VAL A 95 35.88 10.30 3.68
N GLU A 96 35.60 9.05 3.29
CA GLU A 96 36.15 7.92 4.01
C GLU A 96 37.67 7.95 3.90
N GLU A 97 38.20 8.33 2.75
CA GLU A 97 39.67 8.52 2.67
C GLU A 97 40.19 9.61 3.60
N GLN A 98 39.47 10.74 3.71
CA GLN A 98 39.99 11.80 4.60
C GLN A 98 40.03 11.27 6.01
N PHE A 99 39.06 10.47 6.42
CA PHE A 99 39.10 9.93 7.81
C PHE A 99 40.26 8.94 8.03
N ALA A 100 40.46 8.06 7.05
CA ALA A 100 41.58 7.09 7.10
C ALA A 100 42.95 7.81 7.14
N LYS A 101 43.06 8.86 6.32
CA LYS A 101 44.26 9.67 6.33
C LYS A 101 44.47 10.43 7.65
N GLU A 102 43.39 10.71 8.36
CA GLU A 102 43.55 11.30 9.71
C GLU A 102 43.68 10.24 10.83
N GLY A 103 43.81 8.98 10.47
CA GLY A 103 44.16 7.96 11.45
C GLY A 103 43.03 7.13 11.99
N PHE A 104 41.79 7.36 11.50
CA PHE A 104 40.59 6.67 11.99
C PHE A 104 40.39 5.32 11.34
N PRO A 105 39.88 4.35 12.09
CA PRO A 105 39.33 3.17 11.47
C PRO A 105 37.95 3.56 10.97
N VAL A 106 37.68 3.28 9.70
CA VAL A 106 36.42 3.58 9.08
C VAL A 106 35.73 2.26 8.65
N ILE A 107 34.50 2.06 9.15
CA ILE A 107 33.71 0.94 8.73
C ILE A 107 32.58 1.57 7.88
N SER A 108 32.59 1.27 6.58
CA SER A 108 31.72 1.91 5.60
C SER A 108 30.65 0.98 5.11
N ASN A 109 29.43 1.50 4.98
CA ASN A 109 28.39 0.74 4.31
C ASN A 109 28.21 1.23 2.88
N SER A 110 29.05 2.15 2.43
CA SER A 110 28.78 2.77 1.12
C SER A 110 29.42 1.94 -0.01
N PRO A 111 28.94 2.10 -1.25
CA PRO A 111 29.50 1.29 -2.34
C PRO A 111 30.89 1.71 -2.82
N ASP A 112 31.34 2.94 -2.54
CA ASP A 112 32.49 3.51 -3.26
C ASP A 112 33.78 2.66 -3.23
N HIS A 113 34.14 2.16 -2.05
CA HIS A 113 35.40 1.42 -1.90
C HIS A 113 35.27 -0.11 -1.95
N ARG A 114 34.06 -0.62 -2.13
CA ARG A 114 33.79 -2.10 -2.09
C ARG A 114 34.66 -2.94 -3.01
N PHE A 115 35.16 -2.37 -4.12
CA PHE A 115 36.01 -3.15 -5.05
C PHE A 115 37.47 -2.79 -5.06
N ASP A 116 37.88 -1.83 -4.25
CA ASP A 116 39.29 -1.57 -4.07
C ASP A 116 39.97 -2.88 -3.61
N PRO A 117 41.04 -3.30 -4.28
CA PRO A 117 41.60 -4.63 -3.95
C PRO A 117 42.23 -4.72 -2.53
N ASP A 118 42.63 -3.58 -1.96
CA ASP A 118 43.18 -3.53 -0.61
C ASP A 118 42.12 -3.17 0.49
N VAL A 119 40.85 -3.13 0.13
CA VAL A 119 39.75 -2.87 1.09
C VAL A 119 38.88 -4.11 1.28
N PRO A 120 38.75 -4.60 2.52
CA PRO A 120 37.89 -5.77 2.76
C PRO A 120 36.43 -5.48 2.36
N LEU A 121 35.75 -6.43 1.73
CA LEU A 121 34.32 -6.37 1.43
C LEU A 121 33.72 -7.43 2.32
N LEU A 122 33.42 -7.01 3.55
CA LEU A 122 33.42 -7.93 4.68
C LEU A 122 32.07 -8.44 5.15
N VAL A 123 31.90 -9.77 5.14
CA VAL A 123 30.79 -10.45 5.85
C VAL A 123 31.46 -11.30 6.94
N PRO A 124 31.38 -10.86 8.21
CA PRO A 124 32.24 -11.48 9.25
C PRO A 124 32.13 -13.02 9.37
N GLU A 125 30.96 -13.64 9.10
CA GLU A 125 30.87 -15.09 9.14
C GLU A 125 31.47 -15.76 7.92
N LEU A 126 31.70 -15.02 6.83
CA LEU A 126 32.13 -15.64 5.55
C LEU A 126 33.62 -15.45 5.24
N ASN A 127 34.10 -14.20 5.31
CA ASN A 127 35.47 -13.91 4.89
C ASN A 127 36.25 -13.09 5.93
N PRO A 128 36.21 -13.51 7.23
CA PRO A 128 36.85 -12.70 8.29
C PRO A 128 38.34 -12.54 8.10
N HIS A 129 38.99 -13.49 7.40
CA HIS A 129 40.45 -13.35 7.25
C HIS A 129 40.84 -12.19 6.35
N THR A 130 39.89 -11.71 5.53
CA THR A 130 40.24 -10.60 4.64
C THR A 130 40.53 -9.28 5.36
N ILE A 131 40.34 -9.22 6.67
CA ILE A 131 40.74 -8.01 7.39
C ILE A 131 42.24 -7.81 7.26
N SER A 132 42.98 -8.90 6.98
CA SER A 132 44.43 -8.82 6.74
C SER A 132 44.81 -7.84 5.65
N LEU A 133 43.89 -7.58 4.74
CA LEU A 133 44.13 -6.62 3.67
C LEU A 133 44.54 -5.22 4.18
N ILE A 134 44.11 -4.89 5.40
CA ILE A 134 44.39 -3.60 6.01
C ILE A 134 45.89 -3.30 6.02
N ASP A 135 46.71 -4.34 6.22
CA ASP A 135 48.16 -4.18 6.30
C ASP A 135 48.73 -3.59 5.04
N GLU A 136 48.40 -4.21 3.90
CA GLU A 136 48.84 -3.71 2.61
C GLU A 136 48.23 -2.33 2.32
N GLN A 137 46.95 -2.17 2.66
CA GLN A 137 46.21 -0.91 2.48
C GLN A 137 46.97 0.25 3.11
N ARG A 138 47.31 0.13 4.38
CA ARG A 138 47.96 1.22 5.10
C ARG A 138 49.30 1.55 4.47
N LYS A 139 49.99 0.51 4.01
CA LYS A 139 51.33 0.62 3.42
C LYS A 139 51.24 1.33 2.09
N ARG A 140 50.35 0.88 1.23
CA ARG A 140 50.31 1.43 -0.11
C ARG A 140 49.59 2.79 -0.18
N ARG A 141 48.54 2.97 0.60
CA ARG A 141 47.84 4.26 0.63
C ARG A 141 48.58 5.29 1.42
N GLU A 142 49.63 4.84 2.11
CA GLU A 142 50.37 5.64 3.09
C GLU A 142 49.45 6.39 4.05
N TRP A 143 48.56 5.64 4.70
CA TRP A 143 47.76 6.20 5.77
C TRP A 143 47.76 5.30 7.01
N LYS A 144 47.53 5.90 8.18
CA LYS A 144 47.55 5.18 9.45
C LYS A 144 46.21 4.61 9.89
N GLY A 145 45.09 5.16 9.39
CA GLY A 145 43.75 4.61 9.67
C GLY A 145 43.49 3.50 8.66
N PHE A 146 42.22 3.16 8.44
CA PHE A 146 41.85 2.23 7.36
C PHE A 146 40.40 2.28 7.01
N ILE A 147 40.06 1.67 5.87
CA ILE A 147 38.68 1.47 5.41
C ILE A 147 38.38 -0.03 5.26
N VAL A 148 37.26 -0.45 5.81
CA VAL A 148 36.63 -1.74 5.57
C VAL A 148 35.24 -1.41 5.04
N THR A 149 34.69 -2.22 4.14
CA THR A 149 33.31 -1.99 3.71
C THR A 149 32.46 -3.23 4.01
N THR A 150 31.15 -3.02 4.05
CA THR A 150 30.18 -4.12 4.11
C THR A 150 29.51 -4.14 2.72
N PRO A 151 29.01 -5.29 2.30
CA PRO A 151 28.46 -5.38 0.95
C PRO A 151 27.04 -4.88 0.86
N LEU A 152 26.62 -4.63 -0.38
CA LEU A 152 25.22 -4.34 -0.75
C LEU A 152 24.35 -5.28 0.01
N CYS A 153 23.29 -4.77 0.65
CA CYS A 153 22.38 -5.67 1.41
CA CYS A 153 22.43 -5.68 1.41
C CYS A 153 21.84 -6.78 0.56
N THR A 154 21.40 -6.47 -0.65
CA THR A 154 20.91 -7.53 -1.53
C THR A 154 21.91 -8.63 -1.82
N ALA A 155 23.18 -8.25 -2.04
CA ALA A 155 24.30 -9.22 -2.22
C ALA A 155 24.45 -10.09 -0.94
N GLN A 156 24.29 -9.50 0.24
CA GLN A 156 24.42 -10.31 1.49
C GLN A 156 23.27 -11.30 1.66
N GLY A 157 22.04 -10.91 1.27
CA GLY A 157 20.92 -11.83 1.49
C GLY A 157 21.11 -13.13 0.66
N ALA A 158 21.82 -13.00 -0.45
CA ALA A 158 22.19 -14.15 -1.23
C ALA A 158 23.50 -14.75 -0.77
N ALA A 159 24.51 -13.95 -0.57
CA ALA A 159 25.89 -14.46 -0.38
C ALA A 159 25.99 -15.26 0.92
N ILE A 160 25.21 -14.87 1.92
CA ILE A 160 25.28 -15.63 3.21
C ILE A 160 24.87 -17.13 3.07
N PRO A 161 23.66 -17.39 2.59
CA PRO A 161 23.30 -18.82 2.40
C PRO A 161 24.13 -19.44 1.25
N LEU A 162 24.41 -18.69 0.19
CA LEU A 162 25.15 -19.29 -0.94
C LEU A 162 26.59 -19.59 -0.52
N GLY A 163 27.16 -18.73 0.32
CA GLY A 163 28.51 -18.92 0.85
C GLY A 163 28.56 -20.16 1.71
N ALA A 164 27.58 -20.30 2.62
CA ALA A 164 27.46 -21.52 3.42
C ALA A 164 27.42 -22.77 2.54
N ILE A 165 26.62 -22.73 1.47
CA ILE A 165 26.47 -23.87 0.55
C ILE A 165 27.78 -24.19 -0.22
N PHE A 166 28.33 -23.13 -0.83
CA PHE A 166 29.56 -23.20 -1.69
C PHE A 166 30.75 -23.77 -0.92
N LYS A 167 30.83 -23.46 0.38
CA LYS A 167 31.88 -24.01 1.23
C LYS A 167 31.85 -25.57 1.25
N ASP A 168 30.66 -26.18 1.19
CA ASP A 168 30.60 -27.65 1.34
C ASP A 168 30.06 -28.45 0.15
N TYR A 169 29.61 -27.79 -0.91
CA TYR A 169 28.93 -28.44 -2.01
C TYR A 169 29.48 -27.93 -3.34
N LYS A 170 29.24 -28.71 -4.38
CA LYS A 170 29.69 -28.44 -5.76
C LYS A 170 28.64 -27.55 -6.46
N MET A 171 28.35 -26.42 -5.82
CA MET A 171 27.39 -25.48 -6.33
C MET A 171 27.95 -24.89 -7.65
N ASP A 172 27.18 -24.97 -8.74
CA ASP A 172 27.65 -24.39 -10.03
C ASP A 172 26.76 -23.25 -10.59
N GLY A 173 25.75 -22.87 -9.81
CA GLY A 173 24.88 -21.73 -10.25
C GLY A 173 23.84 -21.36 -9.21
N ALA A 174 23.41 -20.09 -9.26
CA ALA A 174 22.31 -19.64 -8.45
C ALA A 174 21.60 -18.55 -9.26
N PHE A 175 20.27 -18.69 -9.35
CA PHE A 175 19.47 -17.84 -10.26
C PHE A 175 18.43 -17.21 -9.35
N ILE A 176 18.54 -15.89 -9.19
CA ILE A 176 17.96 -15.24 -8.04
C ILE A 176 16.90 -14.22 -8.46
N THR A 177 15.81 -14.15 -7.71
CA THR A 177 14.83 -13.08 -7.94
C THR A 177 14.72 -12.36 -6.58
N THR A 178 14.76 -11.02 -6.57
CA THR A 178 14.68 -10.30 -5.29
C THR A 178 13.46 -9.39 -5.26
N ILE A 179 12.93 -9.17 -4.05
CA ILE A 179 11.77 -8.31 -3.91
C ILE A 179 12.14 -7.47 -2.69
N GLN A 180 12.65 -6.26 -2.93
CA GLN A 180 13.38 -5.54 -1.89
C GLN A 180 12.50 -4.44 -1.35
N SER A 181 12.81 -4.00 -0.14
CA SER A 181 12.02 -2.96 0.52
C SER A 181 12.42 -1.55 0.14
N LEU A 182 11.56 -0.59 0.48
CA LEU A 182 11.85 0.82 0.14
C LEU A 182 13.04 1.44 0.88
N SER A 183 13.32 0.98 2.12
CA SER A 183 14.31 1.66 2.94
C SER A 183 15.72 1.48 2.37
N GLY A 184 15.93 0.43 1.56
CA GLY A 184 17.21 0.22 0.88
C GLY A 184 17.61 1.36 -0.05
N ALA A 185 16.63 2.10 -0.55
CA ALA A 185 16.93 3.29 -1.39
C ALA A 185 17.13 4.58 -0.65
N GLY A 186 17.05 4.58 0.66
CA GLY A 186 17.16 5.83 1.36
C GLY A 186 15.93 6.74 1.27
N TYR A 187 16.11 8.00 1.68
CA TYR A 187 15.02 8.98 1.75
C TYR A 187 15.53 10.26 1.14
N PRO A 188 14.82 10.85 0.18
CA PRO A 188 13.49 10.54 -0.37
C PRO A 188 13.42 9.22 -1.13
N GLY A 189 14.55 8.75 -1.66
CA GLY A 189 14.56 7.41 -2.25
C GLY A 189 13.48 7.18 -3.31
N ILE A 190 12.77 6.06 -3.19
CA ILE A 190 11.78 5.66 -4.20
C ILE A 190 10.50 6.50 -4.16
N PRO A 191 10.12 7.15 -5.26
CA PRO A 191 8.83 7.87 -5.30
C PRO A 191 7.65 6.95 -5.02
N SER A 192 6.64 7.47 -4.29
CA SER A 192 5.48 6.58 -3.99
C SER A 192 4.86 6.06 -5.27
N LEU A 193 4.75 6.91 -6.29
CA LEU A 193 4.03 6.43 -7.50
C LEU A 193 4.70 5.24 -8.22
N ASP A 194 5.96 4.98 -7.91
CA ASP A 194 6.63 3.80 -8.45
C ASP A 194 6.21 2.50 -7.84
N VAL A 195 5.67 2.53 -6.61
CA VAL A 195 5.39 1.25 -5.93
C VAL A 195 3.95 1.03 -5.48
N VAL A 196 3.10 2.05 -5.55
CA VAL A 196 1.70 1.78 -5.25
C VAL A 196 1.02 1.06 -6.42
N ASP A 197 0.51 -0.15 -6.14
CA ASP A 197 -0.12 -0.99 -7.18
C ASP A 197 0.87 -1.24 -8.32
N ASN A 198 2.14 -1.51 -7.99
CA ASN A 198 3.17 -1.68 -8.99
C ASN A 198 4.34 -2.47 -8.40
N ILE A 199 5.21 -3.00 -9.29
CA ILE A 199 6.46 -3.64 -8.89
C ILE A 199 7.52 -2.90 -9.71
N LEU A 200 8.54 -2.36 -9.04
CA LEU A 200 9.53 -1.59 -9.77
C LEU A 200 10.78 -2.45 -10.03
N PRO A 201 11.03 -2.85 -11.29
CA PRO A 201 12.38 -3.50 -11.56
C PRO A 201 13.53 -2.50 -11.44
N LEU A 202 14.66 -2.93 -10.90
CA LEU A 202 15.78 -2.02 -10.65
C LEU A 202 16.67 -1.90 -11.88
N GLY A 203 16.61 -2.90 -12.76
CA GLY A 203 17.28 -2.73 -14.06
C GLY A 203 18.59 -3.53 -14.15
N ASP A 204 19.21 -3.54 -15.33
CA ASP A 204 20.44 -4.38 -15.59
C ASP A 204 21.65 -3.98 -14.76
N GLY A 205 21.84 -2.67 -14.59
CA GLY A 205 22.97 -2.17 -13.82
C GLY A 205 22.95 -2.74 -12.40
N TYR A 206 21.78 -2.67 -11.78
CA TYR A 206 21.63 -3.15 -10.42
C TYR A 206 21.72 -4.70 -10.34
N ASP A 207 21.08 -5.38 -11.28
CA ASP A 207 21.26 -6.86 -11.35
C ASP A 207 22.75 -7.21 -11.40
N ALA A 208 23.51 -6.51 -12.26
CA ALA A 208 24.94 -6.80 -12.46
C ALA A 208 25.77 -6.51 -11.22
N LYS A 209 25.51 -5.39 -10.55
CA LYS A 209 26.39 -5.08 -9.41
C LYS A 209 26.12 -6.02 -8.23
N THR A 210 24.87 -6.47 -8.11
CA THR A 210 24.50 -7.51 -7.15
C THR A 210 25.36 -8.78 -7.34
N ILE A 211 25.40 -9.34 -8.55
CA ILE A 211 26.18 -10.59 -8.67
C ILE A 211 27.68 -10.31 -8.60
N LYS A 212 28.10 -9.12 -9.04
CA LYS A 212 29.51 -8.75 -8.95
C LYS A 212 30.01 -8.80 -7.51
N GLU A 213 29.20 -8.27 -6.59
CA GLU A 213 29.57 -8.30 -5.16
C GLU A 213 29.49 -9.72 -4.62
N ILE A 214 28.45 -10.47 -5.01
CA ILE A 214 28.37 -11.87 -4.55
C ILE A 214 29.67 -12.65 -4.98
N PHE A 215 30.11 -12.43 -6.23
CA PHE A 215 31.30 -13.16 -6.73
C PHE A 215 32.53 -12.80 -5.87
N ARG A 216 32.65 -11.53 -5.50
CA ARG A 216 33.85 -11.17 -4.77
C ARG A 216 33.81 -11.87 -3.39
N ILE A 217 32.65 -11.82 -2.74
CA ILE A 217 32.48 -12.41 -1.42
C ILE A 217 32.72 -13.93 -1.51
N LEU A 218 32.09 -14.61 -2.47
CA LEU A 218 32.38 -16.06 -2.68
C LEU A 218 33.83 -16.42 -2.99
N SER A 219 34.52 -15.58 -3.75
CA SER A 219 35.93 -15.81 -4.06
C SER A 219 36.80 -15.80 -2.80
N GLU A 220 36.27 -15.28 -1.69
CA GLU A 220 37.07 -15.08 -0.48
C GLU A 220 36.67 -16.08 0.62
N VAL A 221 35.70 -16.94 0.32
CA VAL A 221 35.27 -17.94 1.27
C VAL A 221 36.30 -19.11 1.23
N LYS A 222 36.69 -19.61 2.39
CA LYS A 222 37.57 -20.80 2.46
C LYS A 222 36.73 -22.06 2.33
N ARG A 223 36.92 -22.82 1.26
CA ARG A 223 36.07 -23.97 0.97
C ARG A 223 36.60 -25.29 1.55
N ASN A 224 35.69 -26.23 1.81
CA ASN A 224 36.00 -27.59 2.16
C ASN A 224 36.03 -28.52 0.95
N VAL A 225 35.52 -28.08 -0.18
CA VAL A 225 35.59 -28.85 -1.45
C VAL A 225 36.19 -27.91 -2.48
N ASP A 226 36.67 -28.40 -3.61
CA ASP A 226 37.29 -27.50 -4.60
C ASP A 226 36.67 -27.44 -5.99
N GLU A 227 35.45 -27.98 -6.17
CA GLU A 227 34.80 -28.06 -7.49
C GLU A 227 33.41 -27.51 -7.29
N PRO A 228 32.86 -26.81 -8.29
CA PRO A 228 33.62 -26.35 -9.46
C PRO A 228 34.49 -25.14 -9.05
N LYS A 229 35.31 -24.62 -9.96
CA LYS A 229 35.98 -23.37 -9.70
C LYS A 229 34.99 -22.23 -9.77
N LEU A 230 35.21 -21.24 -8.93
CA LEU A 230 34.34 -20.07 -8.93
C LEU A 230 34.15 -19.46 -10.32
N GLU A 231 35.21 -19.41 -11.15
CA GLU A 231 35.06 -18.94 -12.58
C GLU A 231 33.93 -19.65 -13.30
N ASP A 232 33.66 -20.90 -12.95
CA ASP A 232 32.68 -21.68 -13.69
C ASP A 232 31.32 -21.71 -13.01
N VAL A 233 31.13 -20.87 -11.99
CA VAL A 233 29.82 -20.76 -11.35
C VAL A 233 28.99 -19.71 -12.09
N SER A 234 27.77 -20.06 -12.45
CA SER A 234 26.84 -19.10 -13.09
C SER A 234 25.87 -18.43 -12.11
N LEU A 235 26.00 -17.11 -11.97
CA LEU A 235 25.11 -16.33 -11.08
C LEU A 235 24.28 -15.38 -11.91
N ALA A 236 22.99 -15.22 -11.54
CA ALA A 236 22.13 -14.19 -12.18
C ALA A 236 21.14 -13.69 -11.17
N ALA A 237 20.79 -12.40 -11.30
CA ALA A 237 19.78 -11.82 -10.37
C ALA A 237 18.79 -10.99 -11.22
N THR A 238 17.52 -10.99 -10.80
CA THR A 238 16.52 -10.07 -11.36
C THR A 238 15.92 -9.37 -10.16
N THR A 239 16.19 -8.07 -10.05
CA THR A 239 15.93 -7.35 -8.79
C THR A 239 14.78 -6.30 -8.92
N HIS A 240 14.04 -6.15 -7.81
CA HIS A 240 12.81 -5.34 -7.82
C HIS A 240 12.65 -4.69 -6.46
N ARG A 241 11.91 -3.56 -6.41
CA ARG A 241 11.51 -2.99 -5.12
C ARG A 241 9.97 -2.98 -5.11
N ILE A 242 9.37 -3.18 -3.95
CA ILE A 242 7.94 -2.99 -3.75
C ILE A 242 7.73 -2.21 -2.45
N ALA A 243 6.47 -2.02 -2.09
CA ALA A 243 6.13 -1.14 -0.94
C ALA A 243 6.26 -1.82 0.42
N THR A 244 7.35 -2.54 0.66
CA THR A 244 7.64 -2.98 2.02
C THR A 244 8.63 -1.98 2.62
N ILE A 245 8.63 -1.85 3.95
CA ILE A 245 9.49 -0.85 4.61
C ILE A 245 10.89 -1.33 4.82
N HIS A 246 11.07 -2.48 5.50
CA HIS A 246 12.38 -3.11 5.65
C HIS A 246 12.22 -4.58 5.26
N GLY A 247 13.34 -5.18 4.88
CA GLY A 247 13.42 -6.63 4.66
C GLY A 247 13.49 -6.88 3.18
N HIS A 248 14.57 -7.53 2.75
CA HIS A 248 14.73 -7.89 1.35
C HIS A 248 14.51 -9.41 1.26
N TYR A 249 13.57 -9.78 0.41
CA TYR A 249 13.18 -11.19 0.21
C TYR A 249 13.76 -11.68 -1.11
N GLU A 250 14.41 -12.85 -1.09
CA GLU A 250 15.04 -13.38 -2.38
C GLU A 250 14.62 -14.81 -2.57
N VAL A 251 14.36 -15.19 -3.81
CA VAL A 251 14.09 -16.59 -4.14
C VAL A 251 15.31 -17.05 -4.93
N LEU A 252 15.89 -18.18 -4.51
CA LEU A 252 17.13 -18.68 -5.09
C LEU A 252 16.89 -20.08 -5.65
N TYR A 253 17.18 -20.26 -6.95
CA TYR A 253 17.25 -21.65 -7.45
C TYR A 253 18.76 -21.95 -7.57
N VAL A 254 19.24 -22.97 -6.85
CA VAL A 254 20.67 -23.24 -6.72
C VAL A 254 20.98 -24.58 -7.40
N SER A 255 21.92 -24.57 -8.36
CA SER A 255 22.26 -25.81 -9.05
C SER A 255 23.62 -26.33 -8.61
N PHE A 256 23.86 -27.62 -8.83
CA PHE A 256 25.03 -28.33 -8.30
C PHE A 256 25.56 -29.15 -9.47
N LYS A 257 26.87 -29.40 -9.44
CA LYS A 257 27.54 -30.16 -10.48
C LYS A 257 27.20 -31.63 -10.37
N GLU A 258 26.84 -32.08 -9.17
CA GLU A 258 26.52 -33.52 -8.99
C GLU A 258 25.27 -33.60 -8.10
N GLU A 259 24.62 -34.75 -8.06
CA GLU A 259 23.43 -34.93 -7.21
C GLU A 259 23.68 -34.50 -5.73
N THR A 260 22.74 -33.70 -5.20
CA THR A 260 22.88 -33.00 -3.91
C THR A 260 21.49 -33.00 -3.29
N ALA A 261 21.40 -33.48 -2.04
CA ALA A 261 20.10 -33.63 -1.40
C ALA A 261 19.70 -32.33 -0.69
N ALA A 262 18.51 -31.81 -1.00
CA ALA A 262 17.96 -30.66 -0.26
C ALA A 262 18.10 -30.79 1.26
N GLU A 263 17.86 -31.97 1.80
CA GLU A 263 17.91 -32.17 3.25
C GLU A 263 19.34 -32.01 3.87
N LYS A 264 20.40 -32.42 3.13
CA LYS A 264 21.76 -32.18 3.56
C LYS A 264 22.11 -30.70 3.52
N VAL A 265 21.68 -30.00 2.46
CA VAL A 265 21.95 -28.57 2.36
C VAL A 265 21.19 -27.84 3.51
N LYS A 266 19.99 -28.30 3.81
CA LYS A 266 19.22 -27.69 4.89
C LYS A 266 20.01 -27.80 6.21
N GLU A 267 20.57 -28.98 6.52
CA GLU A 267 21.30 -29.16 7.75
C GLU A 267 22.55 -28.29 7.75
N THR A 268 23.20 -28.14 6.61
CA THR A 268 24.35 -27.25 6.50
C THR A 268 23.96 -25.80 6.86
N LEU A 269 22.88 -25.33 6.26
CA LEU A 269 22.36 -23.98 6.59
C LEU A 269 22.04 -23.83 8.08
N GLU A 270 21.34 -24.82 8.67
CA GLU A 270 20.92 -24.70 10.08
C GLU A 270 22.13 -24.66 11.01
N ASN A 271 23.16 -25.39 10.64
CA ASN A 271 24.39 -25.52 11.48
C ASN A 271 25.45 -24.45 11.19
N PHE A 272 25.16 -23.58 10.23
CA PHE A 272 26.15 -22.57 9.83
C PHE A 272 26.61 -21.69 11.00
N ARG A 273 27.92 -21.54 11.17
CA ARG A 273 28.49 -20.59 12.12
C ARG A 273 29.87 -20.22 11.61
N GLY A 274 30.42 -19.09 12.06
CA GLY A 274 31.81 -18.80 11.74
C GLY A 274 32.54 -18.13 12.88
N GLU A 275 33.60 -17.39 12.58
CA GLU A 275 34.43 -16.76 13.60
C GLU A 275 33.62 -15.83 14.56
N PRO A 276 32.66 -15.04 14.07
CA PRO A 276 31.90 -14.16 15.02
C PRO A 276 31.25 -14.96 16.17
N GLN A 277 30.64 -16.10 15.81
CA GLN A 277 30.06 -17.06 16.80
C GLN A 277 31.11 -17.67 17.71
N ASP A 278 32.21 -18.15 17.13
CA ASP A 278 33.26 -18.80 17.92
C ASP A 278 33.86 -17.83 18.89
N LEU A 279 34.04 -16.58 18.44
CA LEU A 279 34.66 -15.51 19.24
C LEU A 279 33.67 -14.92 20.26
N LYS A 280 32.42 -15.30 20.09
CA LYS A 280 31.32 -14.74 20.88
C LYS A 280 31.28 -13.20 20.84
N LEU A 281 31.38 -12.59 19.66
CA LEU A 281 31.25 -11.16 19.52
C LEU A 281 29.83 -10.72 19.95
N PRO A 282 29.71 -9.59 20.64
CA PRO A 282 28.42 -9.18 21.20
C PRO A 282 27.28 -9.10 20.17
N THR A 283 27.59 -8.69 18.93
CA THR A 283 26.55 -8.54 17.92
C THR A 283 26.42 -9.77 17.00
N ALA A 284 27.15 -10.82 17.31
CA ALA A 284 27.05 -12.05 16.49
C ALA A 284 25.81 -12.84 16.86
N PRO A 285 24.91 -13.08 15.91
CA PRO A 285 23.74 -13.91 16.17
C PRO A 285 24.20 -15.35 16.47
N SER A 286 23.52 -16.02 17.42
CA SER A 286 23.80 -17.45 17.65
C SER A 286 23.58 -18.22 16.37
N LYS A 287 22.56 -17.79 15.63
CA LYS A 287 22.21 -18.49 14.38
C LYS A 287 22.21 -17.52 13.21
N PRO A 288 23.37 -17.27 12.62
CA PRO A 288 23.44 -16.31 11.52
C PRO A 288 22.54 -16.73 10.37
N ILE A 289 22.25 -18.03 10.24
CA ILE A 289 21.19 -18.44 9.29
C ILE A 289 20.12 -19.23 10.12
N ILE A 290 18.87 -18.74 10.09
CA ILE A 290 17.79 -19.42 10.78
C ILE A 290 16.97 -20.10 9.70
N VAL A 291 16.58 -21.36 9.92
CA VAL A 291 15.86 -22.04 8.85
C VAL A 291 14.45 -22.34 9.34
N MET A 292 13.47 -21.93 8.56
CA MET A 292 12.06 -22.12 8.91
C MET A 292 11.48 -23.26 8.08
N ASN A 293 10.61 -24.04 8.69
CA ASN A 293 9.99 -25.22 8.02
C ASN A 293 8.59 -25.02 7.40
N GLU A 294 7.87 -23.96 7.76
CA GLU A 294 6.49 -23.80 7.22
C GLU A 294 6.55 -23.40 5.79
N ASP A 295 5.61 -23.85 4.96
CA ASP A 295 5.68 -23.49 3.54
C ASP A 295 5.16 -22.07 3.23
N THR A 296 4.77 -21.29 4.24
CA THR A 296 4.43 -19.88 3.95
C THR A 296 5.42 -18.95 4.70
N ARG A 297 6.56 -19.46 5.18
CA ARG A 297 7.54 -18.65 5.93
C ARG A 297 8.95 -18.84 5.25
N PRO A 298 9.84 -17.84 5.30
CA PRO A 298 9.66 -16.59 6.01
C PRO A 298 8.70 -15.62 5.28
N GLN A 299 8.16 -14.69 6.05
CA GLN A 299 7.41 -13.56 5.48
C GLN A 299 8.10 -12.30 5.97
N VAL A 300 8.17 -11.32 5.09
CA VAL A 300 8.82 -10.06 5.38
C VAL A 300 8.40 -9.46 6.73
N TYR A 301 7.09 -9.26 6.97
CA TYR A 301 6.71 -8.55 8.18
C TYR A 301 7.05 -9.30 9.46
N PHE A 302 6.84 -10.61 9.44
CA PHE A 302 6.95 -11.39 10.63
C PHE A 302 8.35 -11.89 10.99
N ASP A 303 9.23 -11.96 10.02
CA ASP A 303 10.52 -12.61 10.27
C ASP A 303 11.71 -11.72 10.08
N ARG A 304 11.49 -10.43 9.75
CA ARG A 304 12.63 -9.58 9.49
C ARG A 304 13.37 -9.15 10.78
N TRP A 305 12.77 -9.39 11.92
CA TRP A 305 13.41 -9.08 13.22
C TRP A 305 13.72 -10.32 14.04
N ALA A 306 13.92 -11.44 13.34
CA ALA A 306 14.18 -12.72 14.00
C ALA A 306 15.56 -12.83 14.62
N GLY A 307 15.65 -13.70 15.61
CA GLY A 307 16.96 -14.11 16.08
C GLY A 307 17.26 -13.50 17.44
N ASP A 308 18.31 -14.02 18.09
CA ASP A 308 18.68 -13.55 19.42
C ASP A 308 19.26 -12.12 19.39
N ILE A 309 19.82 -11.68 18.27
CA ILE A 309 20.14 -10.26 18.05
C ILE A 309 19.22 -9.86 16.89
N PRO A 310 18.12 -9.16 17.19
CA PRO A 310 17.04 -9.02 16.22
C PRO A 310 17.52 -8.34 14.94
N GLY A 311 17.22 -8.97 13.81
CA GLY A 311 17.63 -8.44 12.48
C GLY A 311 19.04 -8.81 12.02
N MET A 312 19.80 -9.49 12.87
CA MET A 312 21.14 -9.96 12.48
C MET A 312 21.16 -11.34 11.78
N SER A 313 20.05 -12.08 11.78
CA SER A 313 20.07 -13.44 11.21
C SER A 313 19.42 -13.35 9.83
N VAL A 314 20.01 -14.00 8.83
CA VAL A 314 19.28 -14.27 7.56
C VAL A 314 18.33 -15.45 7.78
N VAL A 315 17.07 -15.27 7.38
CA VAL A 315 16.05 -16.31 7.64
C VAL A 315 15.81 -16.97 6.31
N VAL A 316 16.09 -18.29 6.27
CA VAL A 316 15.88 -19.10 5.06
C VAL A 316 14.65 -19.98 5.21
N GLY A 317 13.98 -20.25 4.11
CA GLY A 317 13.04 -21.35 4.19
C GLY A 317 12.72 -21.88 2.85
N ARG A 318 11.66 -22.70 2.80
CA ARG A 318 11.12 -23.24 1.56
C ARG A 318 12.12 -24.24 0.88
N LEU A 319 13.10 -24.75 1.62
CA LEU A 319 14.08 -25.66 1.02
C LEU A 319 13.36 -26.82 0.37
N LYS A 320 13.65 -27.05 -0.92
CA LYS A 320 12.92 -28.09 -1.64
C LYS A 320 13.77 -28.59 -2.79
N GLN A 321 13.78 -29.92 -2.96
CA GLN A 321 14.40 -30.54 -4.14
C GLN A 321 13.62 -30.18 -5.40
N VAL A 322 14.25 -29.55 -6.36
CA VAL A 322 13.59 -29.32 -7.67
C VAL A 322 13.97 -30.51 -8.61
N ASN A 323 15.26 -30.81 -8.76
CA ASN A 323 15.67 -32.09 -9.39
C ASN A 323 16.95 -32.60 -8.68
N LYS A 324 17.59 -33.66 -9.16
CA LYS A 324 18.74 -34.18 -8.44
C LYS A 324 19.86 -33.16 -8.25
N ARG A 325 19.94 -32.19 -9.15
CA ARG A 325 21.04 -31.20 -9.18
C ARG A 325 20.56 -29.74 -8.97
N MET A 326 19.34 -29.59 -8.44
CA MET A 326 18.77 -28.25 -8.27
C MET A 326 17.90 -28.21 -7.03
N ILE A 327 18.08 -27.15 -6.21
CA ILE A 327 17.20 -26.93 -5.09
C ILE A 327 16.64 -25.51 -5.11
N ARG A 328 15.51 -25.34 -4.40
CA ARG A 328 14.87 -23.99 -4.31
C ARG A 328 14.97 -23.58 -2.83
N LEU A 329 15.37 -22.34 -2.52
CA LEU A 329 15.20 -21.81 -1.16
C LEU A 329 14.88 -20.36 -1.26
N VAL A 330 14.42 -19.83 -0.14
CA VAL A 330 14.20 -18.38 -0.14
C VAL A 330 14.98 -17.81 1.04
N SER A 331 15.31 -16.51 0.99
CA SER A 331 16.04 -15.90 2.08
C SER A 331 15.47 -14.51 2.35
N LEU A 332 15.49 -14.13 3.62
CA LEU A 332 15.05 -12.80 4.00
C LEU A 332 16.13 -12.19 4.87
N ILE A 333 16.54 -10.96 4.54
CA ILE A 333 17.56 -10.29 5.33
C ILE A 333 16.93 -8.92 5.72
N HIS A 334 17.24 -8.48 6.95
CA HIS A 334 16.87 -7.13 7.38
C HIS A 334 17.97 -6.23 6.76
N ASN A 335 17.58 -5.41 5.79
CA ASN A 335 18.52 -4.69 4.95
C ASN A 335 19.29 -3.59 5.66
N THR A 336 18.79 -3.03 6.78
CA THR A 336 19.60 -2.00 7.46
C THR A 336 20.26 -2.51 8.74
N VAL A 337 19.87 -3.69 9.23
CA VAL A 337 20.55 -4.29 10.41
C VAL A 337 21.64 -5.24 9.86
N ARG A 338 21.35 -6.53 9.66
CA ARG A 338 22.41 -7.35 9.03
C ARG A 338 23.00 -6.69 7.77
N GLY A 339 22.10 -6.19 6.90
CA GLY A 339 22.47 -5.66 5.58
C GLY A 339 23.30 -4.41 5.60
N ALA A 340 23.40 -3.73 6.76
CA ALA A 340 24.14 -2.47 6.87
C ALA A 340 24.73 -2.25 8.22
N ALA A 341 24.00 -1.57 9.12
CA ALA A 341 24.61 -1.14 10.39
C ALA A 341 25.02 -2.28 11.32
N GLY A 342 24.16 -3.29 11.40
CA GLY A 342 24.45 -4.42 12.28
C GLY A 342 25.70 -5.17 11.83
N GLY A 343 25.81 -5.45 10.53
CA GLY A 343 27.05 -6.09 10.01
C GLY A 343 28.25 -5.16 10.21
N GLY A 344 28.00 -3.86 10.12
CA GLY A 344 29.07 -2.91 10.38
C GLY A 344 29.54 -2.94 11.83
N ILE A 345 28.60 -3.04 12.78
CA ILE A 345 29.06 -3.10 14.21
C ILE A 345 29.80 -4.44 14.46
N LEU A 346 29.28 -5.50 13.86
CA LEU A 346 29.88 -6.85 14.02
C LEU A 346 31.31 -6.81 13.46
N ALA A 347 31.47 -6.18 12.29
CA ALA A 347 32.81 -5.97 11.73
C ALA A 347 33.71 -5.19 12.70
N ALA A 348 33.20 -4.13 13.32
CA ALA A 348 34.00 -3.39 14.29
C ALA A 348 34.40 -4.30 15.42
N GLU A 349 33.48 -5.11 15.91
CA GLU A 349 33.84 -6.01 17.05
C GLU A 349 34.94 -7.02 16.64
N LEU A 350 34.86 -7.47 15.39
CA LEU A 350 35.87 -8.40 14.89
C LEU A 350 37.22 -7.70 14.83
N LEU A 351 37.23 -6.45 14.37
CA LEU A 351 38.49 -5.66 14.22
C LEU A 351 39.08 -5.37 15.58
N VAL A 352 38.22 -5.09 16.56
CA VAL A 352 38.73 -4.87 17.91
C VAL A 352 39.37 -6.18 18.45
N GLU A 353 38.65 -7.28 18.32
CA GLU A 353 39.19 -8.56 18.83
C GLU A 353 40.53 -8.97 18.17
N LYS A 354 40.72 -8.64 16.89
CA LYS A 354 41.90 -9.04 16.15
C LYS A 354 43.04 -8.05 16.29
N GLY A 355 42.83 -7.00 17.07
CA GLY A 355 43.86 -6.05 17.34
C GLY A 355 43.98 -4.88 16.37
N TYR A 356 43.08 -4.77 15.40
CA TYR A 356 43.07 -3.62 14.46
C TYR A 356 42.52 -2.29 14.98
N ILE A 357 41.66 -2.37 16.00
CA ILE A 357 41.15 -1.20 16.70
C ILE A 357 41.37 -1.44 18.21
N GLU A 358 42.03 -0.50 18.89
CA GLU A 358 42.23 -0.59 20.33
C GLU A 358 40.93 -0.33 21.07
N LYS A 359 40.69 -1.05 22.14
CA LYS A 359 39.45 -0.83 22.90
C LYS A 359 39.52 0.50 23.67
N ARG B 6 -25.67 -12.36 -37.10
CA ARG B 6 -26.39 -13.30 -36.18
C ARG B 6 -25.62 -13.37 -34.85
N THR B 7 -26.36 -13.50 -33.74
CA THR B 7 -25.75 -13.27 -32.40
C THR B 7 -26.08 -14.42 -31.45
N LEU B 8 -25.34 -14.51 -30.34
CA LEU B 8 -25.53 -15.51 -29.29
C LEU B 8 -25.78 -14.86 -27.94
N LYS B 9 -26.65 -15.48 -27.13
CA LYS B 9 -26.88 -15.02 -25.76
C LYS B 9 -26.06 -15.79 -24.73
N ALA B 10 -25.22 -15.08 -23.96
CA ALA B 10 -24.45 -15.71 -22.90
C ALA B 10 -25.01 -15.48 -21.50
N ALA B 11 -24.88 -16.49 -20.66
CA ALA B 11 -25.01 -16.35 -19.20
C ALA B 11 -23.66 -16.23 -18.57
N ILE B 12 -23.54 -15.36 -17.55
CA ILE B 12 -22.26 -15.18 -16.86
C ILE B 12 -22.55 -15.59 -15.46
N LEU B 13 -21.98 -16.72 -15.05
CA LEU B 13 -22.13 -17.17 -13.70
C LEU B 13 -21.14 -16.33 -12.88
N GLY B 14 -21.40 -16.17 -11.58
CA GLY B 14 -20.50 -15.38 -10.75
C GLY B 14 -20.28 -13.98 -11.31
N ALA B 15 -21.36 -13.39 -11.86
CA ALA B 15 -21.25 -12.15 -12.66
C ALA B 15 -20.68 -10.97 -11.87
N THR B 16 -20.93 -10.93 -10.56
CA THR B 16 -20.40 -9.83 -9.73
C THR B 16 -18.99 -10.01 -9.29
N GLY B 17 -18.41 -11.19 -9.50
CA GLY B 17 -17.06 -11.43 -9.00
C GLY B 17 -15.95 -10.75 -9.84
N LEU B 18 -14.68 -10.87 -9.42
CA LEU B 18 -13.55 -10.22 -10.12
C LEU B 18 -13.36 -10.75 -11.59
N VAL B 19 -13.83 -11.96 -11.86
CA VAL B 19 -13.75 -12.48 -13.27
C VAL B 19 -15.01 -12.10 -13.97
N GLY B 20 -16.14 -12.27 -13.28
CA GLY B 20 -17.43 -11.93 -13.84
C GLY B 20 -17.50 -10.51 -14.42
N ILE B 21 -16.90 -9.55 -13.70
CA ILE B 21 -16.97 -8.16 -14.21
C ILE B 21 -16.22 -8.00 -15.50
N GLU B 22 -15.15 -8.77 -15.73
CA GLU B 22 -14.46 -8.74 -17.05
C GLU B 22 -15.32 -9.34 -18.16
N TYR B 23 -16.04 -10.44 -17.87
CA TYR B 23 -17.02 -10.93 -18.89
C TYR B 23 -18.03 -9.83 -19.20
N VAL B 24 -18.54 -9.17 -18.14
CA VAL B 24 -19.55 -8.12 -18.37
C VAL B 24 -18.92 -7.00 -19.24
N ARG B 25 -17.71 -6.57 -18.89
CA ARG B 25 -17.12 -5.39 -19.53
C ARG B 25 -16.83 -5.74 -20.97
N MET B 26 -16.23 -6.92 -21.15
CA MET B 26 -15.82 -7.33 -22.52
C MET B 26 -17.00 -7.68 -23.41
N LEU B 27 -17.94 -8.47 -22.90
CA LEU B 27 -19.09 -8.83 -23.70
C LEU B 27 -20.02 -7.67 -24.04
N SER B 28 -20.02 -6.60 -23.23
CA SER B 28 -20.89 -5.45 -23.54
CA SER B 28 -20.89 -5.45 -23.53
C SER B 28 -20.53 -4.86 -24.90
N ASN B 29 -19.30 -5.08 -25.34
CA ASN B 29 -18.85 -4.59 -26.64
C ASN B 29 -18.56 -5.66 -27.68
N HIS B 30 -18.90 -6.90 -27.40
CA HIS B 30 -18.57 -7.97 -28.31
C HIS B 30 -19.47 -7.91 -29.55
N PRO B 31 -18.89 -8.15 -30.73
CA PRO B 31 -19.72 -8.07 -31.93
C PRO B 31 -20.86 -9.11 -32.03
N TYR B 32 -20.79 -10.22 -31.32
CA TYR B 32 -21.91 -11.15 -31.47
C TYR B 32 -22.34 -11.98 -30.26
N ILE B 33 -21.55 -11.98 -29.18
CA ILE B 33 -21.95 -12.64 -27.95
C ILE B 33 -22.44 -11.59 -26.96
N LYS B 34 -23.66 -11.80 -26.49
CA LYS B 34 -24.41 -10.82 -25.69
C LYS B 34 -24.44 -11.23 -24.19
N PRO B 35 -24.08 -10.32 -23.29
CA PRO B 35 -24.21 -10.67 -21.87
C PRO B 35 -25.70 -10.59 -21.51
N ALA B 36 -26.44 -11.68 -21.71
CA ALA B 36 -27.89 -11.72 -21.53
C ALA B 36 -28.40 -12.13 -20.15
N TYR B 37 -27.61 -12.84 -19.37
CA TYR B 37 -28.14 -13.40 -18.11
C TYR B 37 -27.00 -13.36 -17.10
N LEU B 38 -27.20 -12.64 -15.99
CA LEU B 38 -26.16 -12.44 -15.00
C LEU B 38 -26.52 -13.22 -13.76
N ALA B 39 -25.75 -14.26 -13.46
CA ALA B 39 -26.16 -15.15 -12.38
C ALA B 39 -25.36 -14.90 -11.15
N GLY B 40 -25.98 -15.23 -10.03
CA GLY B 40 -25.28 -15.10 -8.75
C GLY B 40 -25.93 -16.00 -7.72
N LYS B 41 -25.54 -15.82 -6.45
CA LYS B 41 -26.15 -16.54 -5.32
C LYS B 41 -26.68 -15.55 -4.27
N GLY B 42 -25.79 -14.79 -3.66
CA GLY B 42 -26.12 -13.92 -2.54
C GLY B 42 -27.07 -12.76 -2.78
N SER B 43 -27.13 -12.21 -3.99
CA SER B 43 -27.83 -10.95 -4.21
C SER B 43 -28.96 -11.03 -5.25
N VAL B 44 -29.39 -12.25 -5.51
CA VAL B 44 -30.43 -12.54 -6.50
C VAL B 44 -31.69 -11.71 -6.23
N GLY B 45 -32.20 -11.01 -7.26
CA GLY B 45 -33.28 -10.02 -7.10
C GLY B 45 -32.88 -8.55 -7.20
N LYS B 46 -31.60 -8.23 -6.99
CA LYS B 46 -31.14 -6.84 -6.95
C LYS B 46 -30.50 -6.42 -8.27
N PRO B 47 -30.55 -5.12 -8.59
CA PRO B 47 -29.90 -4.65 -9.81
C PRO B 47 -28.37 -4.81 -9.73
N TYR B 48 -27.79 -5.24 -10.85
CA TYR B 48 -26.36 -5.52 -10.93
C TYR B 48 -25.53 -4.30 -10.50
N GLY B 49 -25.85 -3.14 -11.05
CA GLY B 49 -25.09 -1.89 -10.82
C GLY B 49 -24.98 -1.52 -9.34
N GLU B 50 -25.97 -1.89 -8.55
CA GLU B 50 -25.96 -1.56 -7.12
C GLU B 50 -25.22 -2.55 -6.24
N VAL B 51 -25.05 -3.78 -6.66
CA VAL B 51 -24.37 -4.74 -5.80
C VAL B 51 -22.88 -4.92 -6.13
N VAL B 52 -22.52 -4.75 -7.40
CA VAL B 52 -21.18 -5.08 -7.91
C VAL B 52 -20.13 -4.09 -7.37
N ARG B 53 -18.94 -4.62 -7.08
CA ARG B 53 -17.77 -3.84 -6.86
C ARG B 53 -17.09 -3.83 -8.24
N TRP B 54 -17.19 -2.72 -8.92
CA TRP B 54 -16.64 -2.61 -10.28
C TRP B 54 -15.17 -2.33 -10.18
N GLN B 55 -14.40 -3.38 -9.81
CA GLN B 55 -12.98 -3.26 -9.64
C GLN B 55 -12.25 -3.46 -10.97
N THR B 56 -12.55 -2.64 -11.94
CA THR B 56 -11.86 -2.74 -13.20
C THR B 56 -11.98 -1.37 -13.88
N VAL B 57 -11.51 -1.29 -15.11
CA VAL B 57 -11.51 -0.04 -15.88
C VAL B 57 -12.91 0.49 -16.19
N GLY B 58 -13.06 1.82 -16.19
CA GLY B 58 -14.28 2.42 -16.63
C GLY B 58 -15.44 2.25 -15.60
N GLN B 59 -16.66 2.14 -16.09
CA GLN B 59 -17.84 2.04 -15.21
C GLN B 59 -18.71 0.85 -15.65
N VAL B 60 -19.59 0.39 -14.77
CA VAL B 60 -20.54 -0.67 -15.17
C VAL B 60 -21.28 -0.25 -16.44
N PRO B 61 -21.41 -1.10 -17.49
CA PRO B 61 -22.07 -0.60 -18.70
C PRO B 61 -23.52 -0.17 -18.45
N LYS B 62 -23.94 0.92 -19.11
CA LYS B 62 -25.29 1.50 -18.92
C LYS B 62 -26.45 0.54 -19.12
N GLU B 63 -26.35 -0.32 -20.13
CA GLU B 63 -27.41 -1.33 -20.41
C GLU B 63 -27.32 -2.61 -19.49
N ILE B 64 -26.32 -2.63 -18.63
CA ILE B 64 -26.10 -3.69 -17.68
C ILE B 64 -26.58 -3.27 -16.28
N ALA B 65 -26.33 -2.02 -15.87
CA ALA B 65 -26.47 -1.65 -14.46
C ALA B 65 -27.86 -1.94 -13.85
N ASP B 66 -28.91 -1.91 -14.68
CA ASP B 66 -30.28 -2.20 -14.23
C ASP B 66 -30.72 -3.65 -14.39
N MET B 67 -29.86 -4.50 -14.93
CA MET B 67 -30.22 -5.89 -15.10
C MET B 67 -30.19 -6.58 -13.73
N GLU B 68 -31.20 -7.42 -13.47
CA GLU B 68 -31.24 -8.06 -12.17
C GLU B 68 -30.34 -9.33 -12.09
N ILE B 69 -29.70 -9.53 -10.96
CA ILE B 69 -28.94 -10.73 -10.67
C ILE B 69 -29.91 -11.92 -10.51
N LYS B 70 -29.69 -12.96 -11.32
CA LYS B 70 -30.64 -14.07 -11.48
C LYS B 70 -30.07 -15.39 -10.95
N PRO B 71 -30.90 -16.38 -10.59
CA PRO B 71 -30.34 -17.58 -9.95
C PRO B 71 -29.46 -18.40 -10.92
N THR B 72 -28.48 -19.13 -10.40
CA THR B 72 -27.73 -20.09 -11.19
C THR B 72 -28.54 -21.40 -11.33
N ASP B 73 -29.46 -21.46 -12.29
CA ASP B 73 -30.33 -22.61 -12.42
C ASP B 73 -30.66 -22.82 -13.89
N PRO B 74 -30.31 -24.00 -14.45
CA PRO B 74 -30.53 -24.32 -15.88
C PRO B 74 -31.99 -24.24 -16.33
N LYS B 75 -32.91 -24.50 -15.40
CA LYS B 75 -34.33 -24.50 -15.70
C LYS B 75 -34.90 -23.08 -15.89
N LEU B 76 -34.13 -22.07 -15.47
CA LEU B 76 -34.45 -20.67 -15.72
C LEU B 76 -33.79 -20.12 -17.00
N MET B 77 -33.12 -20.99 -17.78
CA MET B 77 -32.16 -20.54 -18.81
C MET B 77 -32.34 -21.05 -20.25
N ASP B 78 -33.60 -21.36 -20.61
CA ASP B 78 -33.99 -21.74 -21.98
C ASP B 78 -33.41 -20.84 -23.06
N ASP B 79 -33.38 -19.52 -22.82
CA ASP B 79 -32.99 -18.59 -23.88
C ASP B 79 -31.48 -18.36 -24.11
N VAL B 80 -30.67 -18.99 -23.27
CA VAL B 80 -29.20 -18.76 -23.21
C VAL B 80 -28.50 -19.75 -24.14
N ASP B 81 -27.50 -19.28 -24.90
CA ASP B 81 -26.73 -20.15 -25.82
C ASP B 81 -25.39 -20.66 -25.28
N ILE B 82 -24.74 -19.88 -24.41
CA ILE B 82 -23.43 -20.20 -23.94
C ILE B 82 -23.40 -19.91 -22.43
N ILE B 83 -22.74 -20.78 -21.66
CA ILE B 83 -22.45 -20.47 -20.25
C ILE B 83 -20.96 -20.17 -20.02
N PHE B 84 -20.65 -19.02 -19.39
CA PHE B 84 -19.34 -18.74 -18.84
C PHE B 84 -19.33 -18.95 -17.34
N SER B 85 -18.42 -19.78 -16.87
CA SER B 85 -18.42 -20.25 -15.48
C SER B 85 -17.14 -20.02 -14.68
N PRO B 86 -17.04 -18.86 -13.98
CA PRO B 86 -15.94 -18.62 -13.03
C PRO B 86 -16.43 -18.82 -11.60
N LEU B 87 -16.75 -20.04 -11.22
CA LEU B 87 -17.29 -20.32 -9.91
C LEU B 87 -16.16 -20.83 -9.00
N PRO B 88 -16.33 -20.74 -7.67
CA PRO B 88 -15.26 -21.19 -6.76
C PRO B 88 -15.05 -22.72 -6.80
N GLN B 89 -13.79 -23.11 -6.65
CA GLN B 89 -13.30 -24.46 -6.47
C GLN B 89 -14.22 -25.30 -5.54
N GLY B 90 -14.80 -26.38 -6.05
CA GLY B 90 -15.72 -27.19 -5.29
C GLY B 90 -17.17 -27.00 -5.68
N ALA B 91 -17.60 -25.76 -5.79
CA ALA B 91 -18.97 -25.47 -6.14
C ALA B 91 -19.15 -25.62 -7.66
N ALA B 92 -18.06 -25.37 -8.38
CA ALA B 92 -18.09 -25.30 -9.86
C ALA B 92 -18.36 -26.66 -10.56
N GLY B 93 -17.63 -27.70 -10.14
CA GLY B 93 -17.65 -29.02 -10.79
C GLY B 93 -19.04 -29.53 -11.06
N PRO B 94 -19.84 -29.67 -10.01
CA PRO B 94 -21.12 -30.30 -10.19
C PRO B 94 -22.09 -29.41 -11.00
N VAL B 95 -22.01 -28.10 -10.80
CA VAL B 95 -22.89 -27.14 -11.53
C VAL B 95 -22.53 -27.19 -13.01
N GLU B 96 -21.24 -27.23 -13.29
CA GLU B 96 -20.81 -27.26 -14.68
C GLU B 96 -21.31 -28.52 -15.37
N GLU B 97 -21.27 -29.66 -14.66
CA GLU B 97 -21.88 -30.90 -15.16
C GLU B 97 -23.38 -30.81 -15.45
N GLN B 98 -24.13 -30.18 -14.55
CA GLN B 98 -25.59 -30.03 -14.75
C GLN B 98 -25.87 -29.23 -16.02
N PHE B 99 -25.11 -28.15 -16.22
CA PHE B 99 -25.27 -27.34 -17.42
C PHE B 99 -24.97 -28.13 -18.70
N ALA B 100 -23.83 -28.86 -18.72
CA ALA B 100 -23.49 -29.71 -19.88
C ALA B 100 -24.59 -30.76 -20.11
N LYS B 101 -24.99 -31.44 -19.05
CA LYS B 101 -26.12 -32.40 -19.15
C LYS B 101 -27.44 -31.78 -19.69
N GLU B 102 -27.65 -30.47 -19.46
CA GLU B 102 -28.83 -29.77 -20.03
C GLU B 102 -28.55 -29.25 -21.44
N GLY B 103 -27.41 -29.59 -22.01
CA GLY B 103 -27.18 -29.25 -23.41
C GLY B 103 -26.37 -27.99 -23.66
N PHE B 104 -25.93 -27.30 -22.60
CA PHE B 104 -25.21 -26.03 -22.76
C PHE B 104 -23.74 -26.25 -23.02
N PRO B 105 -23.14 -25.45 -23.91
CA PRO B 105 -21.71 -25.34 -23.94
C PRO B 105 -21.28 -24.52 -22.75
N VAL B 106 -20.34 -25.06 -21.99
CA VAL B 106 -19.83 -24.42 -20.79
C VAL B 106 -18.33 -24.09 -20.94
N ILE B 107 -17.96 -22.80 -20.78
CA ILE B 107 -16.59 -22.41 -20.81
C ILE B 107 -16.28 -22.01 -19.35
N SER B 108 -15.44 -22.78 -18.67
CA SER B 108 -15.21 -22.60 -17.26
C SER B 108 -13.84 -22.08 -17.00
N ASN B 109 -13.74 -21.14 -16.04
CA ASN B 109 -12.46 -20.70 -15.56
C ASN B 109 -12.12 -21.35 -14.19
N SER B 110 -12.92 -22.30 -13.75
CA SER B 110 -12.73 -22.91 -12.41
C SER B 110 -11.75 -24.07 -12.49
N PRO B 111 -11.10 -24.42 -11.39
CA PRO B 111 -10.13 -25.55 -11.42
C PRO B 111 -10.71 -26.96 -11.52
N ASP B 112 -12.02 -27.14 -11.26
CA ASP B 112 -12.55 -28.46 -10.89
C ASP B 112 -12.37 -29.50 -12.01
N HIS B 113 -12.66 -29.09 -13.25
CA HIS B 113 -12.57 -30.02 -14.38
C HIS B 113 -11.24 -29.94 -15.16
N ARG B 114 -10.27 -29.15 -14.67
CA ARG B 114 -9.07 -28.83 -15.48
C ARG B 114 -8.20 -30.08 -15.81
N PHE B 115 -8.30 -31.14 -14.99
CA PHE B 115 -7.51 -32.33 -15.31
C PHE B 115 -8.31 -33.52 -15.81
N ASP B 116 -9.61 -33.32 -16.05
CA ASP B 116 -10.39 -34.41 -16.61
C ASP B 116 -9.78 -34.63 -18.02
N PRO B 117 -9.36 -35.86 -18.32
CA PRO B 117 -8.68 -36.09 -19.60
C PRO B 117 -9.58 -35.87 -20.83
N ASP B 118 -10.90 -35.97 -20.68
CA ASP B 118 -11.80 -35.63 -21.77
C ASP B 118 -12.23 -34.16 -21.80
N VAL B 119 -11.65 -33.32 -20.95
CA VAL B 119 -11.95 -31.88 -20.88
C VAL B 119 -10.75 -31.03 -21.30
N PRO B 120 -10.91 -30.13 -22.29
CA PRO B 120 -9.79 -29.29 -22.75
C PRO B 120 -9.31 -28.30 -21.68
N LEU B 121 -7.99 -28.15 -21.52
CA LEU B 121 -7.43 -27.16 -20.64
C LEU B 121 -6.82 -26.16 -21.62
N LEU B 122 -7.61 -25.18 -22.02
CA LEU B 122 -7.39 -24.51 -23.31
C LEU B 122 -6.73 -23.14 -23.25
N VAL B 123 -5.60 -23.02 -23.94
CA VAL B 123 -5.02 -21.73 -24.27
C VAL B 123 -5.08 -21.66 -25.81
N PRO B 124 -5.97 -20.85 -26.38
CA PRO B 124 -6.34 -20.97 -27.78
C PRO B 124 -5.11 -20.87 -28.72
N GLU B 125 -4.11 -20.05 -28.33
CA GLU B 125 -2.88 -19.98 -29.15
C GLU B 125 -1.96 -21.20 -29.04
N LEU B 126 -2.10 -22.01 -27.98
CA LEU B 126 -1.11 -23.09 -27.74
C LEU B 126 -1.61 -24.49 -28.09
N ASN B 127 -2.84 -24.78 -27.71
CA ASN B 127 -3.37 -26.11 -27.91
C ASN B 127 -4.80 -26.12 -28.46
N PRO B 128 -5.06 -25.33 -29.49
CA PRO B 128 -6.42 -25.24 -30.03
C PRO B 128 -7.04 -26.57 -30.53
N HIS B 129 -6.22 -27.53 -30.94
CA HIS B 129 -6.69 -28.83 -31.45
C HIS B 129 -7.35 -29.69 -30.39
N THR B 130 -7.04 -29.41 -29.11
CA THR B 130 -7.62 -30.19 -27.99
C THR B 130 -9.16 -29.95 -27.81
N ILE B 131 -9.75 -28.99 -28.54
CA ILE B 131 -11.23 -28.87 -28.55
C ILE B 131 -11.86 -30.17 -29.02
N SER B 132 -11.08 -30.95 -29.75
CA SER B 132 -11.53 -32.26 -30.24
C SER B 132 -11.92 -33.24 -29.17
N LEU B 133 -11.38 -33.04 -27.97
CA LEU B 133 -11.74 -33.88 -26.83
C LEU B 133 -13.25 -33.85 -26.57
N ILE B 134 -13.92 -32.79 -27.01
CA ILE B 134 -15.38 -32.66 -26.86
C ILE B 134 -16.18 -33.88 -27.40
N ASP B 135 -15.81 -34.37 -28.58
CA ASP B 135 -16.50 -35.54 -29.17
C ASP B 135 -16.52 -36.78 -28.26
N GLU B 136 -15.35 -37.19 -27.81
CA GLU B 136 -15.22 -38.25 -26.81
C GLU B 136 -15.95 -37.91 -25.51
N GLN B 137 -15.76 -36.68 -25.00
CA GLN B 137 -16.46 -36.19 -23.80
C GLN B 137 -17.95 -36.43 -23.87
N ARG B 138 -18.58 -35.93 -24.93
CA ARG B 138 -20.03 -36.07 -25.11
C ARG B 138 -20.44 -37.52 -25.15
N LYS B 139 -19.70 -38.34 -25.90
CA LYS B 139 -20.00 -39.78 -25.99
C LYS B 139 -19.95 -40.46 -24.61
N ARG B 140 -18.82 -40.31 -23.94
CA ARG B 140 -18.58 -41.02 -22.71
C ARG B 140 -19.35 -40.47 -21.51
N ARG B 141 -19.47 -39.15 -21.39
CA ARG B 141 -20.28 -38.55 -20.31
C ARG B 141 -21.76 -38.69 -20.60
N GLU B 142 -22.07 -39.06 -21.84
CA GLU B 142 -23.43 -39.16 -22.34
C GLU B 142 -24.23 -37.87 -22.07
N TRP B 143 -23.61 -36.74 -22.42
CA TRP B 143 -24.31 -35.47 -22.42
C TRP B 143 -24.22 -34.70 -23.76
N LYS B 144 -25.16 -33.80 -24.04
CA LYS B 144 -25.26 -33.06 -25.32
C LYS B 144 -24.46 -31.77 -25.31
N GLY B 145 -24.28 -31.18 -24.13
CA GLY B 145 -23.47 -29.98 -23.97
C GLY B 145 -21.99 -30.35 -23.86
N PHE B 146 -21.17 -29.45 -23.36
CA PHE B 146 -19.78 -29.83 -23.01
C PHE B 146 -19.18 -28.87 -22.02
N ILE B 147 -18.04 -29.24 -21.42
CA ILE B 147 -17.23 -28.36 -20.60
C ILE B 147 -15.85 -28.21 -21.29
N VAL B 148 -15.34 -26.97 -21.33
CA VAL B 148 -13.99 -26.59 -21.73
C VAL B 148 -13.54 -25.70 -20.54
N THR B 149 -12.28 -25.86 -20.10
CA THR B 149 -11.70 -25.04 -19.04
C THR B 149 -10.56 -24.16 -19.59
N THR B 150 -10.30 -23.08 -18.87
CA THR B 150 -9.13 -22.27 -19.11
C THR B 150 -8.19 -22.52 -17.93
N PRO B 151 -6.88 -22.37 -18.11
CA PRO B 151 -5.96 -22.71 -17.04
C PRO B 151 -5.83 -21.59 -15.98
N LEU B 152 -5.34 -21.99 -14.81
CA LEU B 152 -4.91 -21.07 -13.73
C LEU B 152 -4.17 -19.89 -14.37
N CYS B 153 -4.53 -18.64 -14.04
CA CYS B 153 -3.87 -17.47 -14.64
CA CYS B 153 -3.87 -17.53 -14.69
C CYS B 153 -2.36 -17.57 -14.47
N THR B 154 -1.92 -17.93 -13.26
CA THR B 154 -0.46 -17.96 -13.03
C THR B 154 0.24 -18.97 -13.99
N ALA B 155 -0.41 -20.11 -14.23
CA ALA B 155 0.12 -21.12 -15.16
C ALA B 155 0.12 -20.54 -16.61
N GLN B 156 -0.88 -19.72 -16.98
CA GLN B 156 -0.83 -19.15 -18.36
C GLN B 156 0.30 -18.15 -18.51
N GLY B 157 0.58 -17.40 -17.44
CA GLY B 157 1.60 -16.35 -17.48
C GLY B 157 2.93 -17.00 -17.82
N ALA B 158 3.11 -18.25 -17.42
CA ALA B 158 4.33 -19.02 -17.76
C ALA B 158 4.22 -19.83 -19.03
N ALA B 159 3.13 -20.61 -19.18
CA ALA B 159 2.97 -21.52 -20.28
C ALA B 159 2.90 -20.80 -21.61
N ILE B 160 2.40 -19.56 -21.65
CA ILE B 160 2.35 -18.93 -22.97
C ILE B 160 3.81 -18.70 -23.55
N PRO B 161 4.65 -17.99 -22.83
CA PRO B 161 6.05 -17.80 -23.31
C PRO B 161 6.81 -19.12 -23.30
N LEU B 162 6.57 -19.99 -22.30
CA LEU B 162 7.33 -21.25 -22.30
C LEU B 162 6.91 -22.14 -23.46
N GLY B 163 5.61 -22.13 -23.76
CA GLY B 163 5.07 -22.94 -24.88
C GLY B 163 5.62 -22.46 -26.20
N ALA B 164 5.76 -21.13 -26.34
CA ALA B 164 6.35 -20.61 -27.62
C ALA B 164 7.81 -21.02 -27.77
N ILE B 165 8.53 -21.05 -26.67
CA ILE B 165 9.94 -21.49 -26.64
C ILE B 165 10.06 -23.01 -26.87
N PHE B 166 9.23 -23.79 -26.17
CA PHE B 166 9.33 -25.26 -26.22
C PHE B 166 9.07 -25.79 -27.62
N LYS B 167 8.20 -25.09 -28.34
CA LYS B 167 7.93 -25.34 -29.76
C LYS B 167 9.20 -25.39 -30.61
N ASP B 168 10.11 -24.46 -30.36
CA ASP B 168 11.22 -24.24 -31.30
C ASP B 168 12.59 -24.51 -30.71
N TYR B 169 12.66 -24.70 -29.40
CA TYR B 169 13.96 -24.88 -28.75
C TYR B 169 14.02 -26.12 -27.85
N LYS B 170 15.26 -26.56 -27.54
CA LYS B 170 15.47 -27.72 -26.67
C LYS B 170 15.46 -27.30 -25.20
N MET B 171 14.33 -26.79 -24.78
CA MET B 171 14.15 -26.30 -23.41
C MET B 171 14.16 -27.50 -22.46
N ASP B 172 15.02 -27.46 -21.44
CA ASP B 172 14.96 -28.55 -20.45
C ASP B 172 14.69 -28.15 -19.01
N GLY B 173 14.40 -26.87 -18.79
CA GLY B 173 14.02 -26.45 -17.47
C GLY B 173 13.49 -25.02 -17.48
N ALA B 174 12.63 -24.71 -16.52
CA ALA B 174 12.17 -23.32 -16.27
C ALA B 174 11.91 -23.20 -14.78
N PHE B 175 12.52 -22.17 -14.15
CA PHE B 175 12.59 -22.03 -12.70
C PHE B 175 12.00 -20.64 -12.44
N ILE B 176 10.81 -20.64 -11.86
CA ILE B 176 9.92 -19.47 -11.95
C ILE B 176 9.68 -18.87 -10.57
N THR B 177 9.59 -17.54 -10.53
CA THR B 177 9.18 -16.84 -9.27
C THR B 177 8.00 -15.92 -9.64
N THR B 178 6.90 -16.00 -8.89
CA THR B 178 5.69 -15.22 -9.28
C THR B 178 5.39 -14.20 -8.16
N ILE B 179 4.89 -13.05 -8.64
CA ILE B 179 4.54 -11.97 -7.73
C ILE B 179 3.13 -11.59 -8.20
N GLN B 180 2.10 -12.16 -7.56
CA GLN B 180 0.75 -12.07 -8.11
C GLN B 180 -0.10 -11.03 -7.43
N SER B 181 -1.14 -10.58 -8.12
CA SER B 181 -2.03 -9.56 -7.63
C SER B 181 -3.16 -10.09 -6.73
N LEU B 182 -3.83 -9.17 -6.02
CA LEU B 182 -4.86 -9.51 -5.05
C LEU B 182 -6.08 -10.07 -5.74
N SER B 183 -6.34 -9.59 -6.94
CA SER B 183 -7.64 -9.93 -7.53
C SER B 183 -7.72 -11.42 -7.88
N GLY B 184 -6.56 -12.07 -8.06
CA GLY B 184 -6.56 -13.54 -8.37
C GLY B 184 -7.22 -14.34 -7.28
N ALA B 185 -7.27 -13.77 -6.05
CA ALA B 185 -7.85 -14.53 -4.93
C ALA B 185 -9.30 -14.28 -4.75
N GLY B 186 -9.86 -13.38 -5.55
CA GLY B 186 -11.28 -13.08 -5.37
C GLY B 186 -11.57 -12.12 -4.21
N TYR B 187 -12.85 -12.04 -3.86
CA TYR B 187 -13.33 -11.14 -2.83
C TYR B 187 -14.28 -11.94 -1.96
N PRO B 188 -14.06 -11.93 -0.62
CA PRO B 188 -13.10 -11.11 0.18
C PRO B 188 -11.64 -11.48 -0.02
N GLY B 189 -11.37 -12.70 -0.53
CA GLY B 189 -10.03 -13.09 -0.90
C GLY B 189 -8.98 -12.82 0.19
N ILE B 190 -7.93 -12.10 -0.17
CA ILE B 190 -6.72 -12.00 0.69
C ILE B 190 -6.98 -10.93 1.81
N PRO B 191 -6.74 -11.27 3.08
CA PRO B 191 -6.98 -10.26 4.18
C PRO B 191 -5.96 -9.08 3.95
N SER B 192 -6.37 -7.85 4.24
CA SER B 192 -5.43 -6.70 4.04
C SER B 192 -4.20 -6.87 4.90
N LEU B 193 -4.30 -7.48 6.10
CA LEU B 193 -3.16 -7.61 6.95
C LEU B 193 -2.12 -8.60 6.46
N ASP B 194 -2.49 -9.44 5.52
CA ASP B 194 -1.47 -10.34 4.91
C ASP B 194 -0.53 -9.68 3.92
N VAL B 195 -0.92 -8.53 3.39
CA VAL B 195 -0.15 -7.93 2.29
C VAL B 195 0.32 -6.50 2.52
N VAL B 196 -0.19 -5.81 3.53
CA VAL B 196 0.39 -4.47 3.85
C VAL B 196 1.79 -4.64 4.44
N ASP B 197 2.79 -4.04 3.81
CA ASP B 197 4.16 -4.15 4.31
C ASP B 197 4.56 -5.64 4.49
N ASN B 198 4.21 -6.50 3.51
CA ASN B 198 4.46 -7.93 3.57
C ASN B 198 4.45 -8.53 2.16
N ILE B 199 5.03 -9.72 2.04
CA ILE B 199 4.91 -10.54 0.84
C ILE B 199 4.30 -11.87 1.35
N LEU B 200 3.27 -12.36 0.67
CA LEU B 200 2.57 -13.55 1.15
C LEU B 200 2.94 -14.71 0.18
N PRO B 201 3.74 -15.69 0.61
CA PRO B 201 3.99 -16.93 -0.19
C PRO B 201 2.72 -17.76 -0.16
N LEU B 202 2.36 -18.31 -1.32
CA LEU B 202 1.14 -19.14 -1.40
C LEU B 202 1.31 -20.59 -0.97
N GLY B 203 2.55 -21.10 -0.99
CA GLY B 203 2.79 -22.42 -0.39
C GLY B 203 3.08 -23.52 -1.40
N ASP B 204 3.34 -24.73 -0.89
CA ASP B 204 3.79 -25.86 -1.76
C ASP B 204 2.65 -26.32 -2.65
N GLY B 205 1.43 -26.40 -2.08
CA GLY B 205 0.22 -26.77 -2.86
C GLY B 205 0.04 -25.94 -4.10
N TYR B 206 0.13 -24.61 -3.95
CA TYR B 206 -0.12 -23.71 -5.04
C TYR B 206 1.09 -23.81 -6.02
N ASP B 207 2.33 -23.86 -5.51
CA ASP B 207 3.50 -24.03 -6.41
C ASP B 207 3.27 -25.30 -7.26
N ALA B 208 2.81 -26.38 -6.62
CA ALA B 208 2.69 -27.73 -7.28
C ALA B 208 1.60 -27.71 -8.32
N LYS B 209 0.50 -27.06 -7.98
CA LYS B 209 -0.60 -27.04 -8.98
C LYS B 209 -0.29 -26.17 -10.19
N THR B 210 0.47 -25.10 -9.98
CA THR B 210 0.89 -24.24 -11.04
C THR B 210 1.74 -25.06 -12.05
N ILE B 211 2.73 -25.81 -11.57
CA ILE B 211 3.54 -26.56 -12.57
C ILE B 211 2.80 -27.75 -13.15
N LYS B 212 1.86 -28.30 -12.40
CA LYS B 212 1.08 -29.42 -12.95
C LYS B 212 0.28 -28.95 -14.17
N GLU B 213 -0.28 -27.73 -14.06
CA GLU B 213 -1.06 -27.19 -15.16
C GLU B 213 -0.14 -26.81 -16.34
N ILE B 214 0.98 -26.20 -16.03
CA ILE B 214 1.97 -25.91 -17.10
C ILE B 214 2.36 -27.25 -17.81
N PHE B 215 2.60 -28.33 -17.06
CA PHE B 215 2.95 -29.60 -17.77
C PHE B 215 1.87 -30.06 -18.70
N ARG B 216 0.60 -29.99 -18.25
CA ARG B 216 -0.46 -30.49 -19.13
C ARG B 216 -0.55 -29.65 -20.39
N ILE B 217 -0.47 -28.33 -20.23
CA ILE B 217 -0.54 -27.46 -21.40
C ILE B 217 0.65 -27.75 -22.39
N LEU B 218 1.87 -27.77 -21.88
CA LEU B 218 3.05 -28.06 -22.73
C LEU B 218 2.96 -29.42 -23.43
N SER B 219 2.38 -30.41 -22.74
CA SER B 219 2.25 -31.77 -23.27
C SER B 219 1.37 -31.79 -24.51
N GLU B 220 0.61 -30.72 -24.73
CA GLU B 220 -0.33 -30.62 -25.85
C GLU B 220 0.08 -29.61 -26.95
N VAL B 221 1.22 -28.98 -26.78
CA VAL B 221 1.75 -28.09 -27.79
C VAL B 221 2.42 -28.94 -28.87
N LYS B 222 2.12 -28.64 -30.12
CA LYS B 222 2.75 -29.33 -31.27
C LYS B 222 4.11 -28.71 -31.52
N ARG B 223 5.18 -29.48 -31.36
CA ARG B 223 6.51 -28.91 -31.42
C ARG B 223 7.12 -28.96 -32.81
N ASN B 224 8.07 -28.06 -33.10
CA ASN B 224 8.87 -28.18 -34.35
C ASN B 224 10.23 -28.86 -34.15
N VAL B 225 10.53 -29.19 -32.90
CA VAL B 225 11.72 -29.99 -32.58
C VAL B 225 11.28 -31.10 -31.64
N ASP B 226 12.13 -32.08 -31.33
CA ASP B 226 11.64 -33.14 -30.47
C ASP B 226 12.55 -33.53 -29.30
N GLU B 227 13.45 -32.64 -28.86
CA GLU B 227 14.29 -32.89 -27.71
C GLU B 227 14.20 -31.68 -26.77
N PRO B 228 14.23 -31.88 -25.44
CA PRO B 228 14.14 -33.17 -24.78
C PRO B 228 12.66 -33.60 -24.81
N LYS B 229 12.36 -34.81 -24.32
CA LYS B 229 10.98 -35.19 -24.09
C LYS B 229 10.52 -34.45 -22.85
N LEU B 230 9.22 -34.19 -22.79
CA LEU B 230 8.69 -33.35 -21.72
C LEU B 230 8.92 -33.96 -20.35
N GLU B 231 8.93 -35.31 -20.29
CA GLU B 231 9.24 -36.09 -19.05
C GLU B 231 10.56 -35.77 -18.41
N ASP B 232 11.49 -35.27 -19.22
CA ASP B 232 12.79 -34.85 -18.72
C ASP B 232 12.93 -33.32 -18.60
N VAL B 233 11.84 -32.56 -18.70
CA VAL B 233 11.89 -31.11 -18.44
C VAL B 233 11.67 -30.86 -16.96
N SER B 234 12.52 -30.04 -16.34
CA SER B 234 12.33 -29.71 -14.92
C SER B 234 11.62 -28.38 -14.79
N LEU B 235 10.45 -28.34 -14.13
CA LEU B 235 9.78 -27.08 -13.91
C LEU B 235 9.68 -26.87 -12.42
N ALA B 236 9.80 -25.63 -11.98
CA ALA B 236 9.57 -25.32 -10.54
C ALA B 236 9.03 -23.89 -10.44
N ALA B 237 8.13 -23.68 -9.47
CA ALA B 237 7.60 -22.34 -9.20
C ALA B 237 7.66 -22.02 -7.69
N THR B 238 7.85 -20.74 -7.40
CA THR B 238 7.77 -20.23 -6.04
C THR B 238 6.83 -19.01 -6.14
N THR B 239 5.63 -19.17 -5.61
CA THR B 239 4.54 -18.22 -5.86
C THR B 239 4.21 -17.38 -4.63
N HIS B 240 3.79 -16.12 -4.88
CA HIS B 240 3.53 -15.15 -3.83
C HIS B 240 2.42 -14.21 -4.32
N ARG B 241 1.75 -13.55 -3.36
CA ARG B 241 0.87 -12.38 -3.67
C ARG B 241 1.37 -11.17 -2.93
N ILE B 242 1.23 -10.01 -3.58
CA ILE B 242 1.47 -8.71 -2.92
C ILE B 242 0.25 -7.78 -3.18
N ALA B 243 0.34 -6.54 -2.72
CA ALA B 243 -0.77 -5.58 -2.78
C ALA B 243 -0.89 -4.86 -4.17
N THR B 244 -0.78 -5.60 -5.28
CA THR B 244 -1.17 -5.05 -6.60
C THR B 244 -2.63 -5.47 -6.87
N ILE B 245 -3.35 -4.70 -7.71
CA ILE B 245 -4.76 -5.01 -7.89
C ILE B 245 -4.95 -6.07 -8.99
N HIS B 246 -4.37 -5.83 -10.19
CA HIS B 246 -4.41 -6.80 -11.31
C HIS B 246 -3.00 -6.93 -11.85
N GLY B 247 -2.73 -8.10 -12.42
CA GLY B 247 -1.48 -8.34 -13.12
C GLY B 247 -0.59 -9.26 -12.33
N HIS B 248 -0.18 -10.36 -12.97
CA HIS B 248 0.64 -11.34 -12.26
C HIS B 248 1.98 -11.25 -12.95
N TYR B 249 3.02 -11.01 -12.15
CA TYR B 249 4.38 -10.77 -12.69
C TYR B 249 5.22 -12.00 -12.41
N GLU B 250 5.95 -12.50 -13.39
CA GLU B 250 6.76 -13.75 -13.15
C GLU B 250 8.17 -13.57 -13.70
N VAL B 251 9.15 -14.12 -12.97
CA VAL B 251 10.55 -14.12 -13.41
C VAL B 251 10.87 -15.57 -13.76
N LEU B 252 11.36 -15.79 -14.98
CA LEU B 252 11.63 -17.16 -15.49
C LEU B 252 13.10 -17.29 -15.86
N TYR B 253 13.77 -18.26 -15.25
CA TYR B 253 15.06 -18.69 -15.70
C TYR B 253 14.86 -19.99 -16.46
N VAL B 254 15.22 -19.95 -17.72
CA VAL B 254 14.89 -21.03 -18.68
C VAL B 254 16.20 -21.60 -19.16
N SER B 255 16.33 -22.92 -18.96
CA SER B 255 17.52 -23.64 -19.39
C SER B 255 17.25 -24.48 -20.62
N PHE B 256 18.33 -24.74 -21.37
CA PHE B 256 18.29 -25.47 -22.64
C PHE B 256 19.33 -26.61 -22.60
N LYS B 257 19.03 -27.64 -23.37
CA LYS B 257 19.88 -28.81 -23.53
C LYS B 257 21.17 -28.47 -24.28
N GLU B 258 21.12 -27.44 -25.11
CA GLU B 258 22.25 -27.07 -25.94
C GLU B 258 22.31 -25.56 -26.00
N GLU B 259 23.46 -25.06 -26.42
CA GLU B 259 23.70 -23.63 -26.52
C GLU B 259 22.56 -22.97 -27.33
N THR B 260 21.98 -21.92 -26.76
CA THR B 260 20.80 -21.27 -27.32
C THR B 260 20.94 -19.77 -27.09
N ALA B 261 20.70 -18.98 -28.13
CA ALA B 261 20.89 -17.52 -28.05
C ALA B 261 19.65 -16.75 -27.55
N ALA B 262 19.83 -15.91 -26.52
CA ALA B 262 18.75 -15.04 -26.04
C ALA B 262 18.11 -14.23 -27.16
N GLU B 263 18.90 -13.73 -28.12
CA GLU B 263 18.35 -12.91 -29.18
C GLU B 263 17.43 -13.73 -30.14
N LYS B 264 17.78 -14.99 -30.38
CA LYS B 264 16.94 -15.87 -31.20
C LYS B 264 15.60 -16.17 -30.48
N VAL B 265 15.67 -16.47 -29.19
CA VAL B 265 14.47 -16.73 -28.38
C VAL B 265 13.60 -15.49 -28.35
N LYS B 266 14.24 -14.34 -28.18
CA LYS B 266 13.51 -13.07 -28.22
C LYS B 266 12.74 -12.88 -29.53
N GLU B 267 13.35 -13.23 -30.66
CA GLU B 267 12.64 -13.12 -31.93
C GLU B 267 11.51 -14.13 -32.04
N THR B 268 11.71 -15.34 -31.51
CA THR B 268 10.65 -16.34 -31.51
C THR B 268 9.47 -15.81 -30.73
N LEU B 269 9.74 -15.18 -29.57
CA LEU B 269 8.67 -14.61 -28.75
C LEU B 269 7.92 -13.47 -29.49
N GLU B 270 8.67 -12.52 -30.02
CA GLU B 270 8.12 -11.43 -30.83
C GLU B 270 7.19 -11.93 -31.94
N ASN B 271 7.63 -12.98 -32.64
CA ASN B 271 6.89 -13.49 -33.80
C ASN B 271 5.79 -14.51 -33.53
N PHE B 272 5.53 -14.77 -32.26
CA PHE B 272 4.62 -15.85 -31.85
C PHE B 272 3.21 -15.51 -32.29
N ARG B 273 2.59 -16.42 -33.05
CA ARG B 273 1.16 -16.35 -33.27
C ARG B 273 0.62 -17.76 -33.49
N GLY B 274 -0.69 -17.91 -33.33
CA GLY B 274 -1.34 -19.21 -33.47
C GLY B 274 -2.66 -19.14 -34.21
N GLU B 275 -3.44 -20.21 -34.09
CA GLU B 275 -4.71 -20.32 -34.84
C GLU B 275 -5.67 -19.15 -34.54
N PRO B 276 -5.74 -18.61 -33.29
CA PRO B 276 -6.66 -17.48 -33.06
C PRO B 276 -6.32 -16.25 -33.90
N GLN B 277 -5.03 -16.00 -34.10
CA GLN B 277 -4.62 -14.92 -35.00
C GLN B 277 -4.94 -15.25 -36.47
N ASP B 278 -4.62 -16.46 -36.91
CA ASP B 278 -4.89 -16.85 -38.31
C ASP B 278 -6.37 -16.73 -38.60
N LEU B 279 -7.19 -17.04 -37.60
CA LEU B 279 -8.64 -16.98 -37.77
C LEU B 279 -9.20 -15.56 -37.58
N LYS B 280 -8.38 -14.62 -37.11
CA LYS B 280 -8.90 -13.28 -36.77
C LYS B 280 -10.13 -13.36 -35.82
N LEU B 281 -10.02 -14.08 -34.71
CA LEU B 281 -11.15 -14.13 -33.77
C LEU B 281 -11.26 -12.75 -33.14
N PRO B 282 -12.49 -12.30 -32.84
CA PRO B 282 -12.62 -10.90 -32.35
C PRO B 282 -11.76 -10.56 -31.12
N THR B 283 -11.55 -11.52 -30.22
CA THR B 283 -10.81 -11.22 -28.96
C THR B 283 -9.37 -11.68 -29.03
N ALA B 284 -8.91 -12.14 -30.21
CA ALA B 284 -7.53 -12.59 -30.36
C ALA B 284 -6.62 -11.36 -30.48
N PRO B 285 -5.61 -11.22 -29.61
CA PRO B 285 -4.65 -10.11 -29.74
C PRO B 285 -3.87 -10.26 -31.07
N SER B 286 -3.48 -9.16 -31.70
CA SER B 286 -2.59 -9.24 -32.86
C SER B 286 -1.23 -9.85 -32.46
N LYS B 287 -0.81 -9.55 -31.25
CA LYS B 287 0.50 -9.96 -30.72
C LYS B 287 0.23 -10.62 -29.39
N PRO B 288 -0.07 -11.93 -29.39
CA PRO B 288 -0.39 -12.58 -28.08
C PRO B 288 0.77 -12.47 -27.13
N ILE B 289 1.99 -12.37 -27.65
CA ILE B 289 3.16 -12.03 -26.78
C ILE B 289 3.77 -10.72 -27.31
N ILE B 290 3.80 -9.71 -26.44
CA ILE B 290 4.45 -8.41 -26.74
C ILE B 290 5.79 -8.43 -26.07
N VAL B 291 6.86 -8.06 -26.79
CA VAL B 291 8.18 -8.04 -26.13
C VAL B 291 8.59 -6.60 -25.87
N MET B 292 8.99 -6.29 -24.64
CA MET B 292 9.53 -4.92 -24.41
C MET B 292 11.05 -5.00 -24.23
N ASN B 293 11.71 -3.93 -24.65
CA ASN B 293 13.16 -3.85 -24.62
C ASN B 293 13.79 -3.06 -23.50
N GLU B 294 13.03 -2.22 -22.77
CA GLU B 294 13.65 -1.40 -21.69
C GLU B 294 13.97 -2.26 -20.47
N ASP B 295 15.08 -2.00 -19.76
CA ASP B 295 15.46 -2.88 -18.66
C ASP B 295 14.62 -2.59 -17.42
N THR B 296 13.60 -1.70 -17.50
CA THR B 296 12.68 -1.62 -16.32
C THR B 296 11.23 -1.93 -16.70
N ARG B 297 11.03 -2.64 -17.84
CA ARG B 297 9.71 -3.01 -18.32
C ARG B 297 9.66 -4.53 -18.64
N PRO B 298 8.48 -5.17 -18.56
CA PRO B 298 7.17 -4.60 -18.22
C PRO B 298 7.09 -4.20 -16.73
N GLN B 299 6.24 -3.23 -16.46
CA GLN B 299 5.81 -2.96 -15.05
C GLN B 299 4.32 -3.21 -14.93
N VAL B 300 3.91 -3.73 -13.79
CA VAL B 300 2.54 -4.17 -13.58
C VAL B 300 1.57 -3.05 -13.93
N TYR B 301 1.77 -1.84 -13.38
CA TYR B 301 0.72 -0.79 -13.47
C TYR B 301 0.61 -0.36 -14.93
N PHE B 302 1.78 -0.31 -15.63
CA PHE B 302 1.86 0.35 -16.96
C PHE B 302 1.57 -0.56 -18.16
N ASP B 303 1.70 -1.87 -17.94
CA ASP B 303 1.72 -2.85 -19.06
C ASP B 303 0.67 -3.94 -18.97
N ARG B 304 -0.14 -3.93 -17.90
CA ARG B 304 -1.17 -4.93 -17.74
C ARG B 304 -2.37 -4.72 -18.68
N TRP B 305 -2.53 -3.52 -19.23
CA TRP B 305 -3.58 -3.31 -20.24
C TRP B 305 -3.02 -3.12 -21.64
N ALA B 306 -1.87 -3.68 -21.90
CA ALA B 306 -1.20 -3.46 -23.20
C ALA B 306 -1.91 -4.26 -24.31
N GLY B 307 -1.65 -3.85 -25.56
CA GLY B 307 -2.12 -4.61 -26.72
C GLY B 307 -3.35 -4.03 -27.39
N ASP B 308 -3.59 -4.43 -28.65
CA ASP B 308 -4.77 -3.94 -29.38
C ASP B 308 -6.08 -4.40 -28.75
N ILE B 309 -6.04 -5.56 -28.08
CA ILE B 309 -7.17 -6.02 -27.24
C ILE B 309 -6.66 -5.93 -25.79
N PRO B 310 -7.03 -4.86 -25.06
CA PRO B 310 -6.31 -4.56 -23.84
C PRO B 310 -6.41 -5.71 -22.85
N GLY B 311 -5.25 -6.13 -22.31
CA GLY B 311 -5.24 -7.21 -21.28
C GLY B 311 -5.18 -8.67 -21.80
N MET B 312 -5.25 -8.83 -23.11
CA MET B 312 -5.18 -10.14 -23.81
C MET B 312 -3.77 -10.60 -24.19
N SER B 313 -2.77 -9.70 -24.09
CA SER B 313 -1.42 -10.06 -24.45
C SER B 313 -0.58 -10.34 -23.23
N VAL B 314 0.24 -11.39 -23.31
CA VAL B 314 1.26 -11.58 -22.26
C VAL B 314 2.45 -10.65 -22.65
N VAL B 315 2.94 -9.88 -21.69
CA VAL B 315 4.03 -8.93 -22.00
C VAL B 315 5.29 -9.46 -21.39
N VAL B 316 6.31 -9.65 -22.21
CA VAL B 316 7.58 -10.25 -21.79
C VAL B 316 8.61 -9.16 -21.92
N GLY B 317 9.62 -9.22 -21.08
CA GLY B 317 10.78 -8.37 -21.30
C GLY B 317 11.96 -8.90 -20.53
N ARG B 318 13.01 -8.08 -20.45
CA ARG B 318 14.25 -8.39 -19.71
C ARG B 318 14.98 -9.58 -20.33
N LEU B 319 14.73 -9.93 -21.59
CA LEU B 319 15.45 -11.06 -22.22
C LEU B 319 16.96 -10.90 -22.12
N LYS B 320 17.60 -11.88 -21.52
CA LYS B 320 19.06 -11.75 -21.33
C LYS B 320 19.72 -13.12 -21.24
N GLN B 321 20.89 -13.26 -21.88
CA GLN B 321 21.72 -14.45 -21.68
C GLN B 321 22.28 -14.54 -20.27
N VAL B 322 22.04 -15.64 -19.59
CA VAL B 322 22.70 -15.90 -18.31
C VAL B 322 24.00 -16.71 -18.51
N ASN B 323 23.93 -17.77 -19.33
CA ASN B 323 25.14 -18.49 -19.75
C ASN B 323 24.74 -19.16 -21.04
N LYS B 324 25.59 -19.99 -21.63
CA LYS B 324 25.26 -20.51 -22.96
C LYS B 324 23.93 -21.26 -23.05
N ARG B 325 23.52 -21.86 -21.95
CA ARG B 325 22.37 -22.76 -21.94
C ARG B 325 21.28 -22.27 -20.97
N MET B 326 21.27 -20.98 -20.69
CA MET B 326 20.26 -20.40 -19.73
C MET B 326 19.94 -18.93 -20.07
N ILE B 327 18.65 -18.60 -20.11
CA ILE B 327 18.27 -17.21 -20.35
C ILE B 327 17.35 -16.75 -19.23
N ARG B 328 17.20 -15.44 -19.10
CA ARG B 328 16.31 -14.90 -18.03
C ARG B 328 15.25 -14.10 -18.80
N LEU B 329 13.99 -14.20 -18.40
CA LEU B 329 12.99 -13.28 -18.96
C LEU B 329 11.95 -13.12 -17.90
N VAL B 330 11.09 -12.12 -18.10
CA VAL B 330 10.01 -11.92 -17.17
C VAL B 330 8.73 -11.81 -17.98
N SER B 331 7.61 -12.14 -17.37
CA SER B 331 6.36 -12.02 -18.12
C SER B 331 5.28 -11.41 -17.20
N LEU B 332 4.34 -10.67 -17.82
CA LEU B 332 3.23 -10.04 -17.08
C LEU B 332 1.96 -10.45 -17.84
N ILE B 333 0.98 -11.01 -17.09
CA ILE B 333 -0.31 -11.37 -17.60
C ILE B 333 -1.39 -10.62 -16.81
N HIS B 334 -2.40 -10.13 -17.54
CA HIS B 334 -3.57 -9.58 -16.86
C HIS B 334 -4.39 -10.80 -16.44
N ASN B 335 -4.46 -11.00 -15.12
CA ASN B 335 -5.00 -12.24 -14.54
C ASN B 335 -6.49 -12.41 -14.71
N THR B 336 -7.27 -11.32 -14.87
CA THR B 336 -8.69 -11.59 -15.11
C THR B 336 -9.14 -11.39 -16.55
N VAL B 337 -8.27 -10.82 -17.40
CA VAL B 337 -8.55 -10.69 -18.85
C VAL B 337 -7.99 -11.94 -19.55
N ARG B 338 -6.76 -11.90 -20.06
CA ARG B 338 -6.18 -13.13 -20.66
C ARG B 338 -6.25 -14.28 -19.68
N GLY B 339 -5.91 -14.01 -18.42
CA GLY B 339 -5.87 -15.07 -17.39
C GLY B 339 -7.18 -15.74 -16.97
N ALA B 340 -8.32 -15.18 -17.41
CA ALA B 340 -9.65 -15.67 -17.08
C ALA B 340 -10.71 -15.37 -18.14
N ALA B 341 -11.44 -14.26 -17.99
CA ALA B 341 -12.64 -13.97 -18.84
C ALA B 341 -12.26 -13.80 -20.30
N GLY B 342 -11.14 -13.14 -20.55
CA GLY B 342 -10.74 -12.83 -21.93
C GLY B 342 -10.34 -14.11 -22.64
N GLY B 343 -9.50 -14.90 -21.97
CA GLY B 343 -9.21 -16.26 -22.46
C GLY B 343 -10.50 -17.06 -22.68
N GLY B 344 -11.49 -16.92 -21.81
CA GLY B 344 -12.75 -17.68 -21.92
C GLY B 344 -13.57 -17.24 -23.14
N ILE B 345 -13.59 -15.93 -23.37
CA ILE B 345 -14.32 -15.41 -24.53
C ILE B 345 -13.63 -15.85 -25.82
N LEU B 346 -12.31 -15.80 -25.81
CA LEU B 346 -11.55 -16.24 -26.98
C LEU B 346 -11.78 -17.72 -27.22
N ALA B 347 -11.82 -18.51 -26.15
CA ALA B 347 -12.16 -19.95 -26.34
C ALA B 347 -13.53 -20.15 -26.98
N ALA B 348 -14.51 -19.36 -26.51
CA ALA B 348 -15.85 -19.44 -27.07
C ALA B 348 -15.84 -19.06 -28.54
N GLU B 349 -15.07 -18.02 -28.89
CA GLU B 349 -15.00 -17.62 -30.29
C GLU B 349 -14.40 -18.75 -31.17
N LEU B 350 -13.43 -19.46 -30.64
CA LEU B 350 -12.80 -20.57 -31.37
C LEU B 350 -13.81 -21.71 -31.53
N LEU B 351 -14.54 -22.01 -30.46
CA LEU B 351 -15.56 -23.06 -30.51
C LEU B 351 -16.67 -22.73 -31.49
N VAL B 352 -17.11 -21.47 -31.45
CA VAL B 352 -18.11 -21.03 -32.42
C VAL B 352 -17.58 -21.17 -33.87
N GLU B 353 -16.36 -20.70 -34.11
CA GLU B 353 -15.82 -20.73 -35.47
C GLU B 353 -15.65 -22.17 -35.91
N LYS B 354 -15.27 -23.06 -35.02
CA LYS B 354 -15.06 -24.48 -35.38
C LYS B 354 -16.38 -25.28 -35.43
N GLY B 355 -17.51 -24.64 -35.15
CA GLY B 355 -18.82 -25.32 -35.26
C GLY B 355 -19.23 -26.13 -34.02
N TYR B 356 -18.45 -26.08 -32.94
CA TYR B 356 -18.87 -26.68 -31.67
C TYR B 356 -20.06 -25.94 -30.97
N ILE B 357 -20.19 -24.64 -31.21
CA ILE B 357 -21.29 -23.82 -30.73
C ILE B 357 -21.93 -23.22 -31.97
N GLU B 358 -23.22 -23.47 -32.18
CA GLU B 358 -23.91 -22.98 -33.38
C GLU B 358 -24.14 -21.49 -33.29
N LYS B 359 -24.15 -20.78 -34.42
CA LYS B 359 -24.45 -19.33 -34.41
C LYS B 359 -25.70 -18.97 -35.24
N THR C 7 0.85 -11.17 43.74
CA THR C 7 1.25 -11.72 42.40
C THR C 7 0.11 -12.50 41.67
N LEU C 8 -0.63 -11.77 40.84
CA LEU C 8 -1.90 -12.21 40.26
C LEU C 8 -1.74 -12.91 38.91
N LYS C 9 -2.55 -13.94 38.70
CA LYS C 9 -2.56 -14.68 37.45
C LYS C 9 -3.74 -14.22 36.60
N ALA C 10 -3.47 -13.97 35.33
CA ALA C 10 -4.54 -13.58 34.42
C ALA C 10 -4.74 -14.64 33.36
N ALA C 11 -5.99 -14.80 32.92
CA ALA C 11 -6.30 -15.48 31.66
C ALA C 11 -6.52 -14.47 30.57
N ILE C 12 -6.01 -14.75 29.37
CA ILE C 12 -6.24 -13.86 28.26
C ILE C 12 -7.11 -14.62 27.30
N LEU C 13 -8.34 -14.16 27.11
CA LEU C 13 -9.26 -14.80 26.18
C LEU C 13 -8.94 -14.25 24.84
N GLY C 14 -9.28 -14.98 23.75
CA GLY C 14 -8.93 -14.45 22.43
C GLY C 14 -7.43 -14.17 22.31
N ALA C 15 -6.59 -15.00 22.94
CA ALA C 15 -5.15 -14.63 23.10
C ALA C 15 -4.40 -14.45 21.78
N THR C 16 -4.82 -15.17 20.72
CA THR C 16 -4.15 -15.04 19.38
C THR C 16 -4.59 -13.86 18.56
N GLY C 17 -5.62 -13.15 19.02
CA GLY C 17 -6.15 -12.01 18.27
C GLY C 17 -5.27 -10.79 18.33
N LEU C 18 -5.63 -9.77 17.55
CA LEU C 18 -4.87 -8.50 17.48
C LEU C 18 -4.85 -7.76 18.81
N VAL C 19 -5.92 -7.96 19.59
CA VAL C 19 -5.86 -7.42 20.98
C VAL C 19 -5.12 -8.36 21.91
N GLY C 20 -5.38 -9.68 21.76
CA GLY C 20 -4.77 -10.69 22.64
C GLY C 20 -3.25 -10.60 22.58
N ILE C 21 -2.65 -10.30 21.41
CA ILE C 21 -1.15 -10.27 21.35
C ILE C 21 -0.59 -9.12 22.16
N GLU C 22 -1.36 -8.02 22.27
CA GLU C 22 -0.96 -6.89 23.14
C GLU C 22 -1.06 -7.24 24.61
N TYR C 23 -2.12 -7.99 25.02
CA TYR C 23 -2.10 -8.51 26.41
C TYR C 23 -0.86 -9.36 26.69
N VAL C 24 -0.58 -10.26 25.77
CA VAL C 24 0.58 -11.13 25.94
C VAL C 24 1.89 -10.31 26.02
N ARG C 25 2.08 -9.41 25.08
CA ARG C 25 3.28 -8.59 25.02
C ARG C 25 3.46 -7.76 26.30
N MET C 26 2.40 -7.09 26.74
CA MET C 26 2.51 -6.18 27.90
C MET C 26 2.55 -6.94 29.22
N LEU C 27 1.80 -8.05 29.34
CA LEU C 27 1.81 -8.75 30.66
C LEU C 27 3.07 -9.57 30.87
N SER C 28 3.69 -9.97 29.76
CA SER C 28 4.93 -10.74 29.85
C SER C 28 5.95 -10.07 30.82
N ASN C 29 5.99 -8.74 30.83
CA ASN C 29 6.92 -7.96 31.66
C ASN C 29 6.20 -7.22 32.81
N HIS C 30 4.91 -7.44 32.99
CA HIS C 30 4.18 -6.69 34.06
C HIS C 30 4.76 -6.98 35.45
N PRO C 31 4.90 -5.95 36.33
CA PRO C 31 5.47 -6.26 37.66
C PRO C 31 4.64 -7.23 38.50
N TYR C 32 3.33 -7.34 38.30
CA TYR C 32 2.59 -8.21 39.22
C TYR C 32 1.39 -8.99 38.69
N ILE C 33 1.02 -8.82 37.43
CA ILE C 33 -0.03 -9.64 36.80
C ILE C 33 0.66 -10.56 35.79
N LYS C 34 0.56 -11.86 36.02
CA LYS C 34 1.19 -12.87 35.15
C LYS C 34 0.19 -13.44 34.15
N PRO C 35 0.55 -13.42 32.87
CA PRO C 35 -0.28 -14.04 31.84
C PRO C 35 -0.20 -15.57 31.93
N ALA C 36 -1.09 -16.16 32.71
CA ALA C 36 -1.00 -17.57 33.09
C ALA C 36 -1.81 -18.55 32.25
N TYR C 37 -2.78 -18.05 31.49
CA TYR C 37 -3.67 -18.97 30.76
C TYR C 37 -4.06 -18.27 29.47
N LEU C 38 -3.81 -18.93 28.33
CA LEU C 38 -4.13 -18.39 27.02
C LEU C 38 -5.30 -19.19 26.46
N ALA C 39 -6.40 -18.51 26.16
CA ALA C 39 -7.59 -19.27 25.79
C ALA C 39 -7.89 -18.99 24.35
N GLY C 40 -8.62 -19.92 23.73
CA GLY C 40 -9.00 -19.72 22.32
C GLY C 40 -10.22 -20.54 21.95
N LYS C 41 -10.46 -20.65 20.64
CA LYS C 41 -11.55 -21.48 20.12
C LYS C 41 -11.00 -22.44 19.07
N GLY C 42 -10.90 -22.00 17.82
CA GLY C 42 -10.31 -22.82 16.77
C GLY C 42 -8.92 -23.36 17.11
N SER C 43 -8.13 -22.57 17.82
CA SER C 43 -6.71 -22.87 17.98
C SER C 43 -6.36 -23.73 19.22
N VAL C 44 -7.37 -24.19 19.97
CA VAL C 44 -7.18 -24.90 21.24
C VAL C 44 -6.38 -26.16 21.06
N GLY C 45 -5.44 -26.42 21.98
CA GLY C 45 -4.56 -27.58 21.90
C GLY C 45 -3.25 -27.42 21.16
N LYS C 46 -3.05 -26.27 20.50
CA LYS C 46 -1.84 -25.97 19.74
C LYS C 46 -0.89 -25.05 20.51
N PRO C 47 0.43 -25.14 20.26
CA PRO C 47 1.37 -24.22 20.91
C PRO C 47 1.13 -22.78 20.43
N TYR C 48 1.11 -21.83 21.38
CA TYR C 48 0.66 -20.46 21.05
C TYR C 48 1.56 -19.89 19.94
N GLY C 49 2.87 -20.14 20.09
CA GLY C 49 3.89 -19.66 19.16
C GLY C 49 3.69 -20.14 17.73
N GLU C 50 3.15 -21.35 17.58
CA GLU C 50 2.96 -21.91 16.25
C GLU C 50 1.76 -21.38 15.50
N VAL C 51 0.74 -20.92 16.22
CA VAL C 51 -0.47 -20.44 15.53
C VAL C 51 -0.61 -18.92 15.40
N VAL C 52 -0.02 -18.16 16.33
CA VAL C 52 -0.20 -16.73 16.45
C VAL C 52 0.37 -15.99 15.25
N ARG C 53 -0.39 -15.02 14.73
CA ARG C 53 0.15 -13.97 13.84
C ARG C 53 0.66 -12.85 14.74
N TRP C 54 2.00 -12.80 14.96
CA TRP C 54 2.56 -11.77 15.84
C TRP C 54 2.63 -10.47 15.06
N GLN C 55 1.47 -9.84 14.91
CA GLN C 55 1.37 -8.57 14.11
C GLN C 55 1.61 -7.39 15.07
N THR C 56 2.78 -7.39 15.70
CA THR C 56 3.08 -6.32 16.65
C THR C 56 4.57 -6.26 16.81
N VAL C 57 5.08 -5.41 17.72
CA VAL C 57 6.49 -5.16 17.84
C VAL C 57 7.22 -6.33 18.45
N GLY C 58 8.48 -6.53 18.03
CA GLY C 58 9.33 -7.54 18.67
C GLY C 58 8.92 -8.97 18.29
N GLN C 59 9.04 -9.89 19.26
CA GLN C 59 8.78 -11.29 19.02
CA GLN C 59 8.89 -11.33 19.07
C GLN C 59 7.88 -11.83 20.13
N VAL C 60 7.19 -12.94 19.87
CA VAL C 60 6.43 -13.61 20.92
C VAL C 60 7.31 -13.85 22.15
N PRO C 61 6.88 -13.47 23.35
CA PRO C 61 7.75 -13.70 24.54
C PRO C 61 8.06 -15.19 24.68
N LYS C 62 9.32 -15.59 24.93
CA LYS C 62 9.67 -17.01 24.87
C LYS C 62 8.90 -17.91 25.86
N GLU C 63 8.59 -17.37 27.05
CA GLU C 63 7.87 -18.12 28.08
C GLU C 63 6.37 -18.17 27.78
N ILE C 64 5.92 -17.45 26.76
CA ILE C 64 4.55 -17.54 26.37
C ILE C 64 4.40 -18.36 25.08
N ALA C 65 5.44 -18.43 24.25
CA ALA C 65 5.33 -19.03 22.92
C ALA C 65 5.08 -20.53 23.04
N ASP C 66 5.58 -21.09 24.13
CA ASP C 66 5.50 -22.52 24.33
C ASP C 66 4.28 -22.92 25.17
N MET C 67 3.45 -21.94 25.59
CA MET C 67 2.24 -22.31 26.36
C MET C 67 1.19 -22.87 25.38
N GLU C 68 0.44 -23.87 25.85
CA GLU C 68 -0.65 -24.46 25.03
C GLU C 68 -1.96 -23.64 25.17
N ILE C 69 -2.57 -23.33 24.01
CA ILE C 69 -3.87 -22.66 23.99
C ILE C 69 -4.95 -23.57 24.56
N LYS C 70 -5.66 -23.03 25.55
CA LYS C 70 -6.58 -23.84 26.34
C LYS C 70 -8.04 -23.43 26.07
N PRO C 71 -9.03 -24.22 26.50
CA PRO C 71 -10.41 -23.87 26.18
C PRO C 71 -10.88 -22.66 26.96
N THR C 72 -11.82 -21.95 26.37
CA THR C 72 -12.44 -20.80 27.02
C THR C 72 -13.57 -21.32 27.91
N ASP C 73 -13.24 -21.74 29.12
CA ASP C 73 -14.19 -22.49 29.95
C ASP C 73 -13.95 -22.17 31.42
N PRO C 74 -14.94 -21.53 32.06
CA PRO C 74 -14.73 -20.96 33.39
C PRO C 74 -14.36 -21.99 34.45
N LYS C 75 -14.74 -23.24 34.27
CA LYS C 75 -14.43 -24.30 35.25
C LYS C 75 -12.95 -24.75 35.26
N LEU C 76 -12.25 -24.55 34.14
CA LEU C 76 -10.88 -25.04 33.97
C LEU C 76 -9.81 -24.08 34.51
N MET C 77 -10.28 -23.01 35.17
CA MET C 77 -9.43 -21.88 35.49
C MET C 77 -9.41 -21.58 36.99
N ASP C 78 -9.43 -22.64 37.78
CA ASP C 78 -9.23 -22.58 39.24
C ASP C 78 -8.31 -21.44 39.66
N ASP C 79 -7.13 -21.41 39.04
CA ASP C 79 -6.00 -20.66 39.58
C ASP C 79 -5.87 -19.21 39.11
N VAL C 80 -6.86 -18.72 38.37
CA VAL C 80 -6.72 -17.44 37.70
C VAL C 80 -7.40 -16.34 38.52
N ASP C 81 -6.79 -15.14 38.60
CA ASP C 81 -7.39 -14.04 39.35
C ASP C 81 -8.12 -13.00 38.52
N ILE C 82 -7.79 -12.89 37.23
CA ILE C 82 -8.33 -11.85 36.38
C ILE C 82 -8.56 -12.47 35.02
N ILE C 83 -9.74 -12.22 34.47
CA ILE C 83 -10.03 -12.48 33.06
C ILE C 83 -9.95 -11.22 32.18
N PHE C 84 -9.07 -11.24 31.16
CA PHE C 84 -9.09 -10.24 30.11
C PHE C 84 -9.83 -10.80 28.90
N SER C 85 -10.83 -10.07 28.39
CA SER C 85 -11.80 -10.60 27.40
C SER C 85 -11.94 -9.74 26.16
N PRO C 86 -11.12 -10.00 25.14
CA PRO C 86 -11.30 -9.37 23.86
C PRO C 86 -11.96 -10.36 22.87
N LEU C 87 -13.24 -10.60 23.10
CA LEU C 87 -13.99 -11.57 22.29
C LEU C 87 -14.83 -10.88 21.23
N PRO C 88 -15.20 -11.60 20.17
CA PRO C 88 -16.04 -11.04 19.11
C PRO C 88 -17.42 -10.67 19.67
N GLN C 89 -17.94 -9.54 19.16
CA GLN C 89 -19.27 -9.06 19.48
C GLN C 89 -20.26 -10.19 19.27
N GLY C 90 -21.25 -10.33 20.14
CA GLY C 90 -22.18 -11.46 20.11
C GLY C 90 -21.72 -12.67 20.91
N ALA C 91 -20.51 -13.15 20.66
CA ALA C 91 -19.98 -14.24 21.49
C ALA C 91 -19.59 -13.73 22.88
N ALA C 92 -19.10 -12.49 22.96
CA ALA C 92 -18.52 -11.93 24.18
C ALA C 92 -19.53 -11.87 25.33
N GLY C 93 -20.71 -11.31 25.08
CA GLY C 93 -21.70 -11.09 26.10
C GLY C 93 -21.93 -12.24 27.05
N PRO C 94 -22.39 -13.38 26.52
CA PRO C 94 -22.77 -14.49 27.39
C PRO C 94 -21.56 -15.09 28.12
N VAL C 95 -20.41 -15.12 27.44
CA VAL C 95 -19.21 -15.73 28.01
C VAL C 95 -18.75 -14.90 29.21
N GLU C 96 -18.78 -13.59 29.06
CA GLU C 96 -18.29 -12.68 30.10
C GLU C 96 -19.17 -12.81 31.31
N GLU C 97 -20.48 -13.00 31.08
CA GLU C 97 -21.44 -13.29 32.15
C GLU C 97 -21.13 -14.60 32.87
N GLN C 98 -20.74 -15.65 32.15
CA GLN C 98 -20.44 -16.93 32.85
C GLN C 98 -19.22 -16.77 33.75
N PHE C 99 -18.25 -15.99 33.29
CA PHE C 99 -17.04 -15.77 34.05
C PHE C 99 -17.34 -14.98 35.32
N ALA C 100 -18.11 -13.88 35.20
CA ALA C 100 -18.50 -13.13 36.42
C ALA C 100 -19.28 -14.05 37.38
N LYS C 101 -20.20 -14.85 36.82
CA LYS C 101 -20.99 -15.77 37.62
C LYS C 101 -20.10 -16.77 38.39
N GLU C 102 -18.98 -17.18 37.80
CA GLU C 102 -18.05 -18.09 38.47
C GLU C 102 -17.17 -17.38 39.50
N GLY C 103 -17.34 -16.07 39.66
CA GLY C 103 -16.59 -15.31 40.63
C GLY C 103 -15.37 -14.57 40.07
N PHE C 104 -15.21 -14.51 38.74
CA PHE C 104 -14.04 -13.79 38.17
C PHE C 104 -14.29 -12.30 37.90
N PRO C 105 -13.32 -11.46 38.27
CA PRO C 105 -13.18 -10.12 37.68
C PRO C 105 -12.96 -10.28 36.20
N VAL C 106 -13.78 -9.62 35.37
CA VAL C 106 -13.73 -9.72 33.93
C VAL C 106 -13.51 -8.32 33.36
N ILE C 107 -12.35 -8.09 32.74
CA ILE C 107 -12.11 -6.84 32.06
C ILE C 107 -12.24 -7.08 30.57
N SER C 108 -13.25 -6.46 29.98
CA SER C 108 -13.67 -6.73 28.61
C SER C 108 -13.35 -5.61 27.68
N ASN C 109 -12.81 -5.95 26.49
CA ASN C 109 -12.70 -4.96 25.42
C ASN C 109 -13.83 -5.12 24.38
N SER C 110 -14.81 -5.99 24.63
CA SER C 110 -15.86 -6.26 23.66
C SER C 110 -17.03 -5.32 23.85
N PRO C 111 -17.80 -5.10 22.78
CA PRO C 111 -18.89 -4.13 22.81
C PRO C 111 -20.10 -4.55 23.60
N ASP C 112 -20.30 -5.85 23.77
CA ASP C 112 -21.60 -6.35 24.23
C ASP C 112 -22.17 -5.67 25.50
N HIS C 113 -21.32 -5.46 26.51
CA HIS C 113 -21.78 -4.96 27.81
C HIS C 113 -21.58 -3.44 28.02
N ARG C 114 -21.13 -2.74 26.97
CA ARG C 114 -20.65 -1.36 27.08
C ARG C 114 -21.75 -0.37 27.48
N PHE C 115 -23.01 -0.74 27.26
CA PHE C 115 -24.14 0.13 27.64
C PHE C 115 -24.98 -0.38 28.79
N ASP C 116 -24.57 -1.49 29.41
CA ASP C 116 -25.29 -1.98 30.57
C ASP C 116 -25.08 -0.85 31.63
N PRO C 117 -26.14 -0.31 32.22
CA PRO C 117 -25.94 0.84 33.15
C PRO C 117 -25.21 0.48 34.46
N ASP C 118 -25.12 -0.82 34.79
CA ASP C 118 -24.38 -1.24 35.96
C ASP C 118 -22.95 -1.75 35.61
N VAL C 119 -22.51 -1.49 34.40
CA VAL C 119 -21.16 -1.91 33.93
C VAL C 119 -20.37 -0.67 33.56
N PRO C 120 -19.27 -0.43 34.24
CA PRO C 120 -18.38 0.67 33.86
C PRO C 120 -17.99 0.60 32.36
N LEU C 121 -18.00 1.75 31.69
CA LEU C 121 -17.44 1.90 30.35
C LEU C 121 -16.23 2.81 30.59
N LEU C 122 -15.09 2.17 30.84
CA LEU C 122 -14.04 2.79 31.67
C LEU C 122 -12.84 3.28 30.87
N VAL C 123 -12.57 4.58 31.00
CA VAL C 123 -11.30 5.18 30.62
C VAL C 123 -10.68 5.67 31.95
N PRO C 124 -9.62 5.00 32.44
CA PRO C 124 -9.13 5.25 33.77
C PRO C 124 -8.82 6.74 34.07
N GLU C 125 -8.27 7.50 33.12
CA GLU C 125 -7.99 8.93 33.36
C GLU C 125 -9.25 9.82 33.33
N LEU C 126 -10.38 9.34 32.78
CA LEU C 126 -11.59 10.21 32.63
C LEU C 126 -12.72 9.94 33.58
N ASN C 127 -13.06 8.68 33.78
CA ASN C 127 -14.21 8.32 34.65
C ASN C 127 -13.93 7.21 35.66
N PRO C 128 -12.78 7.30 36.37
CA PRO C 128 -12.40 6.22 37.27
C PRO C 128 -13.41 5.98 38.41
N HIS C 129 -14.22 6.99 38.76
CA HIS C 129 -15.19 6.82 39.84
C HIS C 129 -16.34 5.88 39.48
N THR C 130 -16.57 5.65 38.18
CA THR C 130 -17.61 4.73 37.74
C THR C 130 -17.31 3.24 38.10
N ILE C 131 -16.12 2.92 38.58
CA ILE C 131 -15.89 1.55 39.08
C ILE C 131 -16.82 1.25 40.25
N SER C 132 -17.42 2.32 40.81
CA SER C 132 -18.37 2.21 41.90
C SER C 132 -19.62 1.43 41.51
N LEU C 133 -19.96 1.49 40.24
CA LEU C 133 -21.10 0.73 39.72
C LEU C 133 -21.01 -0.77 40.03
N ILE C 134 -19.78 -1.29 40.19
CA ILE C 134 -19.57 -2.70 40.49
C ILE C 134 -20.37 -3.23 41.72
N ASP C 135 -20.47 -2.44 42.77
CA ASP C 135 -21.09 -3.01 43.97
C ASP C 135 -22.58 -3.35 43.77
N GLU C 136 -23.33 -2.40 43.21
CA GLU C 136 -24.72 -2.63 42.79
C GLU C 136 -24.81 -3.72 41.71
N GLN C 137 -23.91 -3.70 40.73
CA GLN C 137 -23.79 -4.77 39.75
C GLN C 137 -23.80 -6.14 40.44
N ARG C 138 -22.92 -6.34 41.44
CA ARG C 138 -22.73 -7.66 41.99
C ARG C 138 -23.96 -8.13 42.73
N LYS C 139 -24.70 -7.18 43.30
CA LYS C 139 -25.84 -7.51 44.19
C LYS C 139 -27.05 -7.85 43.34
N ARG C 140 -27.36 -6.97 42.39
CA ARG C 140 -28.46 -7.17 41.46
C ARG C 140 -28.27 -8.33 40.46
N ARG C 141 -27.07 -8.53 39.94
CA ARG C 141 -26.83 -9.68 39.06
C ARG C 141 -26.63 -10.95 39.89
N GLU C 142 -26.55 -10.79 41.21
CA GLU C 142 -26.12 -11.84 42.16
C GLU C 142 -24.95 -12.66 41.63
N TRP C 143 -23.84 -11.99 41.37
CA TRP C 143 -22.62 -12.73 41.15
C TRP C 143 -21.46 -12.17 42.00
N LYS C 144 -20.46 -13.02 42.25
CA LYS C 144 -19.26 -12.63 43.00
C LYS C 144 -18.21 -11.94 42.14
N GLY C 145 -18.18 -12.25 40.85
CA GLY C 145 -17.24 -11.61 39.92
C GLY C 145 -17.77 -10.27 39.51
N PHE C 146 -17.34 -9.75 38.36
CA PHE C 146 -17.89 -8.51 37.84
C PHE C 146 -17.39 -8.34 36.41
N ILE C 147 -18.02 -7.44 35.67
CA ILE C 147 -17.60 -7.07 34.34
C ILE C 147 -17.33 -5.56 34.31
N VAL C 148 -16.19 -5.19 33.74
CA VAL C 148 -15.91 -3.81 33.40
C VAL C 148 -15.61 -3.84 31.90
N THR C 149 -15.95 -2.80 31.15
CA THR C 149 -15.61 -2.77 29.72
C THR C 149 -14.72 -1.58 29.47
N THR C 150 -13.98 -1.61 28.36
CA THR C 150 -13.26 -0.46 27.82
C THR C 150 -13.99 -0.07 26.51
N PRO C 151 -13.97 1.22 26.17
CA PRO C 151 -14.76 1.71 25.03
C PRO C 151 -14.09 1.40 23.69
N LEU C 152 -14.91 1.45 22.64
CA LEU C 152 -14.45 1.45 21.23
C LEU C 152 -13.17 2.27 21.07
N CYS C 153 -12.14 1.73 20.39
CA CYS C 153 -10.86 2.48 20.27
C CYS C 153 -11.10 3.83 19.64
N THR C 154 -11.96 3.88 18.62
CA THR C 154 -12.22 5.16 17.93
C THR C 154 -12.86 6.17 18.90
N ALA C 155 -13.78 5.70 19.77
CA ALA C 155 -14.38 6.59 20.77
C ALA C 155 -13.34 7.09 21.75
N GLN C 156 -12.40 6.22 22.14
CA GLN C 156 -11.33 6.70 23.05
C GLN C 156 -10.45 7.77 22.42
N GLY C 157 -10.13 7.62 21.11
CA GLY C 157 -9.25 8.56 20.42
C GLY C 157 -9.81 9.98 20.46
N ALA C 158 -11.14 10.04 20.49
CA ALA C 158 -11.85 11.35 20.60
C ALA C 158 -12.12 11.72 22.04
N ALA C 159 -12.59 10.77 22.84
CA ALA C 159 -13.11 11.14 24.16
C ALA C 159 -12.00 11.52 25.10
N ILE C 160 -10.79 10.95 24.95
CA ILE C 160 -9.72 11.38 25.86
C ILE C 160 -9.40 12.92 25.75
N PRO C 161 -9.10 13.41 24.55
CA PRO C 161 -8.87 14.87 24.41
C PRO C 161 -10.16 15.64 24.62
N LEU C 162 -11.29 15.18 24.06
CA LEU C 162 -12.58 15.88 24.30
C LEU C 162 -12.97 15.93 25.79
N GLY C 163 -12.73 14.83 26.51
CA GLY C 163 -12.96 14.82 27.97
C GLY C 163 -12.08 15.82 28.71
N ALA C 164 -10.82 15.93 28.33
CA ALA C 164 -9.91 16.89 29.00
C ALA C 164 -10.41 18.33 28.77
N ILE C 165 -10.86 18.59 27.54
CA ILE C 165 -11.44 19.89 27.18
C ILE C 165 -12.78 20.16 27.91
N PHE C 166 -13.71 19.20 27.84
CA PHE C 166 -15.05 19.34 28.44
C PHE C 166 -15.00 19.59 29.96
N LYS C 167 -13.98 19.06 30.60
CA LYS C 167 -13.81 19.28 32.03
C LYS C 167 -13.57 20.77 32.34
N ASP C 168 -12.90 21.48 31.42
CA ASP C 168 -12.49 22.84 31.78
C ASP C 168 -13.03 23.94 30.88
N TYR C 169 -13.75 23.60 29.82
CA TYR C 169 -14.20 24.59 28.85
C TYR C 169 -15.66 24.32 28.45
N LYS C 170 -16.32 25.37 27.96
CA LYS C 170 -17.73 25.33 27.59
C LYS C 170 -17.91 24.75 26.18
N MET C 171 -17.40 23.53 26.00
CA MET C 171 -17.47 22.87 24.70
C MET C 171 -18.90 22.50 24.37
N ASP C 172 -19.38 22.89 23.18
CA ASP C 172 -20.76 22.60 22.76
C ASP C 172 -20.80 21.81 21.46
N GLY C 173 -19.66 21.47 20.90
CA GLY C 173 -19.69 20.61 19.64
C GLY C 173 -18.34 20.03 19.29
N ALA C 174 -18.32 18.82 18.70
CA ALA C 174 -17.11 18.29 18.14
C ALA C 174 -17.49 17.51 16.88
N PHE C 175 -16.81 17.82 15.78
CA PHE C 175 -17.16 17.27 14.47
C PHE C 175 -15.92 16.56 13.95
N ILE C 176 -16.03 15.24 13.90
CA ILE C 176 -14.86 14.41 13.89
C ILE C 176 -14.71 13.68 12.53
N THR C 177 -13.48 13.63 12.00
CA THR C 177 -13.22 12.71 10.83
C THR C 177 -12.17 11.71 11.26
N THR C 178 -12.38 10.39 11.03
CA THR C 178 -11.40 9.37 11.46
C THR C 178 -10.84 8.65 10.25
N ILE C 179 -9.57 8.29 10.39
CA ILE C 179 -8.87 7.52 9.36
C ILE C 179 -8.18 6.41 10.16
N GLN C 180 -8.81 5.26 10.19
CA GLN C 180 -8.50 4.20 11.13
C GLN C 180 -7.68 3.10 10.45
N SER C 181 -7.00 2.30 11.27
CA SER C 181 -6.12 1.23 10.82
C SER C 181 -6.83 -0.09 10.63
N LEU C 182 -6.12 -1.05 9.98
CA LEU C 182 -6.70 -2.31 9.56
C LEU C 182 -6.84 -3.20 10.78
N SER C 183 -5.95 -3.06 11.74
CA SER C 183 -5.99 -4.00 12.91
C SER C 183 -7.24 -3.86 13.75
N GLY C 184 -7.87 -2.71 13.64
CA GLY C 184 -9.10 -2.45 14.39
C GLY C 184 -10.21 -3.43 14.01
N ALA C 185 -10.14 -3.94 12.79
CA ALA C 185 -11.14 -4.90 12.32
C ALA C 185 -10.77 -6.34 12.60
N GLY C 186 -9.62 -6.58 13.21
CA GLY C 186 -9.24 -7.98 13.54
C GLY C 186 -8.80 -8.71 12.25
N TYR C 187 -8.78 -10.02 12.33
CA TYR C 187 -8.25 -10.90 11.26
C TYR C 187 -9.17 -12.07 11.07
N PRO C 188 -9.61 -12.36 9.81
CA PRO C 188 -9.20 -11.83 8.49
C PRO C 188 -9.61 -10.38 8.30
N GLY C 189 -10.61 -9.93 9.07
CA GLY C 189 -10.94 -8.50 9.09
C GLY C 189 -11.18 -7.88 7.71
N ILE C 190 -10.55 -6.75 7.44
CA ILE C 190 -10.82 -6.03 6.19
C ILE C 190 -10.18 -6.68 4.96
N PRO C 191 -10.96 -7.01 3.90
CA PRO C 191 -10.32 -7.50 2.67
C PRO C 191 -9.27 -6.54 2.09
N SER C 192 -8.19 -7.11 1.51
CA SER C 192 -7.14 -6.22 0.90
C SER C 192 -7.71 -5.32 -0.20
N LEU C 193 -8.64 -5.83 -0.99
CA LEU C 193 -9.16 -5.01 -2.11
C LEU C 193 -10.00 -3.87 -1.63
N ASP C 194 -10.45 -3.88 -0.38
CA ASP C 194 -11.14 -2.64 0.07
C ASP C 194 -10.24 -1.46 0.34
N VAL C 195 -8.92 -1.66 0.51
CA VAL C 195 -8.08 -0.56 0.98
C VAL C 195 -6.86 -0.27 0.11
N VAL C 196 -6.56 -1.14 -0.87
CA VAL C 196 -5.46 -0.80 -1.77
C VAL C 196 -5.93 0.28 -2.72
N ASP C 197 -5.23 1.43 -2.73
CA ASP C 197 -5.61 2.52 -3.66
C ASP C 197 -7.11 2.91 -3.41
N ASN C 198 -7.52 2.96 -2.13
CA ASN C 198 -8.93 3.28 -1.79
C ASN C 198 -9.06 3.77 -0.36
N ILE C 199 -10.23 4.37 -0.04
CA ILE C 199 -10.56 4.72 1.37
C ILE C 199 -11.93 4.08 1.65
N LEU C 200 -12.07 3.35 2.76
CA LEU C 200 -13.27 2.60 3.00
C LEU C 200 -14.10 3.34 4.12
N PRO C 201 -15.20 3.97 3.78
CA PRO C 201 -16.04 4.57 4.85
C PRO C 201 -16.71 3.44 5.57
N LEU C 202 -16.86 3.60 6.89
CA LEU C 202 -17.44 2.55 7.72
C LEU C 202 -18.94 2.62 7.79
N GLY C 203 -19.54 3.76 7.47
CA GLY C 203 -21.06 3.79 7.30
C GLY C 203 -21.75 4.45 8.52
N ASP C 204 -23.06 4.63 8.40
CA ASP C 204 -23.81 5.36 9.45
C ASP C 204 -23.81 4.62 10.78
N GLY C 205 -23.95 3.30 10.77
CA GLY C 205 -24.00 2.57 12.05
C GLY C 205 -22.74 2.78 12.91
N TYR C 206 -21.58 2.66 12.27
CA TYR C 206 -20.32 2.82 12.96
C TYR C 206 -20.17 4.28 13.42
N ASP C 207 -20.55 5.24 12.56
CA ASP C 207 -20.46 6.68 12.96
C ASP C 207 -21.29 6.93 14.21
N ALA C 208 -22.49 6.37 14.23
CA ALA C 208 -23.48 6.51 15.33
C ALA C 208 -23.00 5.83 16.60
N LYS C 209 -22.38 4.63 16.49
CA LYS C 209 -21.96 3.96 17.71
C LYS C 209 -20.74 4.67 18.34
N THR C 210 -19.87 5.26 17.52
CA THR C 210 -18.74 6.04 17.97
C THR C 210 -19.27 7.20 18.86
N ILE C 211 -20.20 7.99 18.36
CA ILE C 211 -20.65 9.14 19.20
C ILE C 211 -21.48 8.72 20.41
N LYS C 212 -22.24 7.66 20.28
CA LYS C 212 -22.99 7.12 21.43
C LYS C 212 -22.07 6.76 22.59
N GLU C 213 -20.93 6.12 22.28
CA GLU C 213 -19.91 5.80 23.31
C GLU C 213 -19.27 7.06 23.87
N ILE C 214 -18.92 8.00 22.99
CA ILE C 214 -18.30 9.24 23.46
C ILE C 214 -19.26 9.92 24.47
N PHE C 215 -20.55 9.95 24.13
CA PHE C 215 -21.53 10.61 25.03
C PHE C 215 -21.60 9.98 26.40
N ARG C 216 -21.60 8.65 26.46
CA ARG C 216 -21.66 8.00 27.78
C ARG C 216 -20.37 8.38 28.60
N ILE C 217 -19.21 8.33 27.98
CA ILE C 217 -17.95 8.72 28.64
C ILE C 217 -18.01 10.19 29.17
N LEU C 218 -18.35 11.12 28.30
CA LEU C 218 -18.43 12.55 28.64
C LEU C 218 -19.45 12.79 29.76
N SER C 219 -20.54 12.01 29.76
CA SER C 219 -21.60 12.12 30.75
C SER C 219 -21.07 11.71 32.10
N GLU C 220 -19.93 11.02 32.13
CA GLU C 220 -19.39 10.55 33.42
C GLU C 220 -18.14 11.29 33.88
N VAL C 221 -17.70 12.28 33.10
CA VAL C 221 -16.53 13.09 33.47
C VAL C 221 -16.96 14.09 34.54
N LYS C 222 -16.15 14.16 35.59
CA LYS C 222 -16.37 15.20 36.64
C LYS C 222 -15.87 16.54 36.13
N ARG C 223 -16.76 17.49 35.87
CA ARG C 223 -16.38 18.77 35.29
C ARG C 223 -15.97 19.83 36.35
N ASN C 224 -15.13 20.76 35.93
CA ASN C 224 -14.88 21.97 36.77
C ASN C 224 -15.72 23.19 36.35
N VAL C 225 -16.49 23.07 35.28
CA VAL C 225 -17.36 24.14 34.79
C VAL C 225 -18.72 23.49 34.63
N ASP C 226 -19.79 24.24 34.39
CA ASP C 226 -21.11 23.60 34.32
C ASP C 226 -21.92 23.99 33.07
N GLU C 227 -21.24 24.54 32.07
CA GLU C 227 -21.90 25.01 30.83
C GLU C 227 -21.14 24.48 29.62
N PRO C 228 -21.86 24.10 28.54
CA PRO C 228 -23.32 23.90 28.46
C PRO C 228 -23.64 22.56 29.13
N LYS C 229 -24.91 22.20 29.24
CA LYS C 229 -25.25 20.86 29.70
C LYS C 229 -24.92 19.91 28.56
N LEU C 230 -24.56 18.67 28.90
CA LEU C 230 -24.16 17.70 27.88
C LEU C 230 -25.28 17.45 26.87
N GLU C 231 -26.52 17.40 27.34
CA GLU C 231 -27.64 17.27 26.37
C GLU C 231 -27.59 18.32 25.25
N ASP C 232 -26.93 19.46 25.47
CA ASP C 232 -26.81 20.50 24.43
C ASP C 232 -25.50 20.47 23.62
N VAL C 233 -24.70 19.41 23.77
CA VAL C 233 -23.48 19.27 23.01
C VAL C 233 -23.78 18.51 21.71
N SER C 234 -23.36 19.06 20.58
CA SER C 234 -23.54 18.40 19.27
C SER C 234 -22.29 17.58 18.91
N LEU C 235 -22.39 16.25 18.70
CA LEU C 235 -21.21 15.46 18.25
C LEU C 235 -21.52 14.79 16.93
N ALA C 236 -20.50 14.64 16.07
CA ALA C 236 -20.71 13.88 14.83
C ALA C 236 -19.39 13.28 14.44
N ALA C 237 -19.46 12.10 13.81
CA ALA C 237 -18.25 11.43 13.34
C ALA C 237 -18.50 10.94 11.91
N THR C 238 -17.45 10.98 11.10
CA THR C 238 -17.42 10.36 9.76
C THR C 238 -16.18 9.43 9.75
N THR C 239 -16.42 8.11 9.75
CA THR C 239 -15.33 7.19 10.06
C THR C 239 -14.91 6.39 8.80
N HIS C 240 -13.61 6.05 8.76
CA HIS C 240 -13.03 5.41 7.53
C HIS C 240 -11.90 4.49 8.03
N ARG C 241 -11.58 3.46 7.21
CA ARG C 241 -10.33 2.73 7.37
C ARG C 241 -9.47 2.86 6.09
N ILE C 242 -8.13 2.81 6.30
CA ILE C 242 -7.19 2.80 5.19
C ILE C 242 -6.15 1.74 5.52
N ALA C 243 -5.18 1.61 4.65
CA ALA C 243 -4.19 0.52 4.77
C ALA C 243 -3.05 0.81 5.79
N THR C 244 -3.37 1.33 6.99
CA THR C 244 -2.33 1.48 8.00
C THR C 244 -2.51 0.28 8.90
N ILE C 245 -1.44 -0.13 9.57
CA ILE C 245 -1.51 -1.39 10.34
C ILE C 245 -2.13 -1.16 11.77
N HIS C 246 -1.57 -0.22 12.52
CA HIS C 246 -2.11 0.22 13.80
C HIS C 246 -2.15 1.75 13.79
N GLY C 247 -2.98 2.29 14.67
CA GLY C 247 -3.02 3.72 14.82
C GLY C 247 -4.30 4.23 14.21
N HIS C 248 -5.14 4.85 15.02
CA HIS C 248 -6.35 5.55 14.51
C HIS C 248 -6.13 7.03 14.58
N TYR C 249 -6.33 7.69 13.46
CA TYR C 249 -5.95 9.10 13.38
C TYR C 249 -7.28 9.88 13.28
N GLU C 250 -7.45 10.98 14.06
CA GLU C 250 -8.75 11.75 14.04
C GLU C 250 -8.51 13.24 13.91
N VAL C 251 -9.35 13.91 13.09
CA VAL C 251 -9.34 15.37 12.98
C VAL C 251 -10.61 15.84 13.68
N LEU C 252 -10.43 16.77 14.62
CA LEU C 252 -11.57 17.24 15.42
C LEU C 252 -11.69 18.76 15.29
N TYR C 253 -12.87 19.20 14.86
CA TYR C 253 -13.26 20.62 14.96
C TYR C 253 -14.15 20.75 16.15
N VAL C 254 -13.67 21.53 17.14
CA VAL C 254 -14.32 21.64 18.43
C VAL C 254 -14.87 23.05 18.65
N SER C 255 -16.15 23.16 18.92
CA SER C 255 -16.75 24.47 19.08
C SER C 255 -17.07 24.71 20.55
N PHE C 256 -17.23 25.99 20.92
CA PHE C 256 -17.41 26.32 22.33
C PHE C 256 -18.49 27.34 22.39
N LYS C 257 -19.16 27.43 23.55
CA LYS C 257 -20.28 28.37 23.76
C LYS C 257 -19.81 29.83 23.77
N GLU C 258 -18.57 30.02 24.18
CA GLU C 258 -18.00 31.38 24.26
C GLU C 258 -16.53 31.38 23.80
N GLU C 259 -15.98 32.57 23.67
CA GLU C 259 -14.66 32.77 23.13
C GLU C 259 -13.68 31.93 23.95
N THR C 260 -12.86 31.14 23.27
CA THR C 260 -11.95 30.17 23.90
C THR C 260 -10.63 30.14 23.11
N ALA C 261 -9.50 30.24 23.81
CA ALA C 261 -8.19 30.35 23.17
C ALA C 261 -7.57 28.96 22.91
N ALA C 262 -7.16 28.73 21.68
CA ALA C 262 -6.47 27.46 21.34
C ALA C 262 -5.23 27.27 22.21
N GLU C 263 -4.55 28.37 22.55
CA GLU C 263 -3.32 28.27 23.34
C GLU C 263 -3.64 27.78 24.75
N LYS C 264 -4.78 28.23 25.30
CA LYS C 264 -5.21 27.76 26.62
C LYS C 264 -5.61 26.31 26.55
N VAL C 265 -6.34 25.92 25.50
CA VAL C 265 -6.78 24.54 25.40
C VAL C 265 -5.52 23.67 25.20
N LYS C 266 -4.53 24.20 24.47
CA LYS C 266 -3.29 23.42 24.27
C LYS C 266 -2.62 23.16 25.61
N GLU C 267 -2.54 24.15 26.52
CA GLU C 267 -1.93 23.94 27.84
C GLU C 267 -2.71 22.96 28.73
N THR C 268 -4.04 22.99 28.62
CA THR C 268 -4.90 22.04 29.36
C THR C 268 -4.64 20.59 28.93
N LEU C 269 -4.52 20.41 27.63
CA LEU C 269 -4.17 19.07 27.10
C LEU C 269 -2.79 18.62 27.53
N GLU C 270 -1.78 19.50 27.43
CA GLU C 270 -0.42 19.19 27.88
C GLU C 270 -0.37 18.79 29.35
N ASN C 271 -1.17 19.49 30.16
CA ASN C 271 -1.16 19.27 31.60
C ASN C 271 -2.12 18.20 32.12
N PHE C 272 -2.86 17.57 31.22
CA PHE C 272 -3.94 16.66 31.65
C PHE C 272 -3.33 15.44 32.36
N ARG C 273 -3.90 15.09 33.51
CA ARG C 273 -3.45 13.95 34.34
C ARG C 273 -4.73 13.47 34.99
N GLY C 274 -4.77 12.21 35.39
CA GLY C 274 -5.93 11.72 36.15
C GLY C 274 -5.48 10.84 37.29
N GLU C 275 -6.46 10.15 37.86
CA GLU C 275 -6.19 9.20 38.91
C GLU C 275 -5.04 8.19 38.61
N PRO C 276 -4.96 7.65 37.38
CA PRO C 276 -3.88 6.68 37.10
C PRO C 276 -2.50 7.27 37.32
N GLN C 277 -2.31 8.52 36.90
CA GLN C 277 -1.03 9.20 37.07
C GLN C 277 -0.79 9.56 38.53
N ASP C 278 -1.83 10.02 39.22
CA ASP C 278 -1.69 10.35 40.65
C ASP C 278 -1.25 9.12 41.46
N LEU C 279 -1.77 7.95 41.09
CA LEU C 279 -1.63 6.72 41.88
C LEU C 279 -0.36 5.97 41.45
N LYS C 280 0.26 6.45 40.38
CA LYS C 280 1.49 5.85 39.87
C LYS C 280 1.29 4.40 39.44
N LEU C 281 0.20 4.11 38.73
CA LEU C 281 -0.10 2.74 38.34
C LEU C 281 0.98 2.33 37.31
N PRO C 282 1.42 1.08 37.34
CA PRO C 282 2.54 0.67 36.41
C PRO C 282 2.27 0.99 34.97
N THR C 283 1.02 0.88 34.51
CA THR C 283 0.75 1.06 33.06
C THR C 283 0.21 2.44 32.74
N ALA C 284 0.14 3.31 33.75
CA ALA C 284 -0.31 4.70 33.52
C ALA C 284 0.82 5.50 32.86
N PRO C 285 0.58 6.08 31.71
CA PRO C 285 1.63 6.89 31.04
C PRO C 285 1.87 8.16 31.90
N SER C 286 3.08 8.73 31.89
CA SER C 286 3.31 10.03 32.56
C SER C 286 2.46 11.13 31.95
N LYS C 287 2.32 11.06 30.63
CA LYS C 287 1.54 12.08 29.91
C LYS C 287 0.52 11.33 29.06
N PRO C 288 -0.68 11.12 29.62
CA PRO C 288 -1.74 10.44 28.90
C PRO C 288 -2.10 11.17 27.63
N ILE C 289 -1.86 12.49 27.61
CA ILE C 289 -2.00 13.22 26.33
C ILE C 289 -0.67 13.89 26.01
N ILE C 290 -0.09 13.57 24.86
CA ILE C 290 1.19 14.17 24.50
C ILE C 290 0.83 15.18 23.40
N VAL C 291 1.37 16.40 23.48
CA VAL C 291 1.00 17.39 22.49
C VAL C 291 2.23 17.71 21.67
N MET C 292 2.10 17.60 20.35
CA MET C 292 3.19 17.91 19.41
C MET C 292 3.01 19.32 18.75
N ASN C 293 4.12 19.98 18.43
CA ASN C 293 4.06 21.37 17.92
C ASN C 293 4.24 21.47 16.44
N GLU C 294 4.85 20.47 15.80
CA GLU C 294 5.09 20.51 14.34
C GLU C 294 3.82 20.46 13.53
N ASP C 295 3.74 21.20 12.42
CA ASP C 295 2.46 21.18 11.66
C ASP C 295 2.31 19.94 10.78
N THR C 296 3.27 19.01 10.85
CA THR C 296 3.10 17.73 10.14
C THR C 296 3.08 16.57 11.14
N ARG C 297 2.81 16.86 12.43
CA ARG C 297 2.80 15.79 13.41
C ARG C 297 1.53 15.94 14.28
N PRO C 298 1.00 14.83 14.87
CA PRO C 298 1.53 13.44 14.80
C PRO C 298 1.40 12.80 13.44
N GLN C 299 2.26 11.82 13.20
CA GLN C 299 2.01 10.91 12.04
C GLN C 299 1.81 9.47 12.58
N VAL C 300 0.92 8.71 11.95
CA VAL C 300 0.57 7.31 12.35
C VAL C 300 1.88 6.54 12.61
N TYR C 301 2.77 6.46 11.62
CA TYR C 301 3.88 5.50 11.73
C TYR C 301 4.82 5.89 12.86
N PHE C 302 5.07 7.19 13.00
CA PHE C 302 6.08 7.69 13.91
C PHE C 302 5.65 7.94 15.34
N ASP C 303 4.34 8.14 15.57
CA ASP C 303 3.84 8.61 16.91
C ASP C 303 2.94 7.61 17.60
N ARG C 304 2.63 6.48 16.94
CA ARG C 304 1.65 5.57 17.52
C ARG C 304 2.26 4.77 18.70
N TRP C 305 3.59 4.79 18.83
CA TRP C 305 4.26 4.10 19.96
C TRP C 305 4.93 5.11 20.91
N ALA C 306 4.40 6.33 20.95
CA ALA C 306 4.99 7.40 21.78
C ALA C 306 4.72 7.19 23.28
N GLY C 307 5.56 7.82 24.10
CA GLY C 307 5.33 7.88 25.54
C GLY C 307 6.19 6.91 26.36
N ASP C 308 6.27 7.18 27.66
CA ASP C 308 7.14 6.40 28.51
C ASP C 308 6.58 4.98 28.63
N ILE C 309 5.27 4.83 28.48
CA ILE C 309 4.65 3.53 28.30
C ILE C 309 4.21 3.45 26.82
N PRO C 310 5.02 2.84 25.94
CA PRO C 310 4.72 2.98 24.48
C PRO C 310 3.31 2.52 24.03
N GLY C 311 2.61 3.38 23.28
CA GLY C 311 1.26 3.04 22.82
C GLY C 311 0.15 3.44 23.83
N MET C 312 0.51 3.88 25.02
CA MET C 312 -0.52 4.24 26.03
C MET C 312 -0.98 5.71 26.00
N SER C 313 -0.24 6.56 25.30
CA SER C 313 -0.60 8.00 25.30
C SER C 313 -1.35 8.33 24.05
N VAL C 314 -2.32 9.23 24.18
CA VAL C 314 -2.98 9.74 22.99
C VAL C 314 -2.10 10.91 22.56
N VAL C 315 -1.78 10.98 21.26
CA VAL C 315 -0.90 12.04 20.76
C VAL C 315 -1.75 13.03 20.01
N VAL C 316 -1.71 14.27 20.49
CA VAL C 316 -2.47 15.34 19.86
C VAL C 316 -1.50 16.32 19.17
N GLY C 317 -1.97 16.98 18.12
CA GLY C 317 -1.18 18.04 17.46
C GLY C 317 -2.09 18.99 16.69
N ARG C 318 -1.50 19.96 16.01
CA ARG C 318 -2.21 20.81 15.04
C ARG C 318 -3.21 21.78 15.73
N LEU C 319 -3.01 22.05 17.03
CA LEU C 319 -3.93 22.94 17.78
C LEU C 319 -3.92 24.27 17.08
N LYS C 320 -5.08 24.70 16.61
CA LYS C 320 -5.14 25.98 15.89
C LYS C 320 -6.49 26.66 16.09
N GLN C 321 -6.46 27.97 16.26
CA GLN C 321 -7.69 28.81 16.30
C GLN C 321 -8.34 28.86 14.93
N VAL C 322 -9.58 28.40 14.80
CA VAL C 322 -10.31 28.53 13.55
C VAL C 322 -11.14 29.85 13.54
N ASN C 323 -11.93 30.06 14.58
CA ASN C 323 -12.57 31.37 14.82
C ASN C 323 -12.63 31.48 16.34
N LYS C 324 -13.27 32.53 16.89
CA LYS C 324 -13.19 32.76 18.35
C LYS C 324 -13.78 31.62 19.16
N ARG C 325 -14.69 30.87 18.53
CA ARG C 325 -15.42 29.85 19.25
C ARG C 325 -15.20 28.47 18.65
N MET C 326 -14.08 28.27 17.95
CA MET C 326 -13.81 27.01 17.24
C MET C 326 -12.28 26.78 17.11
N ILE C 327 -11.84 25.56 17.44
CA ILE C 327 -10.43 25.19 17.28
C ILE C 327 -10.37 23.92 16.46
N ARG C 328 -9.19 23.61 15.94
CA ARG C 328 -8.96 22.38 15.20
C ARG C 328 -7.83 21.68 15.98
N LEU C 329 -7.92 20.36 16.13
CA LEU C 329 -6.80 19.57 16.64
C LEU C 329 -6.92 18.19 15.99
N VAL C 330 -5.82 17.44 16.07
CA VAL C 330 -5.88 16.06 15.60
C VAL C 330 -5.45 15.16 16.74
N SER C 331 -5.88 13.89 16.72
CA SER C 331 -5.43 12.98 17.78
C SER C 331 -5.11 11.62 17.13
N LEU C 332 -4.12 10.96 17.72
CA LEU C 332 -3.67 9.66 17.29
C LEU C 332 -3.65 8.73 18.52
N ILE C 333 -4.30 7.59 18.41
CA ILE C 333 -4.34 6.61 19.49
C ILE C 333 -3.82 5.29 18.91
N HIS C 334 -2.98 4.60 19.68
CA HIS C 334 -2.66 3.17 19.37
C HIS C 334 -3.88 2.30 19.70
N ASN C 335 -4.52 1.79 18.65
CA ASN C 335 -5.86 1.22 18.83
C ASN C 335 -5.87 -0.12 19.59
N THR C 336 -4.75 -0.86 19.65
CA THR C 336 -4.80 -2.15 20.43
C THR C 336 -4.06 -2.02 21.80
N VAL C 337 -3.37 -0.91 21.99
CA VAL C 337 -2.62 -0.68 23.27
C VAL C 337 -3.62 0.20 24.08
N ARG C 338 -3.49 1.54 24.01
CA ARG C 338 -4.42 2.38 24.73
C ARG C 338 -5.88 2.01 24.39
N GLY C 339 -6.15 1.79 23.11
CA GLY C 339 -7.52 1.56 22.65
C GLY C 339 -8.11 0.20 23.03
N ALA C 340 -7.30 -0.69 23.62
CA ALA C 340 -7.78 -2.04 23.97
C ALA C 340 -7.01 -2.64 25.11
N ALA C 341 -5.98 -3.46 24.85
CA ALA C 341 -5.34 -4.23 25.93
C ALA C 341 -4.63 -3.34 26.99
N GLY C 342 -3.96 -2.26 26.55
CA GLY C 342 -3.18 -1.45 27.49
C GLY C 342 -4.13 -0.69 28.46
N GLY C 343 -5.21 -0.15 27.90
CA GLY C 343 -6.33 0.42 28.70
C GLY C 343 -6.92 -0.63 29.63
N GLY C 344 -6.99 -1.88 29.16
CA GLY C 344 -7.54 -2.97 29.98
C GLY C 344 -6.71 -3.30 31.17
N ILE C 345 -5.40 -3.36 30.96
CA ILE C 345 -4.42 -3.61 32.01
C ILE C 345 -4.39 -2.45 33.02
N LEU C 346 -4.51 -1.21 32.51
CA LEU C 346 -4.50 -0.02 33.39
C LEU C 346 -5.77 -0.09 34.26
N ALA C 347 -6.89 -0.49 33.67
CA ALA C 347 -8.15 -0.66 34.42
C ALA C 347 -7.98 -1.71 35.51
N ALA C 348 -7.36 -2.85 35.17
CA ALA C 348 -7.05 -3.85 36.18
C ALA C 348 -6.23 -3.26 37.29
N GLU C 349 -5.19 -2.50 36.98
CA GLU C 349 -4.33 -1.95 38.09
C GLU C 349 -5.13 -1.01 38.97
N LEU C 350 -6.00 -0.23 38.36
CA LEU C 350 -6.90 0.67 39.10
C LEU C 350 -7.83 -0.14 40.03
N LEU C 351 -8.44 -1.20 39.50
CA LEU C 351 -9.30 -2.09 40.26
C LEU C 351 -8.57 -2.78 41.39
N VAL C 352 -7.33 -3.20 41.16
CA VAL C 352 -6.47 -3.70 42.29
C VAL C 352 -6.28 -2.60 43.36
N GLU C 353 -5.83 -1.42 42.94
CA GLU C 353 -5.58 -0.33 43.85
C GLU C 353 -6.83 0.02 44.67
N LYS C 354 -8.00 -0.04 44.06
CA LYS C 354 -9.23 0.32 44.73
C LYS C 354 -9.85 -0.85 45.49
N GLY C 355 -9.18 -2.00 45.51
CA GLY C 355 -9.60 -3.14 46.33
C GLY C 355 -10.65 -4.03 45.67
N TYR C 356 -11.00 -3.76 44.42
CA TYR C 356 -12.02 -4.58 43.73
C TYR C 356 -11.49 -5.95 43.25
N ILE C 357 -10.16 -6.05 43.12
CA ILE C 357 -9.49 -7.31 42.76
C ILE C 357 -8.44 -7.63 43.82
N GLU C 358 -8.58 -8.80 44.45
CA GLU C 358 -7.80 -9.12 45.65
C GLU C 358 -6.74 -10.16 45.43
N LYS C 359 -5.58 -9.93 46.06
CA LYS C 359 -4.34 -10.69 45.87
C LYS C 359 -4.38 -12.12 46.43
N ARG D 6 -13.06 24.14 -38.42
CA ARG D 6 -11.60 23.86 -38.22
C ARG D 6 -11.27 23.56 -36.75
N THR D 7 -10.21 22.77 -36.57
CA THR D 7 -9.77 22.45 -35.24
C THR D 7 -8.84 23.56 -34.74
N LEU D 8 -8.74 23.71 -33.41
CA LEU D 8 -7.72 24.56 -32.78
C LEU D 8 -6.53 23.69 -32.39
N LYS D 9 -5.34 24.21 -32.59
CA LYS D 9 -4.13 23.45 -32.30
C LYS D 9 -3.61 23.86 -30.95
N ALA D 10 -3.57 22.92 -30.01
CA ALA D 10 -3.13 23.27 -28.67
C ALA D 10 -1.70 22.86 -28.47
N ALA D 11 -0.99 23.63 -27.66
CA ALA D 11 0.26 23.18 -27.09
C ALA D 11 0.03 22.77 -25.65
N ILE D 12 0.55 21.60 -25.26
CA ILE D 12 0.46 21.19 -23.87
C ILE D 12 1.84 21.33 -23.31
N LEU D 13 2.01 22.26 -22.38
CA LEU D 13 3.27 22.35 -21.64
C LEU D 13 3.33 21.26 -20.56
N GLY D 14 4.55 20.89 -20.14
CA GLY D 14 4.67 19.81 -19.18
C GLY D 14 3.89 18.58 -19.64
N ALA D 15 3.96 18.27 -20.94
CA ALA D 15 3.14 17.20 -21.57
C ALA D 15 3.32 15.84 -20.93
N THR D 16 4.51 15.56 -20.41
CA THR D 16 4.72 14.25 -19.79
C THR D 16 4.31 14.14 -18.31
N GLY D 17 3.96 15.26 -17.67
CA GLY D 17 3.56 15.23 -16.26
C GLY D 17 2.18 14.59 -15.98
N LEU D 18 1.86 14.45 -14.70
CA LEU D 18 0.56 13.85 -14.27
C LEU D 18 -0.68 14.64 -14.74
N VAL D 19 -0.51 15.94 -14.97
CA VAL D 19 -1.59 16.75 -15.54
C VAL D 19 -1.50 16.70 -17.06
N GLY D 20 -0.28 16.85 -17.57
CA GLY D 20 -0.02 16.73 -19.04
C GLY D 20 -0.64 15.49 -19.66
N ILE D 21 -0.54 14.34 -18.98
CA ILE D 21 -1.07 13.10 -19.59
C ILE D 21 -2.59 13.16 -19.76
N GLU D 22 -3.25 13.86 -18.83
CA GLU D 22 -4.70 14.04 -18.98
C GLU D 22 -5.06 14.96 -20.13
N TYR D 23 -4.35 16.09 -20.32
CA TYR D 23 -4.55 16.81 -21.58
C TYR D 23 -4.38 15.94 -22.79
N VAL D 24 -3.32 15.11 -22.79
CA VAL D 24 -3.06 14.26 -23.97
C VAL D 24 -4.22 13.29 -24.19
N ARG D 25 -4.57 12.52 -23.16
CA ARG D 25 -5.72 11.60 -23.22
C ARG D 25 -7.04 12.25 -23.67
N MET D 26 -7.44 13.34 -23.01
CA MET D 26 -8.73 14.02 -23.37
C MET D 26 -8.75 14.70 -24.70
N LEU D 27 -7.69 15.45 -25.03
CA LEU D 27 -7.63 16.19 -26.32
C LEU D 27 -7.57 15.23 -27.51
N SER D 28 -7.06 14.02 -27.26
CA SER D 28 -6.97 13.02 -28.35
C SER D 28 -8.33 12.64 -28.94
N ASN D 29 -9.36 12.75 -28.11
CA ASN D 29 -10.72 12.49 -28.55
C ASN D 29 -11.62 13.73 -28.62
N HIS D 30 -11.05 14.93 -28.58
CA HIS D 30 -11.85 16.14 -28.50
C HIS D 30 -12.40 16.49 -29.89
N PRO D 31 -13.62 16.99 -29.98
CA PRO D 31 -14.20 17.28 -31.29
C PRO D 31 -13.38 18.29 -32.14
N TYR D 32 -12.68 19.22 -31.49
CA TYR D 32 -12.10 20.34 -32.25
C TYR D 32 -10.83 20.97 -31.69
N ILE D 33 -10.38 20.56 -30.51
CA ILE D 33 -9.08 21.01 -30.03
C ILE D 33 -8.10 19.84 -30.12
N LYS D 34 -7.03 20.03 -30.88
CA LYS D 34 -6.09 18.94 -31.10
C LYS D 34 -4.81 19.09 -30.24
N PRO D 35 -4.33 18.00 -29.65
CA PRO D 35 -3.02 18.05 -29.01
C PRO D 35 -1.92 18.09 -30.09
N ALA D 36 -1.62 19.28 -30.62
CA ALA D 36 -0.73 19.42 -31.76
C ALA D 36 0.76 19.56 -31.43
N TYR D 37 1.05 20.02 -30.22
CA TYR D 37 2.42 20.39 -29.82
C TYR D 37 2.66 19.98 -28.36
N LEU D 38 3.63 19.09 -28.16
CA LEU D 38 3.87 18.52 -26.84
C LEU D 38 5.19 19.07 -26.31
N ALA D 39 5.13 19.89 -25.25
CA ALA D 39 6.32 20.58 -24.80
C ALA D 39 6.94 20.01 -23.52
N GLY D 40 8.24 20.20 -23.37
CA GLY D 40 8.93 19.77 -22.16
C GLY D 40 10.22 20.53 -21.95
N LYS D 41 11.06 20.02 -21.06
CA LYS D 41 12.37 20.60 -20.76
C LYS D 41 13.44 19.50 -20.83
N GLY D 42 13.52 18.70 -19.77
CA GLY D 42 14.47 17.59 -19.67
C GLY D 42 14.43 16.58 -20.80
N SER D 43 13.21 16.22 -21.23
CA SER D 43 13.02 15.17 -22.24
C SER D 43 12.88 15.68 -23.69
N VAL D 44 13.07 16.99 -23.89
CA VAL D 44 13.05 17.59 -25.23
C VAL D 44 13.90 16.75 -26.18
N GLY D 45 13.42 16.59 -27.44
CA GLY D 45 14.04 15.71 -28.43
C GLY D 45 13.54 14.26 -28.55
N LYS D 46 13.02 13.68 -27.46
CA LYS D 46 12.63 12.25 -27.38
C LYS D 46 11.16 11.95 -27.74
N PRO D 47 10.87 10.73 -28.24
CA PRO D 47 9.49 10.35 -28.54
C PRO D 47 8.63 10.33 -27.27
N TYR D 48 7.47 10.98 -27.32
CA TYR D 48 6.57 11.07 -26.15
C TYR D 48 6.29 9.70 -25.51
N GLY D 49 5.97 8.73 -26.37
CA GLY D 49 5.58 7.39 -25.94
C GLY D 49 6.66 6.70 -25.12
N GLU D 50 7.93 6.94 -25.46
CA GLU D 50 9.06 6.36 -24.74
C GLU D 50 9.41 6.98 -23.41
N VAL D 51 9.12 8.26 -23.23
CA VAL D 51 9.56 8.84 -21.97
C VAL D 51 8.45 8.98 -20.94
N VAL D 52 7.20 9.07 -21.39
CA VAL D 52 6.08 9.31 -20.45
C VAL D 52 5.85 8.16 -19.47
N ARG D 53 5.47 8.50 -18.24
CA ARG D 53 4.86 7.55 -17.32
C ARG D 53 3.36 7.73 -17.52
N TRP D 54 2.75 6.79 -18.21
CA TRP D 54 1.34 6.88 -18.52
C TRP D 54 0.55 6.38 -17.32
N GLN D 55 0.51 7.22 -16.29
CA GLN D 55 -0.16 6.90 -15.02
C GLN D 55 -1.64 7.27 -15.06
N THR D 56 -2.33 6.71 -16.05
CA THR D 56 -3.74 7.03 -16.19
C THR D 56 -4.42 5.89 -16.91
N VAL D 57 -5.69 6.08 -17.25
CA VAL D 57 -6.44 5.01 -17.91
C VAL D 57 -5.94 4.71 -19.36
N GLY D 58 -6.02 3.44 -19.73
CA GLY D 58 -5.82 3.06 -21.11
C GLY D 58 -4.34 3.13 -21.46
N GLN D 59 -4.04 3.51 -22.69
CA GLN D 59 -2.66 3.58 -23.16
C GLN D 59 -2.37 4.94 -23.84
N VAL D 60 -1.10 5.31 -24.00
CA VAL D 60 -0.76 6.50 -24.78
C VAL D 60 -1.47 6.42 -26.17
N PRO D 61 -2.24 7.42 -26.57
CA PRO D 61 -2.84 7.36 -27.92
C PRO D 61 -1.82 7.06 -29.02
N LYS D 62 -2.16 6.13 -29.90
CA LYS D 62 -1.26 5.71 -31.01
C LYS D 62 -0.79 6.88 -31.88
N GLU D 63 -1.66 7.84 -32.16
CA GLU D 63 -1.24 9.01 -32.96
C GLU D 63 -0.36 10.02 -32.16
N ILE D 64 -0.21 9.79 -30.87
CA ILE D 64 0.62 10.67 -30.04
C ILE D 64 1.99 10.03 -29.73
N ALA D 65 2.05 8.70 -29.65
CA ALA D 65 3.21 8.00 -29.05
C ALA D 65 4.55 8.40 -29.64
N ASP D 66 4.54 8.64 -30.95
CA ASP D 66 5.74 8.87 -31.74
C ASP D 66 6.03 10.34 -31.95
N MET D 67 5.12 11.18 -31.47
CA MET D 67 5.37 12.60 -31.47
C MET D 67 6.56 12.97 -30.60
N GLU D 68 7.39 13.84 -31.13
CA GLU D 68 8.57 14.26 -30.43
C GLU D 68 8.25 15.41 -29.47
N ILE D 69 8.78 15.32 -28.24
CA ILE D 69 8.73 16.40 -27.26
C ILE D 69 9.56 17.60 -27.77
N LYS D 70 8.92 18.77 -27.78
CA LYS D 70 9.54 19.97 -28.36
C LYS D 70 9.79 21.02 -27.29
N PRO D 71 10.70 21.95 -27.57
CA PRO D 71 11.06 22.96 -26.57
C PRO D 71 9.86 23.84 -26.13
N THR D 72 9.84 24.26 -24.87
CA THR D 72 8.85 25.22 -24.37
C THR D 72 9.27 26.64 -24.80
N ASP D 73 9.03 26.98 -26.06
CA ASP D 73 9.49 28.25 -26.62
C ASP D 73 8.45 28.92 -27.54
N PRO D 74 7.89 30.06 -27.10
CA PRO D 74 6.98 30.83 -27.94
C PRO D 74 7.36 30.92 -29.43
N LYS D 75 8.66 30.95 -29.77
CA LYS D 75 9.06 31.16 -31.18
C LYS D 75 8.81 29.97 -32.11
N LEU D 76 8.71 28.77 -31.54
CA LEU D 76 8.49 27.56 -32.34
C LEU D 76 7.01 27.29 -32.59
N MET D 77 6.15 28.19 -32.11
CA MET D 77 4.73 27.91 -31.94
C MET D 77 3.75 28.77 -32.78
N ASP D 78 4.21 29.26 -33.93
CA ASP D 78 3.37 30.05 -34.85
C ASP D 78 2.10 29.35 -35.22
N ASP D 79 2.17 28.03 -35.19
CA ASP D 79 1.12 27.17 -35.65
C ASP D 79 0.12 26.86 -34.52
N VAL D 80 0.40 27.36 -33.32
CA VAL D 80 -0.35 26.97 -32.11
C VAL D 80 -1.43 28.00 -31.74
N ASP D 81 -2.63 27.51 -31.39
CA ASP D 81 -3.78 28.41 -31.13
C ASP D 81 -4.07 28.59 -29.64
N ILE D 82 -3.69 27.62 -28.81
CA ILE D 82 -3.98 27.67 -27.37
C ILE D 82 -2.82 27.04 -26.62
N ILE D 83 -2.52 27.56 -25.45
CA ILE D 83 -1.51 26.96 -24.61
C ILE D 83 -2.12 26.45 -23.32
N PHE D 84 -1.95 25.16 -23.03
CA PHE D 84 -2.36 24.64 -21.74
C PHE D 84 -1.08 24.52 -20.90
N SER D 85 -1.10 25.09 -19.70
CA SER D 85 0.12 25.24 -18.90
C SER D 85 0.06 24.64 -17.49
N PRO D 86 0.46 23.36 -17.35
CA PRO D 86 0.55 22.75 -16.04
C PRO D 86 2.03 22.67 -15.63
N LEU D 87 2.58 23.82 -15.25
CA LEU D 87 4.00 23.97 -15.02
C LEU D 87 4.19 24.15 -13.51
N PRO D 88 5.36 23.80 -12.98
CA PRO D 88 5.56 23.84 -11.53
C PRO D 88 5.57 25.26 -11.02
N GLN D 89 5.21 25.46 -9.77
CA GLN D 89 5.15 26.79 -9.16
C GLN D 89 6.54 27.47 -9.16
N GLY D 90 6.57 28.76 -9.43
CA GLY D 90 7.86 29.45 -9.57
C GLY D 90 8.17 29.55 -11.05
N ALA D 91 8.26 28.40 -11.72
CA ALA D 91 8.64 28.42 -13.13
C ALA D 91 7.49 28.86 -14.06
N ALA D 92 6.23 28.54 -13.70
CA ALA D 92 5.06 28.87 -14.54
C ALA D 92 4.84 30.37 -14.78
N GLY D 93 4.90 31.14 -13.70
CA GLY D 93 4.59 32.58 -13.71
C GLY D 93 5.14 33.28 -14.94
N PRO D 94 6.46 33.39 -14.99
CA PRO D 94 7.10 34.14 -16.07
C PRO D 94 6.89 33.53 -17.46
N VAL D 95 6.86 32.20 -17.56
CA VAL D 95 6.66 31.53 -18.85
C VAL D 95 5.26 31.88 -19.38
N GLU D 96 4.25 31.82 -18.51
CA GLU D 96 2.86 32.07 -18.91
C GLU D 96 2.71 33.50 -19.34
N GLU D 97 3.39 34.40 -18.65
CA GLU D 97 3.52 35.80 -19.15
C GLU D 97 4.17 35.93 -20.55
N GLN D 98 5.26 35.19 -20.80
CA GLN D 98 5.89 35.27 -22.14
C GLN D 98 4.89 34.85 -23.23
N PHE D 99 4.09 33.78 -22.99
CA PHE D 99 3.08 33.31 -23.98
C PHE D 99 1.95 34.31 -24.26
N ALA D 100 1.36 34.85 -23.20
CA ALA D 100 0.37 35.92 -23.31
C ALA D 100 0.92 37.15 -24.08
N LYS D 101 2.14 37.57 -23.74
CA LYS D 101 2.83 38.66 -24.48
C LYS D 101 3.00 38.35 -25.97
N GLU D 102 3.22 37.07 -26.31
CA GLU D 102 3.32 36.70 -27.75
C GLU D 102 1.92 36.57 -28.42
N GLY D 103 0.86 36.98 -27.71
CA GLY D 103 -0.54 36.86 -28.24
C GLY D 103 -1.28 35.53 -28.00
N PHE D 104 -0.74 34.61 -27.18
CA PHE D 104 -1.40 33.31 -26.93
C PHE D 104 -2.43 33.36 -25.82
N PRO D 105 -3.55 32.64 -25.98
CA PRO D 105 -4.43 32.33 -24.85
C PRO D 105 -3.77 31.24 -24.02
N VAL D 106 -3.55 31.49 -22.74
CA VAL D 106 -2.91 30.54 -21.87
C VAL D 106 -3.92 30.14 -20.78
N ILE D 107 -4.25 28.83 -20.74
CA ILE D 107 -5.05 28.27 -19.69
C ILE D 107 -4.06 27.54 -18.78
N SER D 108 -3.87 28.09 -17.58
CA SER D 108 -2.87 27.57 -16.64
C SER D 108 -3.48 26.77 -15.55
N ASN D 109 -2.81 25.67 -15.14
CA ASN D 109 -3.16 25.01 -13.86
C ASN D 109 -2.18 25.28 -12.75
N SER D 110 -1.21 26.15 -13.01
CA SER D 110 -0.18 26.47 -12.02
C SER D 110 -0.69 27.52 -11.02
N PRO D 111 -0.15 27.53 -9.81
CA PRO D 111 -0.62 28.43 -8.76
C PRO D 111 -0.21 29.88 -8.98
N ASP D 112 0.71 30.12 -9.91
CA ASP D 112 1.45 31.39 -9.92
C ASP D 112 0.56 32.62 -10.06
N HIS D 113 -0.42 32.56 -10.95
CA HIS D 113 -1.20 33.78 -11.24
C HIS D 113 -2.59 33.71 -10.64
N ARG D 114 -2.82 32.73 -9.77
CA ARG D 114 -4.16 32.43 -9.22
C ARG D 114 -4.83 33.61 -8.46
N PHE D 115 -4.00 34.51 -7.96
CA PHE D 115 -4.47 35.64 -7.12
C PHE D 115 -4.20 37.01 -7.74
N ASP D 116 -3.68 37.04 -8.96
CA ASP D 116 -3.63 38.29 -9.71
C ASP D 116 -5.08 38.73 -9.89
N PRO D 117 -5.42 39.96 -9.50
CA PRO D 117 -6.85 40.31 -9.47
C PRO D 117 -7.44 40.47 -10.90
N ASP D 118 -6.58 40.60 -11.91
CA ASP D 118 -7.03 40.64 -13.31
C ASP D 118 -6.98 39.26 -14.04
N VAL D 119 -6.67 38.18 -13.31
CA VAL D 119 -6.60 36.81 -13.88
C VAL D 119 -7.74 35.95 -13.29
N PRO D 120 -8.60 35.43 -14.14
CA PRO D 120 -9.68 34.55 -13.64
C PRO D 120 -9.12 33.33 -12.93
N LEU D 121 -9.73 33.00 -11.81
CA LEU D 121 -9.45 31.80 -11.05
C LEU D 121 -10.71 30.97 -11.26
N LEU D 122 -10.73 30.18 -12.32
CA LEU D 122 -12.01 29.80 -12.94
C LEU D 122 -12.47 28.37 -12.69
N VAL D 123 -13.69 28.25 -12.13
CA VAL D 123 -14.44 26.99 -12.17
C VAL D 123 -15.68 27.27 -13.04
N PRO D 124 -15.74 26.68 -14.24
CA PRO D 124 -16.72 27.18 -15.22
C PRO D 124 -18.17 27.11 -14.72
N GLU D 125 -18.51 26.16 -13.84
CA GLU D 125 -19.88 26.05 -13.34
C GLU D 125 -20.18 27.12 -12.28
N LEU D 126 -19.13 27.65 -11.66
CA LEU D 126 -19.29 28.54 -10.52
C LEU D 126 -19.14 30.01 -10.80
N ASN D 127 -18.09 30.40 -11.53
CA ASN D 127 -17.85 31.84 -11.75
C ASN D 127 -17.55 32.17 -13.18
N PRO D 128 -18.36 31.66 -14.11
CA PRO D 128 -18.05 31.81 -15.53
C PRO D 128 -17.93 33.28 -16.00
N HIS D 129 -18.58 34.20 -15.28
CA HIS D 129 -18.58 35.60 -15.69
C HIS D 129 -17.23 36.25 -15.46
N THR D 130 -16.38 35.62 -14.64
CA THR D 130 -15.08 36.23 -14.35
C THR D 130 -14.11 36.17 -15.54
N ILE D 131 -14.46 35.45 -16.60
CA ILE D 131 -13.70 35.60 -17.84
C ILE D 131 -13.64 37.06 -18.34
N SER D 132 -14.59 37.89 -17.93
CA SER D 132 -14.61 39.34 -18.25
C SER D 132 -13.33 40.09 -17.86
N LEU D 133 -12.67 39.56 -16.83
CA LEU D 133 -11.41 40.09 -16.33
C LEU D 133 -10.30 40.15 -17.40
N ILE D 134 -10.39 39.23 -18.41
CA ILE D 134 -9.46 39.26 -19.54
C ILE D 134 -9.38 40.59 -20.24
N ASP D 135 -10.51 41.30 -20.37
CA ASP D 135 -10.48 42.57 -21.09
C ASP D 135 -9.61 43.61 -20.39
N GLU D 136 -9.76 43.65 -19.00
CA GLU D 136 -8.93 44.67 -18.29
C GLU D 136 -7.50 44.18 -18.32
N GLN D 137 -7.35 42.84 -18.23
CA GLN D 137 -6.04 42.23 -18.21
C GLN D 137 -5.23 42.64 -19.47
N ARG D 138 -5.82 42.50 -20.66
CA ARG D 138 -5.11 42.78 -21.89
C ARG D 138 -4.73 44.25 -21.94
N LYS D 139 -5.65 45.11 -21.50
CA LYS D 139 -5.39 46.57 -21.51
C LYS D 139 -4.24 46.95 -20.55
N ARG D 140 -4.36 46.58 -19.28
CA ARG D 140 -3.39 46.94 -18.26
C ARG D 140 -2.04 46.27 -18.47
N ARG D 141 -2.04 44.99 -18.83
CA ARG D 141 -0.75 44.32 -19.06
C ARG D 141 -0.14 44.70 -20.40
N GLU D 142 -0.96 45.23 -21.29
CA GLU D 142 -0.56 45.54 -22.68
C GLU D 142 -0.09 44.25 -23.42
N TRP D 143 -0.89 43.20 -23.32
CA TRP D 143 -0.64 42.04 -24.15
C TRP D 143 -1.95 41.60 -24.93
N LYS D 144 -1.71 41.04 -26.09
CA LYS D 144 -2.80 40.54 -26.99
C LYS D 144 -3.37 39.21 -26.50
N GLY D 145 -2.54 38.39 -25.86
CA GLY D 145 -3.02 37.11 -25.33
C GLY D 145 -3.69 37.32 -23.98
N PHE D 146 -3.71 36.27 -23.17
CA PHE D 146 -4.20 36.34 -21.78
C PHE D 146 -3.81 35.11 -21.00
N ILE D 147 -3.94 35.22 -19.67
CA ILE D 147 -3.82 34.11 -18.72
C ILE D 147 -5.17 33.88 -17.97
N VAL D 148 -5.58 32.62 -17.89
CA VAL D 148 -6.69 32.19 -17.04
C VAL D 148 -6.13 31.04 -16.22
N THR D 149 -6.41 31.01 -14.92
CA THR D 149 -5.98 29.90 -14.10
C THR D 149 -7.17 29.01 -13.70
N THR D 150 -6.89 27.74 -13.37
CA THR D 150 -7.89 26.89 -12.72
C THR D 150 -7.39 26.72 -11.27
N PRO D 151 -8.29 26.50 -10.31
CA PRO D 151 -7.87 26.49 -8.90
C PRO D 151 -7.18 25.21 -8.43
N LEU D 152 -6.48 25.28 -7.30
CA LEU D 152 -5.97 24.08 -6.59
C LEU D 152 -7.06 22.99 -6.61
N CYS D 153 -6.74 21.75 -7.00
CA CYS D 153 -7.73 20.68 -7.06
CA CYS D 153 -7.76 20.71 -7.05
C CYS D 153 -8.45 20.50 -5.72
N THR D 154 -7.67 20.50 -4.63
CA THR D 154 -8.24 20.39 -3.27
C THR D 154 -9.33 21.47 -3.02
N ALA D 155 -9.05 22.67 -3.48
CA ALA D 155 -9.99 23.77 -3.29
C ALA D 155 -11.23 23.52 -4.14
N GLN D 156 -11.08 22.95 -5.34
CA GLN D 156 -12.23 22.72 -6.21
C GLN D 156 -13.16 21.66 -5.58
N GLY D 157 -12.56 20.64 -4.92
CA GLY D 157 -13.31 19.49 -4.32
C GLY D 157 -14.27 20.03 -3.25
N ALA D 158 -13.87 21.12 -2.62
CA ALA D 158 -14.67 21.76 -1.59
C ALA D 158 -15.54 22.86 -2.20
N ALA D 159 -14.98 23.69 -3.11
CA ALA D 159 -15.67 24.90 -3.55
C ALA D 159 -16.84 24.55 -4.47
N ILE D 160 -16.75 23.44 -5.19
CA ILE D 160 -17.90 23.11 -6.05
C ILE D 160 -19.19 22.84 -5.25
N PRO D 161 -19.15 21.90 -4.31
CA PRO D 161 -20.35 21.69 -3.48
C PRO D 161 -20.61 22.93 -2.58
N LEU D 162 -19.57 23.48 -1.97
CA LEU D 162 -19.80 24.66 -1.10
C LEU D 162 -20.40 25.81 -1.89
N GLY D 163 -19.99 25.99 -3.13
CA GLY D 163 -20.50 27.13 -3.91
C GLY D 163 -21.96 26.89 -4.29
N ALA D 164 -22.31 25.63 -4.59
CA ALA D 164 -23.73 25.32 -4.90
C ALA D 164 -24.61 25.58 -3.69
N ILE D 165 -24.07 25.27 -2.50
CA ILE D 165 -24.81 25.52 -1.22
C ILE D 165 -24.91 27.02 -0.92
N PHE D 166 -23.77 27.71 -0.97
CA PHE D 166 -23.68 29.17 -0.65
C PHE D 166 -24.57 30.02 -1.52
N LYS D 167 -24.81 29.55 -2.74
CA LYS D 167 -25.68 30.24 -3.68
C LYS D 167 -27.13 30.33 -3.16
N ASP D 168 -27.57 29.31 -2.40
CA ASP D 168 -28.99 29.17 -2.05
C ASP D 168 -29.31 29.09 -0.53
N TYR D 169 -28.27 29.03 0.31
CA TYR D 169 -28.41 28.85 1.77
C TYR D 169 -27.58 29.85 2.55
N LYS D 170 -27.98 30.09 3.80
CA LYS D 170 -27.19 30.95 4.69
C LYS D 170 -26.02 30.25 5.33
N MET D 171 -25.12 29.75 4.49
CA MET D 171 -23.98 28.99 4.97
C MET D 171 -23.01 29.92 5.74
N ASP D 172 -22.60 29.57 6.95
CA ASP D 172 -21.66 30.46 7.67
C ASP D 172 -20.36 29.81 8.11
N GLY D 173 -20.16 28.56 7.75
CA GLY D 173 -18.92 27.86 8.06
C GLY D 173 -18.85 26.53 7.31
N ALA D 174 -17.62 26.09 7.04
CA ALA D 174 -17.33 24.76 6.50
C ALA D 174 -15.96 24.32 7.06
N PHE D 175 -15.93 23.13 7.66
CA PHE D 175 -14.76 22.68 8.39
C PHE D 175 -14.41 21.34 7.75
N ILE D 176 -13.28 21.37 7.08
CA ILE D 176 -12.95 20.38 6.07
C ILE D 176 -11.75 19.52 6.49
N THR D 177 -11.87 18.22 6.20
CA THR D 177 -10.73 17.34 6.35
C THR D 177 -10.48 16.68 4.97
N THR D 178 -9.25 16.68 4.49
CA THR D 178 -8.99 16.09 3.19
C THR D 178 -8.04 14.92 3.27
N ILE D 179 -8.24 13.96 2.34
CA ILE D 179 -7.44 12.75 2.31
C ILE D 179 -7.09 12.62 0.82
N GLN D 180 -5.93 13.14 0.44
CA GLN D 180 -5.62 13.40 -0.98
C GLN D 180 -4.73 12.31 -1.56
N SER D 181 -4.71 12.23 -2.90
CA SER D 181 -3.93 11.19 -3.57
C SER D 181 -2.51 11.67 -3.90
N LEU D 182 -1.68 10.70 -4.26
CA LEU D 182 -0.26 10.90 -4.59
C LEU D 182 -0.05 11.73 -5.85
N SER D 183 -0.90 11.53 -6.88
CA SER D 183 -0.63 12.23 -8.16
C SER D 183 -0.72 13.75 -8.03
N GLY D 184 -1.45 14.23 -7.03
CA GLY D 184 -1.54 15.70 -6.83
C GLY D 184 -0.20 16.36 -6.55
N ALA D 185 0.78 15.58 -6.09
CA ALA D 185 2.13 16.13 -5.83
C ALA D 185 3.03 16.00 -7.00
N GLY D 186 2.55 15.39 -8.09
CA GLY D 186 3.47 15.25 -9.23
C GLY D 186 4.48 14.10 -9.10
N TYR D 187 5.49 14.11 -9.94
CA TYR D 187 6.53 13.04 -9.91
C TYR D 187 7.90 13.72 -9.98
N PRO D 188 8.86 13.36 -9.10
CA PRO D 188 8.90 12.24 -8.14
C PRO D 188 7.96 12.44 -6.99
N GLY D 189 7.56 13.69 -6.73
CA GLY D 189 6.45 13.97 -5.81
C GLY D 189 6.76 13.38 -4.43
N ILE D 190 5.79 12.68 -3.88
CA ILE D 190 5.80 12.22 -2.49
C ILE D 190 6.65 10.94 -2.36
N PRO D 191 7.64 10.96 -1.48
CA PRO D 191 8.42 9.73 -1.20
C PRO D 191 7.55 8.56 -0.74
N SER D 192 7.88 7.35 -1.23
CA SER D 192 7.09 6.17 -0.77
C SER D 192 7.05 6.05 0.76
N LEU D 193 8.19 6.30 1.43
CA LEU D 193 8.29 6.09 2.91
C LEU D 193 7.42 7.04 3.68
N ASP D 194 6.99 8.13 3.03
CA ASP D 194 6.01 9.00 3.70
C ASP D 194 4.58 8.46 3.77
N VAL D 195 4.23 7.52 2.90
CA VAL D 195 2.83 7.11 2.86
C VAL D 195 2.57 5.66 3.06
N VAL D 196 3.61 4.81 2.99
CA VAL D 196 3.35 3.38 3.26
C VAL D 196 3.10 3.21 4.79
N ASP D 197 1.95 2.64 5.18
CA ASP D 197 1.60 2.47 6.60
C ASP D 197 1.71 3.85 7.34
N ASN D 198 1.23 4.93 6.69
CA ASN D 198 1.36 6.27 7.31
C ASN D 198 0.29 7.20 6.72
N ILE D 199 0.04 8.37 7.37
CA ILE D 199 -0.79 9.38 6.76
C ILE D 199 0.06 10.61 6.81
N LEU D 200 0.21 11.35 5.68
CA LEU D 200 1.11 12.46 5.67
C LEU D 200 0.31 13.81 5.78
N PRO D 201 0.38 14.54 6.91
CA PRO D 201 -0.32 15.85 6.98
C PRO D 201 0.46 16.83 6.11
N LEU D 202 -0.25 17.71 5.39
CA LEU D 202 0.46 18.68 4.46
C LEU D 202 0.92 19.96 5.12
N GLY D 203 0.32 20.26 6.27
CA GLY D 203 0.86 21.36 7.08
C GLY D 203 0.01 22.66 6.98
N ASP D 204 0.43 23.62 7.76
CA ASP D 204 -0.37 24.84 7.93
C ASP D 204 -0.44 25.63 6.62
N GLY D 205 0.70 25.71 5.91
CA GLY D 205 0.75 26.46 4.66
C GLY D 205 -0.26 25.96 3.64
N TYR D 206 -0.36 24.64 3.54
CA TYR D 206 -1.22 24.03 2.53
C TYR D 206 -2.67 24.19 2.97
N ASP D 207 -2.96 23.97 4.26
CA ASP D 207 -4.32 24.22 4.78
C ASP D 207 -4.77 25.67 4.42
N ALA D 208 -3.88 26.64 4.66
CA ALA D 208 -4.21 28.07 4.39
C ALA D 208 -4.39 28.40 2.91
N LYS D 209 -3.53 27.84 2.05
CA LYS D 209 -3.68 28.22 0.64
C LYS D 209 -4.98 27.63 0.13
N THR D 210 -5.38 26.51 0.74
CA THR D 210 -6.62 25.84 0.32
C THR D 210 -7.82 26.75 0.58
N ILE D 211 -7.92 27.28 1.80
CA ILE D 211 -9.08 28.11 2.12
C ILE D 211 -8.98 29.47 1.46
N LYS D 212 -7.75 29.96 1.25
CA LYS D 212 -7.57 31.23 0.52
C LYS D 212 -8.17 31.16 -0.90
N GLU D 213 -7.94 30.03 -1.59
CA GLU D 213 -8.50 29.83 -2.92
C GLU D 213 -10.01 29.64 -2.86
N ILE D 214 -10.48 28.86 -1.89
CA ILE D 214 -11.94 28.70 -1.71
C ILE D 214 -12.65 30.07 -1.52
N PHE D 215 -12.08 30.95 -0.69
CA PHE D 215 -12.71 32.26 -0.48
C PHE D 215 -12.76 33.04 -1.76
N ARG D 216 -11.72 32.98 -2.59
CA ARG D 216 -11.76 33.81 -3.80
C ARG D 216 -12.89 33.32 -4.73
N ILE D 217 -12.97 32.00 -4.92
CA ILE D 217 -14.01 31.37 -5.70
C ILE D 217 -15.40 31.75 -5.19
N LEU D 218 -15.67 31.50 -3.91
CA LEU D 218 -16.95 31.84 -3.30
C LEU D 218 -17.31 33.29 -3.41
N SER D 219 -16.31 34.16 -3.31
CA SER D 219 -16.60 35.60 -3.46
C SER D 219 -17.06 35.93 -4.87
N GLU D 220 -16.81 35.07 -5.85
CA GLU D 220 -17.22 35.36 -7.24
C GLU D 220 -18.47 34.59 -7.66
N VAL D 221 -19.10 33.89 -6.70
CA VAL D 221 -20.35 33.22 -7.00
C VAL D 221 -21.51 34.21 -6.86
N LYS D 222 -22.37 34.29 -7.91
CA LYS D 222 -23.59 35.07 -7.91
C LYS D 222 -24.65 34.36 -7.08
N ARG D 223 -25.08 34.95 -5.97
CA ARG D 223 -25.91 34.20 -5.01
C ARG D 223 -27.41 34.55 -5.20
N ASN D 224 -28.29 33.67 -4.72
CA ASN D 224 -29.71 33.95 -4.65
C ASN D 224 -30.21 34.45 -3.29
N VAL D 225 -29.34 34.41 -2.28
CA VAL D 225 -29.61 34.89 -0.90
C VAL D 225 -28.45 35.82 -0.54
N ASP D 226 -28.59 36.65 0.48
CA ASP D 226 -27.54 37.64 0.74
C ASP D 226 -26.96 37.59 2.16
N GLU D 227 -27.33 36.56 2.94
CA GLU D 227 -26.75 36.31 4.27
C GLU D 227 -26.10 34.91 4.35
N PRO D 228 -25.04 34.75 5.18
CA PRO D 228 -24.36 35.92 5.75
C PRO D 228 -23.46 36.51 4.64
N LYS D 229 -22.71 37.56 4.95
CA LYS D 229 -21.71 38.08 4.03
C LYS D 229 -20.51 37.13 4.03
N LEU D 230 -19.88 36.94 2.88
CA LEU D 230 -18.71 36.06 2.80
C LEU D 230 -17.65 36.38 3.85
N GLU D 231 -17.47 37.66 4.20
CA GLU D 231 -16.51 38.04 5.27
C GLU D 231 -16.83 37.44 6.61
N ASP D 232 -18.08 37.05 6.80
CA ASP D 232 -18.48 36.47 8.06
C ASP D 232 -18.52 34.94 7.99
N VAL D 233 -18.12 34.31 6.88
CA VAL D 233 -18.11 32.84 6.82
C VAL D 233 -16.80 32.28 7.40
N SER D 234 -16.85 31.24 8.23
CA SER D 234 -15.61 30.68 8.76
C SER D 234 -15.23 29.39 7.99
N LEU D 235 -14.06 29.38 7.37
CA LEU D 235 -13.60 28.17 6.64
C LEU D 235 -12.33 27.65 7.30
N ALA D 236 -12.18 26.32 7.38
CA ALA D 236 -10.94 25.72 7.82
C ALA D 236 -10.73 24.36 7.10
N ALA D 237 -9.47 24.01 6.88
CA ALA D 237 -9.12 22.74 6.27
C ALA D 237 -7.95 22.13 7.06
N THR D 238 -7.95 20.80 7.12
CA THR D 238 -6.85 19.98 7.69
C THR D 238 -6.58 18.94 6.56
N THR D 239 -5.44 19.12 5.88
CA THR D 239 -5.13 18.38 4.61
C THR D 239 -4.12 17.30 4.79
N HIS D 240 -4.21 16.26 3.97
CA HIS D 240 -3.32 15.06 4.13
C HIS D 240 -3.20 14.36 2.81
N ARG D 241 -2.11 13.61 2.64
CA ARG D 241 -2.00 12.65 1.52
C ARG D 241 -1.83 11.23 2.04
N ILE D 242 -2.39 10.28 1.29
CA ILE D 242 -2.20 8.83 1.54
C ILE D 242 -1.86 8.15 0.21
N ALA D 243 -1.68 6.81 0.25
CA ALA D 243 -1.19 6.08 -0.87
C ALA D 243 -2.33 5.74 -1.89
N THR D 244 -3.13 6.72 -2.26
CA THR D 244 -4.11 6.48 -3.35
C THR D 244 -3.45 7.15 -4.58
N ILE D 245 -3.78 6.66 -5.78
CA ILE D 245 -3.15 7.17 -6.99
C ILE D 245 -3.79 8.47 -7.51
N HIS D 246 -5.10 8.46 -7.73
CA HIS D 246 -5.88 9.67 -8.08
C HIS D 246 -7.10 9.75 -7.20
N GLY D 247 -7.59 10.99 -6.98
CA GLY D 247 -8.86 11.18 -6.30
C GLY D 247 -8.63 11.80 -4.94
N HIS D 248 -9.21 12.98 -4.73
CA HIS D 248 -9.05 13.64 -3.44
C HIS D 248 -10.40 13.50 -2.73
N TYR D 249 -10.37 12.98 -1.52
CA TYR D 249 -11.58 12.77 -0.76
C TYR D 249 -11.67 13.82 0.36
N GLU D 250 -12.83 14.47 0.56
CA GLU D 250 -12.97 15.51 1.62
C GLU D 250 -14.21 15.24 2.43
N VAL D 251 -14.10 15.47 3.76
CA VAL D 251 -15.25 15.41 4.66
C VAL D 251 -15.50 16.88 5.02
N LEU D 252 -16.75 17.30 4.85
CA LEU D 252 -17.11 18.70 5.15
C LEU D 252 -18.21 18.71 6.18
N TYR D 253 -17.97 19.43 7.29
CA TYR D 253 -19.04 19.82 8.17
C TYR D 253 -19.42 21.27 7.85
N VAL D 254 -20.67 21.49 7.47
CA VAL D 254 -21.13 22.76 6.96
C VAL D 254 -22.20 23.32 7.90
N SER D 255 -21.93 24.54 8.39
CA SER D 255 -22.85 25.21 9.32
C SER D 255 -23.65 26.31 8.66
N PHE D 256 -24.80 26.65 9.26
CA PHE D 256 -25.72 27.60 8.66
C PHE D 256 -26.16 28.58 9.72
N LYS D 257 -26.54 29.80 9.31
CA LYS D 257 -26.98 30.83 10.25
C LYS D 257 -28.37 30.52 10.79
N GLU D 258 -29.13 29.73 10.07
CA GLU D 258 -30.47 29.42 10.51
C GLU D 258 -30.76 27.97 10.20
N GLU D 259 -31.87 27.48 10.74
CA GLU D 259 -32.22 26.10 10.58
C GLU D 259 -32.28 25.74 9.08
N THR D 260 -31.65 24.63 8.69
CA THR D 260 -31.45 24.26 7.30
C THR D 260 -31.53 22.73 7.19
N ALA D 261 -32.34 22.24 6.24
CA ALA D 261 -32.60 20.78 6.12
C ALA D 261 -31.60 20.09 5.21
N ALA D 262 -31.04 18.98 5.66
CA ALA D 262 -30.10 18.23 4.83
C ALA D 262 -30.70 17.78 3.53
N GLU D 263 -31.97 17.40 3.57
CA GLU D 263 -32.63 16.88 2.38
C GLU D 263 -32.79 17.98 1.33
N LYS D 264 -33.11 19.20 1.80
CA LYS D 264 -33.18 20.35 0.92
C LYS D 264 -31.82 20.62 0.27
N VAL D 265 -30.75 20.58 1.07
CA VAL D 265 -29.40 20.82 0.56
C VAL D 265 -29.02 19.72 -0.44
N LYS D 266 -29.33 18.47 -0.10
CA LYS D 266 -29.12 17.34 -1.00
C LYS D 266 -29.77 17.58 -2.38
N GLU D 267 -31.02 18.02 -2.40
CA GLU D 267 -31.69 18.31 -3.69
C GLU D 267 -31.03 19.40 -4.48
N THR D 268 -30.64 20.49 -3.79
CA THR D 268 -29.80 21.55 -4.39
C THR D 268 -28.55 21.01 -5.05
N LEU D 269 -27.80 20.16 -4.34
CA LEU D 269 -26.65 19.52 -4.94
C LEU D 269 -26.99 18.66 -6.14
N GLU D 270 -28.03 17.84 -6.02
CA GLU D 270 -28.43 17.00 -7.17
C GLU D 270 -28.76 17.81 -8.37
N ASN D 271 -29.33 18.98 -8.15
CA ASN D 271 -29.82 19.80 -9.25
C ASN D 271 -28.79 20.81 -9.75
N PHE D 272 -27.59 20.79 -9.21
CA PHE D 272 -26.67 21.84 -9.55
C PHE D 272 -26.31 21.80 -11.07
N ARG D 273 -26.33 22.96 -11.71
CA ARG D 273 -25.80 23.06 -13.09
C ARG D 273 -25.47 24.51 -13.33
N GLY D 274 -24.63 24.77 -14.33
CA GLY D 274 -24.24 26.13 -14.65
C GLY D 274 -24.16 26.37 -16.14
N GLU D 275 -23.45 27.42 -16.52
CA GLU D 275 -23.38 27.82 -17.93
C GLU D 275 -22.82 26.71 -18.84
N PRO D 276 -21.79 25.98 -18.37
CA PRO D 276 -21.20 24.93 -19.21
C PRO D 276 -22.26 23.91 -19.68
N GLN D 277 -23.14 23.51 -18.77
CA GLN D 277 -24.27 22.65 -19.08
C GLN D 277 -25.28 23.40 -19.99
N ASP D 278 -25.66 24.62 -19.64
CA ASP D 278 -26.61 25.36 -20.49
C ASP D 278 -26.09 25.49 -21.92
N LEU D 279 -24.79 25.73 -22.06
CA LEU D 279 -24.12 25.92 -23.38
C LEU D 279 -23.77 24.60 -24.06
N LYS D 280 -23.98 23.49 -23.36
CA LYS D 280 -23.70 22.19 -23.93
C LYS D 280 -22.24 22.06 -24.39
N LEU D 281 -21.29 22.56 -23.58
CA LEU D 281 -19.88 22.46 -23.96
C LEU D 281 -19.45 21.00 -23.99
N PRO D 282 -18.55 20.64 -24.91
CA PRO D 282 -18.21 19.21 -25.07
C PRO D 282 -17.74 18.55 -23.76
N THR D 283 -17.02 19.29 -22.93
CA THR D 283 -16.40 18.67 -21.77
C THR D 283 -17.17 18.93 -20.46
N ALA D 284 -18.36 19.55 -20.58
CA ALA D 284 -19.23 19.83 -19.44
C ALA D 284 -19.98 18.56 -19.06
N PRO D 285 -19.82 18.09 -17.83
CA PRO D 285 -20.58 16.91 -17.43
C PRO D 285 -22.06 17.26 -17.36
N SER D 286 -22.92 16.27 -17.59
CA SER D 286 -24.38 16.44 -17.42
C SER D 286 -24.69 16.80 -15.98
N LYS D 287 -23.96 16.17 -15.08
CA LYS D 287 -24.17 16.33 -13.66
C LYS D 287 -22.84 16.70 -13.04
N PRO D 288 -22.56 18.01 -12.96
CA PRO D 288 -21.27 18.41 -12.39
C PRO D 288 -21.15 18.04 -10.93
N ILE D 289 -22.28 17.85 -10.23
CA ILE D 289 -22.24 17.18 -8.90
C ILE D 289 -23.16 15.94 -9.01
N ILE D 290 -22.60 14.77 -8.72
CA ILE D 290 -23.36 13.54 -8.68
C ILE D 290 -23.52 13.23 -7.20
N VAL D 291 -24.73 12.91 -6.75
CA VAL D 291 -24.96 12.61 -5.32
C VAL D 291 -25.25 11.12 -5.17
N MET D 292 -24.50 10.44 -4.30
CA MET D 292 -24.72 9.04 -4.02
C MET D 292 -25.48 8.84 -2.69
N ASN D 293 -26.32 7.81 -2.65
CA ASN D 293 -27.12 7.58 -1.45
C ASN D 293 -26.58 6.57 -0.46
N GLU D 294 -25.69 5.68 -0.89
CA GLU D 294 -25.19 4.60 0.02
C GLU D 294 -24.26 5.13 1.08
N ASP D 295 -24.37 4.61 2.31
CA ASP D 295 -23.57 5.18 3.42
C ASP D 295 -22.15 4.68 3.34
N THR D 296 -21.78 3.95 2.26
CA THR D 296 -20.33 3.67 2.13
C THR D 296 -19.77 4.28 0.79
N ARG D 297 -20.51 5.24 0.19
CA ARG D 297 -20.09 5.84 -1.09
C ARG D 297 -20.14 7.36 -0.91
N PRO D 298 -19.31 8.12 -1.68
CA PRO D 298 -18.37 7.60 -2.69
C PRO D 298 -17.10 6.95 -2.06
N GLN D 299 -16.46 6.13 -2.86
CA GLN D 299 -15.16 5.53 -2.51
C GLN D 299 -14.20 5.98 -3.64
N VAL D 300 -12.98 6.31 -3.26
CA VAL D 300 -11.98 6.80 -4.19
C VAL D 300 -11.91 5.90 -5.42
N TYR D 301 -11.68 4.60 -5.23
CA TYR D 301 -11.33 3.78 -6.37
C TYR D 301 -12.49 3.71 -7.34
N PHE D 302 -13.71 3.62 -6.78
CA PHE D 302 -14.89 3.24 -7.59
C PHE D 302 -15.58 4.45 -8.20
N ASP D 303 -15.38 5.63 -7.61
CA ASP D 303 -16.16 6.79 -8.04
C ASP D 303 -15.36 7.94 -8.64
N ARG D 304 -14.05 7.79 -8.69
CA ARG D 304 -13.22 8.87 -9.29
C ARG D 304 -13.33 9.00 -10.79
N TRP D 305 -13.91 8.00 -11.46
CA TRP D 305 -14.16 8.10 -12.91
C TRP D 305 -15.64 8.16 -13.25
N ALA D 306 -16.45 8.64 -12.31
CA ALA D 306 -17.90 8.64 -12.52
C ALA D 306 -18.33 9.67 -13.55
N GLY D 307 -19.53 9.45 -14.10
CA GLY D 307 -20.19 10.48 -14.90
C GLY D 307 -20.07 10.27 -16.41
N ASP D 308 -20.90 10.97 -17.17
CA ASP D 308 -20.87 10.82 -18.63
C ASP D 308 -19.58 11.37 -19.24
N ILE D 309 -18.93 12.31 -18.56
CA ILE D 309 -17.58 12.73 -18.96
C ILE D 309 -16.66 12.26 -17.81
N PRO D 310 -16.01 11.11 -18.01
CA PRO D 310 -15.42 10.45 -16.85
C PRO D 310 -14.37 11.33 -16.17
N GLY D 311 -14.56 11.50 -14.85
CA GLY D 311 -13.59 12.26 -14.03
C GLY D 311 -13.95 13.77 -13.92
N MET D 312 -14.97 14.22 -14.66
CA MET D 312 -15.34 15.65 -14.61
C MET D 312 -16.43 15.99 -13.57
N SER D 313 -17.03 15.00 -12.91
CA SER D 313 -18.06 15.28 -11.93
C SER D 313 -17.44 15.21 -10.54
N VAL D 314 -17.82 16.12 -9.67
CA VAL D 314 -17.55 15.95 -8.24
C VAL D 314 -18.64 15.03 -7.67
N VAL D 315 -18.24 14.03 -6.87
CA VAL D 315 -19.21 13.06 -6.43
C VAL D 315 -19.33 13.30 -4.94
N VAL D 316 -20.56 13.57 -4.49
CA VAL D 316 -20.81 13.87 -3.10
C VAL D 316 -21.64 12.74 -2.50
N GLY D 317 -21.50 12.53 -1.19
CA GLY D 317 -22.37 11.57 -0.56
C GLY D 317 -22.51 11.86 0.92
N ARG D 318 -23.17 10.93 1.63
CA ARG D 318 -23.20 10.90 3.09
C ARG D 318 -23.98 12.11 3.68
N LEU D 319 -24.84 12.74 2.87
CA LEU D 319 -25.58 13.94 3.35
C LEU D 319 -26.30 13.59 4.59
N LYS D 320 -26.05 14.34 5.67
CA LYS D 320 -26.70 13.99 6.95
C LYS D 320 -26.88 15.21 7.80
N GLN D 321 -28.03 15.32 8.43
CA GLN D 321 -28.27 16.29 9.51
C GLN D 321 -27.43 15.96 10.73
N VAL D 322 -26.60 16.91 11.16
CA VAL D 322 -25.84 16.75 12.40
C VAL D 322 -26.65 17.48 13.53
N ASN D 323 -27.05 18.73 13.29
CA ASN D 323 -27.97 19.47 14.21
C ASN D 323 -28.78 20.40 13.34
N LYS D 324 -29.69 21.21 13.91
CA LYS D 324 -30.56 21.98 13.03
C LYS D 324 -29.78 22.90 12.11
N ARG D 325 -28.58 23.27 12.53
CA ARG D 325 -27.78 24.22 11.74
C ARG D 325 -26.46 23.69 11.24
N MET D 326 -26.36 22.36 11.08
CA MET D 326 -25.08 21.74 10.72
C MET D 326 -25.40 20.46 9.94
N ILE D 327 -24.76 20.33 8.79
CA ILE D 327 -24.85 19.06 8.00
C ILE D 327 -23.45 18.50 7.74
N ARG D 328 -23.38 17.21 7.43
CA ARG D 328 -22.11 16.56 7.12
C ARG D 328 -22.25 16.06 5.67
N LEU D 329 -21.21 16.25 4.86
CA LEU D 329 -21.20 15.62 3.53
C LEU D 329 -19.76 15.26 3.20
N VAL D 330 -19.58 14.45 2.16
CA VAL D 330 -18.25 14.13 1.68
C VAL D 330 -18.22 14.41 0.19
N SER D 331 -17.05 14.71 -0.37
CA SER D 331 -16.97 14.94 -1.84
C SER D 331 -15.71 14.27 -2.30
N LEU D 332 -15.73 13.86 -3.56
CA LEU D 332 -14.58 13.25 -4.14
C LEU D 332 -14.39 13.89 -5.49
N ILE D 333 -13.17 14.35 -5.76
CA ILE D 333 -12.88 14.98 -7.06
C ILE D 333 -11.75 14.16 -7.73
N HIS D 334 -11.82 13.94 -9.03
CA HIS D 334 -10.63 13.45 -9.74
C HIS D 334 -9.65 14.63 -9.92
N ASN D 335 -8.51 14.53 -9.26
CA ASN D 335 -7.64 15.73 -9.12
C ASN D 335 -6.93 16.19 -10.36
N THR D 336 -6.72 15.31 -11.33
CA THR D 336 -6.03 15.75 -12.56
C THR D 336 -7.02 15.89 -13.72
N VAL D 337 -8.24 15.37 -13.57
CA VAL D 337 -9.30 15.60 -14.59
C VAL D 337 -10.06 16.88 -14.21
N ARG D 338 -11.21 16.77 -13.53
CA ARG D 338 -11.88 18.02 -13.08
C ARG D 338 -10.89 18.98 -12.39
N GLY D 339 -10.03 18.44 -11.54
CA GLY D 339 -9.12 19.25 -10.71
C GLY D 339 -7.99 19.93 -11.47
N ALA D 340 -7.81 19.58 -12.75
CA ALA D 340 -6.75 20.17 -13.57
C ALA D 340 -7.09 20.25 -15.05
N ALA D 341 -6.63 19.26 -15.83
CA ALA D 341 -6.73 19.29 -17.28
C ALA D 341 -8.17 19.39 -17.78
N GLY D 342 -9.06 18.63 -17.15
CA GLY D 342 -10.45 18.54 -17.61
C GLY D 342 -11.13 19.88 -17.44
N GLY D 343 -11.01 20.45 -16.25
CA GLY D 343 -11.49 21.81 -16.02
C GLY D 343 -10.86 22.86 -16.95
N GLY D 344 -9.56 22.67 -17.25
CA GLY D 344 -8.78 23.52 -18.18
C GLY D 344 -9.33 23.47 -19.60
N ILE D 345 -9.61 22.25 -20.08
CA ILE D 345 -10.24 22.06 -21.40
C ILE D 345 -11.66 22.71 -21.41
N LEU D 346 -12.39 22.50 -20.33
CA LEU D 346 -13.74 23.08 -20.20
C LEU D 346 -13.65 24.61 -20.23
N ALA D 347 -12.70 25.16 -19.48
CA ALA D 347 -12.43 26.63 -19.55
C ALA D 347 -12.19 27.10 -21.00
N ALA D 348 -11.33 26.38 -21.71
CA ALA D 348 -11.03 26.67 -23.11
C ALA D 348 -12.32 26.69 -23.93
N GLU D 349 -13.18 25.68 -23.75
CA GLU D 349 -14.43 25.62 -24.54
C GLU D 349 -15.32 26.83 -24.25
N LEU D 350 -15.43 27.19 -22.98
CA LEU D 350 -16.15 28.38 -22.59
C LEU D 350 -15.53 29.62 -23.20
N LEU D 351 -14.20 29.75 -23.12
CA LEU D 351 -13.51 30.90 -23.71
C LEU D 351 -13.66 30.99 -25.22
N VAL D 352 -13.72 29.85 -25.90
CA VAL D 352 -13.98 29.82 -27.35
C VAL D 352 -15.43 30.24 -27.60
N GLU D 353 -16.35 29.63 -26.84
CA GLU D 353 -17.78 29.89 -27.00
C GLU D 353 -18.10 31.36 -26.77
N LYS D 354 -17.46 31.98 -25.78
CA LYS D 354 -17.71 33.42 -25.49
C LYS D 354 -16.86 34.34 -26.38
N GLY D 355 -16.09 33.75 -27.29
CA GLY D 355 -15.39 34.54 -28.31
C GLY D 355 -14.07 35.16 -27.88
N TYR D 356 -13.47 34.67 -26.81
CA TYR D 356 -12.16 35.14 -26.36
C TYR D 356 -11.04 34.42 -27.09
N ILE D 357 -11.34 33.22 -27.58
CA ILE D 357 -10.44 32.46 -28.43
C ILE D 357 -11.12 32.31 -29.78
N GLU D 358 -10.45 32.70 -30.85
CA GLU D 358 -11.00 32.63 -32.22
C GLU D 358 -10.96 31.19 -32.74
N LYS D 359 -11.18 30.97 -34.03
CA LYS D 359 -11.09 29.59 -34.57
C LYS D 359 -10.27 29.47 -35.86
PA NAP E . 19.65 8.09 3.33
O1A NAP E . 19.33 8.83 2.02
O2A NAP E . 18.55 7.58 4.24
O5B NAP E . 20.68 8.97 4.26
C5B NAP E . 21.56 10.03 3.86
C4B NAP E . 22.27 10.47 5.15
O4B NAP E . 23.62 10.87 4.87
C3B NAP E . 21.60 11.69 5.80
O3B NAP E . 21.63 11.51 7.22
C2B NAP E . 22.47 12.90 5.46
O2B NAP E . 22.49 13.83 6.55
C1B NAP E . 23.84 12.26 5.24
N9A NAP E . 24.65 12.88 4.16
C8A NAP E . 24.31 12.98 2.84
N7A NAP E . 25.33 13.57 2.17
C5A NAP E . 26.31 13.82 3.07
C6A NAP E . 27.56 14.39 2.94
N6A NAP E . 27.95 14.83 1.73
N1A NAP E . 28.36 14.52 4.04
C2A NAP E . 27.93 14.10 5.24
N3A NAP E . 26.71 13.53 5.38
C4A NAP E . 25.90 13.40 4.31
O3 NAP E . 20.65 6.86 2.90
PN NAP E . 20.71 5.35 3.58
O1N NAP E . 20.94 5.44 5.10
O2N NAP E . 19.67 4.36 3.00
O5D NAP E . 22.14 4.88 2.94
C5D NAP E . 23.40 5.53 3.17
C4D NAP E . 24.50 4.65 2.56
O4D NAP E . 24.54 3.30 3.10
C3D NAP E . 24.30 4.50 1.05
O3D NAP E . 25.59 4.44 0.45
C2D NAP E . 23.65 3.14 0.88
O2D NAP E . 23.93 2.62 -0.43
C1D NAP E . 24.32 2.34 2.02
N1N NAP E . 23.46 1.19 2.38
C2N NAP E . 22.08 1.24 2.35
C3N NAP E . 21.37 0.19 2.84
C7N NAP E . 20.00 0.28 3.09
O7N NAP E . 19.30 -0.77 3.09
N7N NAP E . 19.55 1.53 3.33
C4N NAP E . 22.02 -1.01 3.12
C5N NAP E . 23.41 -1.12 2.98
C6N NAP E . 24.14 0.01 2.71
P2B NAP E . 21.68 15.25 6.53
O1X NAP E . 20.27 14.86 6.13
O2X NAP E . 21.96 15.78 7.94
O3X NAP E . 22.33 15.96 5.37
O42 UNL F . 20.07 -1.43 -2.43
C3 UNL F . 19.48 -2.02 -1.46
O41 UNL F . 18.22 -1.95 -1.29
C2 UNL F . 20.31 -2.96 -0.64
C1 UNL F . 20.99 -2.17 0.51
O UNL F . 22.46 -2.10 0.47
PA NAP G . -14.95 -13.84 -6.49
O1A NAP G . -14.82 -14.33 -5.06
O2A NAP G . -14.66 -12.44 -6.83
O5B NAP G . -16.48 -14.11 -7.04
C5B NAP G . -17.22 -15.33 -6.93
C4B NAP G . -18.60 -15.14 -7.56
O4B NAP G . -19.26 -16.41 -7.69
C3B NAP G . -19.57 -14.23 -6.79
O3B NAP G . -20.00 -13.21 -7.70
C2B NAP G . -20.78 -15.08 -6.36
O2B NAP G . -22.04 -14.43 -6.64
C1B NAP G . -20.62 -16.36 -7.20
N9A NAP G . -20.83 -17.66 -6.51
C8A NAP G . -20.12 -18.16 -5.47
N7A NAP G . -20.59 -19.39 -5.16
C5A NAP G . -21.58 -19.69 -6.03
C6A NAP G . -22.43 -20.80 -6.19
N6A NAP G . -22.32 -21.88 -5.38
N1A NAP G . -23.37 -20.78 -7.18
C2A NAP G . -23.49 -19.71 -8.00
N3A NAP G . -22.70 -18.62 -7.86
C4A NAP G . -21.74 -18.59 -6.88
O3 NAP G . -14.03 -14.84 -7.42
PN NAP G . -13.19 -14.58 -8.83
O1N NAP G . -14.11 -13.98 -9.92
O2N NAP G . -11.72 -14.10 -8.66
O5D NAP G . -13.03 -16.17 -9.21
C5D NAP G . -14.06 -17.04 -9.70
C4D NAP G . -13.44 -18.33 -10.33
O4D NAP G . -12.63 -18.03 -11.52
C3D NAP G . -12.58 -19.15 -9.33
O3D NAP G . -12.74 -20.59 -9.50
C2D NAP G . -11.17 -18.74 -9.74
O2D NAP G . -10.20 -19.67 -9.27
C1D NAP G . -11.30 -18.54 -11.28
N1N NAP G . -10.26 -17.64 -11.80
C2N NAP G . -9.85 -16.50 -11.10
C3N NAP G . -8.88 -15.69 -11.64
C7N NAP G . -8.49 -14.47 -11.06
O7N NAP G . -7.34 -14.02 -11.37
N7N NAP G . -9.40 -13.92 -10.22
C4N NAP G . -8.27 -16.10 -12.82
C5N NAP G . -8.54 -17.36 -13.39
C6N NAP G . -9.67 -18.02 -13.00
P2B NAP G . -22.96 -13.75 -5.46
O1X NAP G . -24.10 -12.89 -6.05
O2X NAP G . -23.45 -14.99 -4.74
O3X NAP G . -21.92 -13.01 -4.65
O42 UNL H . -4.76 -17.84 -8.52
C3 UNL H . -4.48 -16.82 -9.25
O41 UNL H . -4.24 -15.61 -8.82
C2 UNL H . -4.37 -17.12 -10.72
C1 UNL H . -5.76 -16.85 -11.33
O UNL H . -6.43 -17.98 -11.98
PA NAP I . -9.45 -11.02 16.11
O1A NAP I . -10.31 -11.49 14.95
O2A NAP I . -8.02 -10.59 15.83
O5B NAP I . -9.44 -12.18 17.23
C5B NAP I . -10.51 -13.08 17.52
C4B NAP I . -10.01 -13.85 18.74
O4B NAP I . -11.07 -14.36 19.57
C3B NAP I . -9.18 -15.07 18.34
O3B NAP I . -8.05 -15.20 19.25
C2B NAP I . -10.13 -16.27 18.52
O2B NAP I . -9.46 -17.47 18.91
C1B NAP I . -11.05 -15.80 19.64
N9A NAP I . -12.47 -16.25 19.51
C8A NAP I . -13.29 -16.09 18.42
N7A NAP I . -14.49 -16.61 18.73
C5A NAP I . -14.42 -17.10 19.98
C6A NAP I . -15.31 -17.76 20.83
N6A NAP I . -16.57 -18.02 20.46
N1A NAP I . -14.90 -18.13 22.06
C2A NAP I . -13.66 -17.90 22.51
N3A NAP I . -12.76 -17.28 21.72
C4A NAP I . -13.13 -16.87 20.46
O3 NAP I . -10.23 -9.78 16.90
PN NAP I . -9.54 -8.48 17.70
O1N NAP I . -8.56 -9.03 18.75
O2N NAP I . -9.25 -7.26 16.78
O5D NAP I . -10.81 -8.02 18.63
C5D NAP I . -11.26 -8.76 19.78
C4D NAP I . -12.36 -7.94 20.51
O4D NAP I . -11.76 -6.74 21.02
C3D NAP I . -13.55 -7.48 19.63
O3D NAP I . -14.72 -7.42 20.43
C2D NAP I . -13.18 -6.05 19.22
O2D NAP I . -14.31 -5.26 18.86
C1D NAP I . -12.43 -5.58 20.48
N1N NAP I . -11.48 -4.48 20.20
C2N NAP I . -10.62 -4.51 19.09
C3N NAP I . -9.73 -3.48 18.94
C7N NAP I . -8.80 -3.45 17.88
O7N NAP I . -8.26 -2.35 17.57
N7N NAP I . -8.63 -4.63 17.23
C4N NAP I . -9.71 -2.44 19.86
C5N NAP I . -10.66 -2.35 20.90
C6N NAP I . -11.48 -3.44 21.13
P2B NAP I . -9.27 -18.78 17.94
O1X NAP I . -8.53 -19.79 18.81
O2X NAP I . -10.67 -19.22 17.55
O3X NAP I . -8.57 -18.17 16.75
O42 UNL J . -13.28 -0.43 15.26
C3 UNL J . -12.06 -0.24 15.41
O41 UNL J . -11.25 0.09 14.45
C2 UNL J . -11.57 -0.42 16.81
C1 UNL J . -12.41 -1.30 17.76
O UNL J . -12.30 -0.80 19.13
PA NAP K . 4.81 16.74 -12.63
O1A NAP K . 6.07 16.78 -11.77
O2A NAP K . 4.15 15.42 -12.93
O5B NAP K . 5.16 17.40 -14.08
C5B NAP K . 6.08 18.47 -14.29
C4B NAP K . 6.10 18.69 -15.81
O4B NAP K . 6.53 20.02 -16.08
C3B NAP K . 7.05 17.75 -16.55
O3B NAP K . 6.43 17.32 -17.78
C2B NAP K . 8.24 18.59 -16.97
O2B NAP K . 8.68 18.18 -18.28
C1B NAP K . 7.65 19.99 -16.99
N9A NAP K . 8.56 21.05 -16.51
C8A NAP K . 9.14 21.12 -15.30
N7A NAP K . 9.86 22.28 -15.25
C5A NAP K . 9.70 22.92 -16.42
C6A NAP K . 10.17 24.14 -16.95
N6A NAP K . 10.99 24.92 -16.21
N1A NAP K . 9.80 24.52 -18.19
C2A NAP K . 8.98 23.76 -18.93
N3A NAP K . 8.51 22.58 -18.45
C4A NAP K . 8.86 22.15 -17.21
O3 NAP K . 3.73 17.80 -12.03
PN NAP K . 2.07 17.76 -12.17
O1N NAP K . 1.64 17.43 -13.59
O2N NAP K . 1.35 17.10 -10.96
O5D NAP K . 1.77 19.36 -11.91
C5D NAP K . 2.03 20.40 -12.84
C4D NAP K . 1.31 21.69 -12.40
O4D NAP K . -0.11 21.48 -12.40
C3D NAP K . 1.70 22.21 -11.00
O3D NAP K . 1.78 23.64 -11.00
C2D NAP K . 0.54 21.78 -10.11
O2D NAP K . 0.36 22.66 -9.00
C1D NAP K . -0.64 21.83 -11.11
N1N NAP K . -1.71 20.93 -10.70
C2N NAP K . -1.51 19.57 -10.44
C3N NAP K . -2.57 18.79 -10.10
C7N NAP K . -2.44 17.42 -9.71
O7N NAP K . -3.39 16.89 -9.06
N7N NAP K . -1.31 16.77 -10.08
C4N NAP K . -3.84 19.34 -10.11
C5N NAP K . -4.04 20.72 -10.33
C6N NAP K . -2.95 21.52 -10.57
P2B NAP K . 10.18 17.67 -18.63
O1X NAP K . 10.11 16.99 -20.00
O2X NAP K . 11.00 18.93 -18.64
O3X NAP K . 10.52 16.81 -17.44
O42 UNL L . -2.25 19.75 -4.39
C3 UNL L . -3.07 18.90 -4.85
O41 UNL L . -2.92 17.64 -4.74
C2 UNL L . -4.36 19.41 -5.44
C1 UNL L . -4.06 19.57 -6.93
O UNL L . -4.12 20.94 -7.41
#